data_4W51
# 
_entry.id   4W51 
# 
_audit_conform.dict_name       mmcif_pdbx.dic 
_audit_conform.dict_version    5.379 
_audit_conform.dict_location   http://mmcif.pdb.org/dictionaries/ascii/mmcif_pdbx.dic 
# 
loop_
_database_2.database_id 
_database_2.database_code 
_database_2.pdbx_database_accession 
_database_2.pdbx_DOI 
PDB   4W51         pdb_00004w51 10.2210/pdb4w51/pdb 
WWPDB D_1000203186 ?            ?                   
# 
_pdbx_database_status.status_code                     REL 
_pdbx_database_status.status_code_sf                  REL 
_pdbx_database_status.status_code_mr                  ? 
_pdbx_database_status.entry_id                        4W51 
_pdbx_database_status.recvd_initial_deposition_date   2014-08-16 
_pdbx_database_status.SG_entry                        N 
_pdbx_database_status.deposit_site                    RCSB 
_pdbx_database_status.process_site                    RCSB 
_pdbx_database_status.status_code_cs                  ? 
_pdbx_database_status.methods_development_category    ? 
_pdbx_database_status.pdb_format_compatible           Y 
_pdbx_database_status.status_code_nmr_data            ? 
# 
loop_
_audit_author.name 
_audit_author.pdbx_ordinal 
'Merski, M.'     1 
'Shoichet, B.K.' 2 
'Eidam, O.'      3 
'Fischer, M.'    4 
# 
_citation.abstract                  ? 
_citation.abstract_id_CAS           ? 
_citation.book_id_ISBN              ? 
_citation.book_publisher            ? 
_citation.book_publisher_city       ? 
_citation.book_title                ? 
_citation.coordinate_linkage        ? 
_citation.country                   US 
_citation.database_id_Medline       ? 
_citation.details                   ? 
_citation.id                        primary 
_citation.journal_abbrev            Proc.Natl.Acad.Sci.USA 
_citation.journal_id_ASTM           PNASA6 
_citation.journal_id_CSD            0040 
_citation.journal_id_ISSN           1091-6490 
_citation.journal_full              ? 
_citation.journal_issue             ? 
_citation.journal_volume            112 
_citation.language                  ? 
_citation.page_first                5039 
_citation.page_last                 5044 
_citation.title                     'Homologous ligands accommodated by discrete conformations of a buried cavity.' 
_citation.year                      2015 
_citation.database_id_CSD           ? 
_citation.pdbx_database_id_DOI      10.1073/pnas.1500806112 
_citation.pdbx_database_id_PubMed   25847998 
_citation.unpublished_flag          ? 
# 
loop_
_citation_author.citation_id 
_citation_author.name 
_citation_author.ordinal 
_citation_author.identifier_ORCID 
primary 'Merski, M.'     1 ? 
primary 'Fischer, M.'    2 ? 
primary 'Balius, T.E.'   3 ? 
primary 'Eidam, O.'      4 ? 
primary 'Shoichet, B.K.' 5 ? 
# 
_cell.length_a           60.310 
_cell.length_b           60.310 
_cell.length_c           96.430 
_cell.angle_alpha        90.000 
_cell.angle_beta         90.000 
_cell.angle_gamma        120.000 
_cell.entry_id           4W51 
_cell.Z_PDB              6 
_cell.pdbx_unique_axis   ? 
# 
_symmetry.entry_id                         4W51 
_symmetry.cell_setting                     ? 
_symmetry.Int_Tables_number                154 
_symmetry.space_group_name_Hall            ? 
_symmetry.space_group_name_H-M             'P 32 2 1' 
_symmetry.pdbx_full_space_group_name_H-M   ? 
# 
loop_
_entity.id 
_entity.type 
_entity.src_method 
_entity.pdbx_description 
_entity.formula_weight 
_entity.pdbx_number_of_molecules 
_entity.pdbx_ec 
_entity.pdbx_mutation 
_entity.pdbx_fragment 
_entity.details 
1 polymer     man Endolysin                                             19691.541 1   3.2.1.17 L99A ? ? 
2 non-polymer syn '4-(2-HYDROXYETHYL)-1-PIPERAZINE ETHANESULFONIC ACID' 238.305   1   ?        ?    ? ? 
3 water       nat water                                                 18.015    158 ?        ?    ? ? 
# 
_entity_name_com.entity_id   1 
_entity_name_com.name        'Lysis protein,Lysozyme,Muramidase' 
# 
_entity_poly.entity_id                      1 
_entity_poly.type                           'polypeptide(L)' 
_entity_poly.nstd_linkage                   no 
_entity_poly.nstd_monomer                   no 
_entity_poly.pdbx_seq_one_letter_code       
;MNIFEMLRIDEGLRLKIYKDTEGYYTIGIGHLLTKSPSLNAAKSELDKAIGRNCNGVITKDEAEKLFNQDVDAAVRGILR
NAKLKPVYDSLDAVRRCAAINMVFQMGETGVAGFTNSLRMLQQKRWDEAAVNLAKSRWYNQTPNRAKRVITTFRTGTWDA
YKNLLEHHHHHH
;
_entity_poly.pdbx_seq_one_letter_code_can   
;MNIFEMLRIDEGLRLKIYKDTEGYYTIGIGHLLTKSPSLNAAKSELDKAIGRNCNGVITKDEAEKLFNQDVDAAVRGILR
NAKLKPVYDSLDAVRRCAAINMVFQMGETGVAGFTNSLRMLQQKRWDEAAVNLAKSRWYNQTPNRAKRVITTFRTGTWDA
YKNLLEHHHHHH
;
_entity_poly.pdbx_strand_id                 A 
_entity_poly.pdbx_target_identifier         ? 
# 
loop_
_entity_poly_seq.entity_id 
_entity_poly_seq.num 
_entity_poly_seq.mon_id 
_entity_poly_seq.hetero 
1 1   MET n 
1 2   ASN n 
1 3   ILE n 
1 4   PHE n 
1 5   GLU n 
1 6   MET n 
1 7   LEU n 
1 8   ARG n 
1 9   ILE n 
1 10  ASP n 
1 11  GLU n 
1 12  GLY n 
1 13  LEU n 
1 14  ARG n 
1 15  LEU n 
1 16  LYS n 
1 17  ILE n 
1 18  TYR n 
1 19  LYS n 
1 20  ASP n 
1 21  THR n 
1 22  GLU n 
1 23  GLY n 
1 24  TYR n 
1 25  TYR n 
1 26  THR n 
1 27  ILE n 
1 28  GLY n 
1 29  ILE n 
1 30  GLY n 
1 31  HIS n 
1 32  LEU n 
1 33  LEU n 
1 34  THR n 
1 35  LYS n 
1 36  SER n 
1 37  PRO n 
1 38  SER n 
1 39  LEU n 
1 40  ASN n 
1 41  ALA n 
1 42  ALA n 
1 43  LYS n 
1 44  SER n 
1 45  GLU n 
1 46  LEU n 
1 47  ASP n 
1 48  LYS n 
1 49  ALA n 
1 50  ILE n 
1 51  GLY n 
1 52  ARG n 
1 53  ASN n 
1 54  CYS n 
1 55  ASN n 
1 56  GLY n 
1 57  VAL n 
1 58  ILE n 
1 59  THR n 
1 60  LYS n 
1 61  ASP n 
1 62  GLU n 
1 63  ALA n 
1 64  GLU n 
1 65  LYS n 
1 66  LEU n 
1 67  PHE n 
1 68  ASN n 
1 69  GLN n 
1 70  ASP n 
1 71  VAL n 
1 72  ASP n 
1 73  ALA n 
1 74  ALA n 
1 75  VAL n 
1 76  ARG n 
1 77  GLY n 
1 78  ILE n 
1 79  LEU n 
1 80  ARG n 
1 81  ASN n 
1 82  ALA n 
1 83  LYS n 
1 84  LEU n 
1 85  LYS n 
1 86  PRO n 
1 87  VAL n 
1 88  TYR n 
1 89  ASP n 
1 90  SER n 
1 91  LEU n 
1 92  ASP n 
1 93  ALA n 
1 94  VAL n 
1 95  ARG n 
1 96  ARG n 
1 97  CYS n 
1 98  ALA n 
1 99  ALA n 
1 100 ILE n 
1 101 ASN n 
1 102 MET n 
1 103 VAL n 
1 104 PHE n 
1 105 GLN n 
1 106 MET n 
1 107 GLY n 
1 108 GLU n 
1 109 THR n 
1 110 GLY n 
1 111 VAL n 
1 112 ALA n 
1 113 GLY n 
1 114 PHE n 
1 115 THR n 
1 116 ASN n 
1 117 SER n 
1 118 LEU n 
1 119 ARG n 
1 120 MET n 
1 121 LEU n 
1 122 GLN n 
1 123 GLN n 
1 124 LYS n 
1 125 ARG n 
1 126 TRP n 
1 127 ASP n 
1 128 GLU n 
1 129 ALA n 
1 130 ALA n 
1 131 VAL n 
1 132 ASN n 
1 133 LEU n 
1 134 ALA n 
1 135 LYS n 
1 136 SER n 
1 137 ARG n 
1 138 TRP n 
1 139 TYR n 
1 140 ASN n 
1 141 GLN n 
1 142 THR n 
1 143 PRO n 
1 144 ASN n 
1 145 ARG n 
1 146 ALA n 
1 147 LYS n 
1 148 ARG n 
1 149 VAL n 
1 150 ILE n 
1 151 THR n 
1 152 THR n 
1 153 PHE n 
1 154 ARG n 
1 155 THR n 
1 156 GLY n 
1 157 THR n 
1 158 TRP n 
1 159 ASP n 
1 160 ALA n 
1 161 TYR n 
1 162 LYS n 
1 163 ASN n 
1 164 LEU n 
1 165 LEU n 
1 166 GLU n 
1 167 HIS n 
1 168 HIS n 
1 169 HIS n 
1 170 HIS n 
1 171 HIS n 
1 172 HIS n 
# 
_entity_src_gen.entity_id                          1 
_entity_src_gen.pdbx_src_id                        1 
_entity_src_gen.pdbx_alt_source_flag               sample 
_entity_src_gen.pdbx_seq_type                      'Biological sequence' 
_entity_src_gen.pdbx_beg_seq_num                   1 
_entity_src_gen.pdbx_end_seq_num                   172 
_entity_src_gen.gene_src_common_name               ? 
_entity_src_gen.gene_src_genus                     ? 
_entity_src_gen.pdbx_gene_src_gene                 ? 
_entity_src_gen.gene_src_species                   ? 
_entity_src_gen.gene_src_strain                    ? 
_entity_src_gen.gene_src_tissue                    ? 
_entity_src_gen.gene_src_tissue_fraction           ? 
_entity_src_gen.gene_src_details                   ? 
_entity_src_gen.pdbx_gene_src_fragment             ? 
_entity_src_gen.pdbx_gene_src_scientific_name      'Enterobacteria phage T4' 
_entity_src_gen.pdbx_gene_src_ncbi_taxonomy_id     10665 
_entity_src_gen.pdbx_gene_src_variant              ? 
_entity_src_gen.pdbx_gene_src_cell_line            ? 
_entity_src_gen.pdbx_gene_src_atcc                 ? 
_entity_src_gen.pdbx_gene_src_organ                ? 
_entity_src_gen.pdbx_gene_src_organelle            ? 
_entity_src_gen.pdbx_gene_src_cell                 ? 
_entity_src_gen.pdbx_gene_src_cellular_location    ? 
_entity_src_gen.host_org_common_name               ? 
_entity_src_gen.pdbx_host_org_scientific_name      'Escherichia coli' 
_entity_src_gen.pdbx_host_org_ncbi_taxonomy_id     469008 
_entity_src_gen.host_org_genus                     ? 
_entity_src_gen.pdbx_host_org_gene                 ? 
_entity_src_gen.pdbx_host_org_organ                ? 
_entity_src_gen.host_org_species                   ? 
_entity_src_gen.pdbx_host_org_tissue               ? 
_entity_src_gen.pdbx_host_org_tissue_fraction      ? 
_entity_src_gen.pdbx_host_org_strain               'BL21(DE3)' 
_entity_src_gen.pdbx_host_org_variant              ? 
_entity_src_gen.pdbx_host_org_cell_line            ? 
_entity_src_gen.pdbx_host_org_atcc                 ? 
_entity_src_gen.pdbx_host_org_culture_collection   ? 
_entity_src_gen.pdbx_host_org_cell                 ? 
_entity_src_gen.pdbx_host_org_organelle            ? 
_entity_src_gen.pdbx_host_org_cellular_location    ? 
_entity_src_gen.pdbx_host_org_vector_type          plasmid 
_entity_src_gen.pdbx_host_org_vector               ? 
_entity_src_gen.host_org_details                   ? 
_entity_src_gen.expression_system_id               ? 
_entity_src_gen.plasmid_name                       pET29 
_entity_src_gen.plasmid_details                    ? 
_entity_src_gen.pdbx_description                   ? 
# 
_struct_ref.id                         1 
_struct_ref.db_name                    UNP 
_struct_ref.db_code                    ENLYS_BPT4 
_struct_ref.pdbx_db_accession          P00720 
_struct_ref.pdbx_db_isoform            ? 
_struct_ref.entity_id                  1 
_struct_ref.pdbx_seq_one_letter_code   
;MNIFEMLRIDERLRLKIYKDTEGYYTIGIGHLLTKSPSLNAAKSELDKAIGRNCNGVITKDEAEKLFNQDVDAAVRGILR
NAKLKPVYDSLDAVRRCALINMVFQMGETGVAGFTNSLRMLQQKRWDEAAVNLAKSIWYNQTPNRAKRVITTFRTGTWDA
YKNL
;
_struct_ref.pdbx_align_begin           1 
# 
_struct_ref_seq.align_id                      1 
_struct_ref_seq.ref_id                        1 
_struct_ref_seq.pdbx_PDB_id_code              4W51 
_struct_ref_seq.pdbx_strand_id                A 
_struct_ref_seq.seq_align_beg                 1 
_struct_ref_seq.pdbx_seq_align_beg_ins_code   ? 
_struct_ref_seq.seq_align_end                 164 
_struct_ref_seq.pdbx_seq_align_end_ins_code   ? 
_struct_ref_seq.pdbx_db_accession             P00720 
_struct_ref_seq.db_align_beg                  1 
_struct_ref_seq.pdbx_db_align_beg_ins_code    ? 
_struct_ref_seq.db_align_end                  164 
_struct_ref_seq.pdbx_db_align_end_ins_code    ? 
_struct_ref_seq.pdbx_auth_seq_align_beg       1 
_struct_ref_seq.pdbx_auth_seq_align_end       164 
# 
loop_
_struct_ref_seq_dif.align_id 
_struct_ref_seq_dif.pdbx_pdb_id_code 
_struct_ref_seq_dif.mon_id 
_struct_ref_seq_dif.pdbx_pdb_strand_id 
_struct_ref_seq_dif.seq_num 
_struct_ref_seq_dif.pdbx_pdb_ins_code 
_struct_ref_seq_dif.pdbx_seq_db_name 
_struct_ref_seq_dif.pdbx_seq_db_accession_code 
_struct_ref_seq_dif.db_mon_id 
_struct_ref_seq_dif.pdbx_seq_db_seq_num 
_struct_ref_seq_dif.details 
_struct_ref_seq_dif.pdbx_auth_seq_num 
_struct_ref_seq_dif.pdbx_ordinal 
1 4W51 GLY A 12  ? UNP P00720 ARG 12  variant               12  1  
1 4W51 ALA A 99  ? UNP P00720 LEU 99  'engineered mutation' 99  2  
1 4W51 ARG A 137 ? UNP P00720 ILE 137 variant               137 3  
1 4W51 LEU A 165 ? UNP P00720 ?   ?   'expression tag'      165 4  
1 4W51 GLU A 166 ? UNP P00720 ?   ?   'expression tag'      166 5  
1 4W51 HIS A 167 ? UNP P00720 ?   ?   'expression tag'      167 6  
1 4W51 HIS A 168 ? UNP P00720 ?   ?   'expression tag'      168 7  
1 4W51 HIS A 169 ? UNP P00720 ?   ?   'expression tag'      169 8  
1 4W51 HIS A 170 ? UNP P00720 ?   ?   'expression tag'      170 9  
1 4W51 HIS A 171 ? UNP P00720 ?   ?   'expression tag'      171 10 
1 4W51 HIS A 172 ? UNP P00720 ?   ?   'expression tag'      172 11 
# 
loop_
_chem_comp.id 
_chem_comp.type 
_chem_comp.mon_nstd_flag 
_chem_comp.name 
_chem_comp.pdbx_synonyms 
_chem_comp.formula 
_chem_comp.formula_weight 
ALA 'L-peptide linking' y ALANINE                                               ?     'C3 H7 N O2'     89.093  
ARG 'L-peptide linking' y ARGININE                                              ?     'C6 H15 N4 O2 1' 175.209 
ASN 'L-peptide linking' y ASPARAGINE                                            ?     'C4 H8 N2 O3'    132.118 
ASP 'L-peptide linking' y 'ASPARTIC ACID'                                       ?     'C4 H7 N O4'     133.103 
CYS 'L-peptide linking' y CYSTEINE                                              ?     'C3 H7 N O2 S'   121.158 
EPE non-polymer         . '4-(2-HYDROXYETHYL)-1-PIPERAZINE ETHANESULFONIC ACID' HEPES 'C8 H18 N2 O4 S' 238.305 
GLN 'L-peptide linking' y GLUTAMINE                                             ?     'C5 H10 N2 O3'   146.144 
GLU 'L-peptide linking' y 'GLUTAMIC ACID'                                       ?     'C5 H9 N O4'     147.129 
GLY 'peptide linking'   y GLYCINE                                               ?     'C2 H5 N O2'     75.067  
HIS 'L-peptide linking' y HISTIDINE                                             ?     'C6 H10 N3 O2 1' 156.162 
HOH non-polymer         . WATER                                                 ?     'H2 O'           18.015  
ILE 'L-peptide linking' y ISOLEUCINE                                            ?     'C6 H13 N O2'    131.173 
LEU 'L-peptide linking' y LEUCINE                                               ?     'C6 H13 N O2'    131.173 
LYS 'L-peptide linking' y LYSINE                                                ?     'C6 H15 N2 O2 1' 147.195 
MET 'L-peptide linking' y METHIONINE                                            ?     'C5 H11 N O2 S'  149.211 
PHE 'L-peptide linking' y PHENYLALANINE                                         ?     'C9 H11 N O2'    165.189 
PRO 'L-peptide linking' y PROLINE                                               ?     'C5 H9 N O2'     115.130 
SER 'L-peptide linking' y SERINE                                                ?     'C3 H7 N O3'     105.093 
THR 'L-peptide linking' y THREONINE                                             ?     'C4 H9 N O3'     119.119 
TRP 'L-peptide linking' y TRYPTOPHAN                                            ?     'C11 H12 N2 O2'  204.225 
TYR 'L-peptide linking' y TYROSINE                                              ?     'C9 H11 N O3'    181.189 
VAL 'L-peptide linking' y VALINE                                                ?     'C5 H11 N O2'    117.146 
# 
_exptl.absorpt_coefficient_mu     ? 
_exptl.absorpt_correction_T_max   ? 
_exptl.absorpt_correction_T_min   ? 
_exptl.absorpt_correction_type    ? 
_exptl.absorpt_process_details    ? 
_exptl.entry_id                   4W51 
_exptl.crystals_number            1 
_exptl.details                    ? 
_exptl.method                     'X-RAY DIFFRACTION' 
_exptl.method_details             ? 
# 
_exptl_crystal.colour                      ? 
_exptl_crystal.density_diffrn              ? 
_exptl_crystal.density_Matthews            2.57 
_exptl_crystal.density_method              ? 
_exptl_crystal.density_percent_sol         52.16 
_exptl_crystal.description                 ? 
_exptl_crystal.F_000                       ? 
_exptl_crystal.id                          1 
_exptl_crystal.preparation                 ? 
_exptl_crystal.size_max                    ? 
_exptl_crystal.size_mid                    ? 
_exptl_crystal.size_min                    ? 
_exptl_crystal.size_rad                    ? 
_exptl_crystal.colour_lustre               ? 
_exptl_crystal.colour_modifier             ? 
_exptl_crystal.colour_primary              ? 
_exptl_crystal.density_meas                ? 
_exptl_crystal.density_meas_esd            ? 
_exptl_crystal.density_meas_gt             ? 
_exptl_crystal.density_meas_lt             ? 
_exptl_crystal.density_meas_temp           ? 
_exptl_crystal.density_meas_temp_esd       ? 
_exptl_crystal.density_meas_temp_gt        ? 
_exptl_crystal.density_meas_temp_lt        ? 
_exptl_crystal.pdbx_crystal_image_url      ? 
_exptl_crystal.pdbx_crystal_image_format   ? 
_exptl_crystal.pdbx_mosaicity              ? 
_exptl_crystal.pdbx_mosaicity_esd          ? 
# 
_exptl_crystal_grow.apparatus       ? 
_exptl_crystal_grow.atmosphere      ? 
_exptl_crystal_grow.crystal_id      1 
_exptl_crystal_grow.details         ? 
_exptl_crystal_grow.method          'VAPOR DIFFUSION, HANGING DROP' 
_exptl_crystal_grow.method_ref      ? 
_exptl_crystal_grow.pH              7.5 
_exptl_crystal_grow.pressure        ? 
_exptl_crystal_grow.pressure_esd    ? 
_exptl_crystal_grow.seeding         ? 
_exptl_crystal_grow.seeding_ref     ? 
_exptl_crystal_grow.temp            277 
_exptl_crystal_grow.temp_details    ? 
_exptl_crystal_grow.temp_esd        ? 
_exptl_crystal_grow.time            ? 
_exptl_crystal_grow.pdbx_details    
'20% (w/v) PEGF-4000, 10% 2-propanol, 0.1 M HEPES, 50 mM 2-mercaptoethanol, 50 mM 2-hydroxyethyl disulfide' 
_exptl_crystal_grow.pdbx_pH_range   ? 
# 
_diffrn.ambient_environment    ? 
_diffrn.ambient_temp           100 
_diffrn.ambient_temp_details   ? 
_diffrn.ambient_temp_esd       ? 
_diffrn.crystal_id             1 
_diffrn.crystal_support        ? 
_diffrn.crystal_treatment      ? 
_diffrn.details                ? 
_diffrn.id                     1 
_diffrn.ambient_pressure       ? 
_diffrn.ambient_pressure_esd   ? 
_diffrn.ambient_pressure_gt    ? 
_diffrn.ambient_pressure_lt    ? 
_diffrn.ambient_temp_gt        ? 
_diffrn.ambient_temp_lt        ? 
# 
_diffrn_detector.details                      ? 
_diffrn_detector.detector                     CCD 
_diffrn_detector.diffrn_id                    1 
_diffrn_detector.type                         'ADSC QUANTUM 315r' 
_diffrn_detector.area_resol_mean              ? 
_diffrn_detector.dtime                        ? 
_diffrn_detector.pdbx_frames_total            ? 
_diffrn_detector.pdbx_collection_time_total   ? 
_diffrn_detector.pdbx_collection_date         2009-05-29 
# 
_diffrn_radiation.collimation                      ? 
_diffrn_radiation.diffrn_id                        1 
_diffrn_radiation.filter_edge                      ? 
_diffrn_radiation.inhomogeneity                    ? 
_diffrn_radiation.monochromator                    'two flat Si(111) crystals, mounted in a model DCM from Khozu' 
_diffrn_radiation.polarisn_norm                    ? 
_diffrn_radiation.polarisn_ratio                   ? 
_diffrn_radiation.probe                            ? 
_diffrn_radiation.type                             ? 
_diffrn_radiation.xray_symbol                      ? 
_diffrn_radiation.wavelength_id                    1 
_diffrn_radiation.pdbx_monochromatic_or_laue_m_l   M 
_diffrn_radiation.pdbx_wavelength_list             ? 
_diffrn_radiation.pdbx_wavelength                  ? 
_diffrn_radiation.pdbx_diffrn_protocol             'SINGLE WAVELENGTH' 
_diffrn_radiation.pdbx_analyzer                    ? 
_diffrn_radiation.pdbx_scattering_type             x-ray 
# 
_diffrn_radiation_wavelength.id           1 
_diffrn_radiation_wavelength.wavelength   1.116 
_diffrn_radiation_wavelength.wt           1.0 
# 
_diffrn_source.current                     ? 
_diffrn_source.details                     ? 
_diffrn_source.diffrn_id                   1 
_diffrn_source.power                       ? 
_diffrn_source.size                        ? 
_diffrn_source.source                      SYNCHROTRON 
_diffrn_source.target                      ? 
_diffrn_source.type                        'ALS BEAMLINE 8.3.1' 
_diffrn_source.voltage                     ? 
_diffrn_source.take-off_angle              ? 
_diffrn_source.pdbx_wavelength_list        1.116 
_diffrn_source.pdbx_wavelength             ? 
_diffrn_source.pdbx_synchrotron_beamline   8.3.1 
_diffrn_source.pdbx_synchrotron_site       ALS 
# 
_reflns.B_iso_Wilson_estimate            12.920 
_reflns.entry_id                         4W51 
_reflns.data_reduction_details           ? 
_reflns.data_reduction_method            ? 
_reflns.d_resolution_high                1.45 
_reflns.d_resolution_low                 50 
_reflns.details                          ? 
_reflns.limit_h_max                      ? 
_reflns.limit_h_min                      ? 
_reflns.limit_k_max                      ? 
_reflns.limit_k_min                      ? 
_reflns.limit_l_max                      ? 
_reflns.limit_l_min                      ? 
_reflns.number_all                       ? 
_reflns.number_obs                       40287 
_reflns.observed_criterion               ? 
_reflns.observed_criterion_F_max         ? 
_reflns.observed_criterion_F_min         ? 
_reflns.observed_criterion_I_max         ? 
_reflns.observed_criterion_I_min         ? 
_reflns.observed_criterion_sigma_F       ? 
_reflns.observed_criterion_sigma_I       -3.000 
_reflns.percent_possible_obs             99.400 
_reflns.R_free_details                   ? 
_reflns.Rmerge_F_all                     ? 
_reflns.Rmerge_F_obs                     0.063 
_reflns.Friedel_coverage                 ? 
_reflns.number_gt                        ? 
_reflns.threshold_expression             ? 
_reflns.pdbx_redundancy                  8.6 
_reflns.pdbx_Rmerge_I_obs                0.060 
_reflns.pdbx_Rmerge_I_all                ? 
_reflns.pdbx_Rsym_value                  ? 
_reflns.pdbx_netI_over_av_sigmaI         ? 
_reflns.pdbx_netI_over_sigmaI            22.970 
_reflns.pdbx_res_netI_over_av_sigmaI_2   ? 
_reflns.pdbx_res_netI_over_sigmaI_2      ? 
_reflns.pdbx_chi_squared                 1.012 
_reflns.pdbx_scaling_rejects             ? 
_reflns.pdbx_d_res_high_opt              ? 
_reflns.pdbx_d_res_low_opt               ? 
_reflns.pdbx_d_res_opt_method            ? 
_reflns.phase_calculation_details        ? 
_reflns.pdbx_Rrim_I_all                  0.064 
_reflns.pdbx_Rpim_I_all                  ? 
_reflns.pdbx_d_opt                       ? 
_reflns.pdbx_number_measured_all         313090 
_reflns.pdbx_diffrn_id                   1 
_reflns.pdbx_ordinal                     1 
_reflns.pdbx_CC_half                     ? 
_reflns.pdbx_R_split                     ? 
# 
loop_
_reflns_shell.d_res_high 
_reflns_shell.d_res_low 
_reflns_shell.meanI_over_sigI_all 
_reflns_shell.meanI_over_sigI_obs 
_reflns_shell.number_measured_all 
_reflns_shell.number_measured_obs 
_reflns_shell.number_possible 
_reflns_shell.number_unique_all 
_reflns_shell.number_unique_obs 
_reflns_shell.percent_possible_all 
_reflns_shell.percent_possible_obs 
_reflns_shell.Rmerge_F_all 
_reflns_shell.Rmerge_F_obs 
_reflns_shell.Rmerge_I_all 
_reflns_shell.Rmerge_I_obs 
_reflns_shell.meanI_over_sigI_gt 
_reflns_shell.meanI_over_uI_all 
_reflns_shell.meanI_over_uI_gt 
_reflns_shell.number_measured_gt 
_reflns_shell.number_unique_gt 
_reflns_shell.percent_possible_gt 
_reflns_shell.Rmerge_F_gt 
_reflns_shell.Rmerge_I_gt 
_reflns_shell.pdbx_redundancy 
_reflns_shell.pdbx_Rsym_value 
_reflns_shell.pdbx_chi_squared 
_reflns_shell.pdbx_netI_over_sigmaI_all 
_reflns_shell.pdbx_netI_over_sigmaI_obs 
_reflns_shell.pdbx_Rrim_I_all 
_reflns_shell.pdbx_Rpim_I_all 
_reflns_shell.pdbx_rejects 
_reflns_shell.pdbx_ordinal 
_reflns_shell.pdbx_diffrn_id 
_reflns_shell.pdbx_CC_half 
_reflns_shell.pdbx_R_split 
1.450 1.550 ? 5.890  ? 56598 6538 ? 6535 100.000 ? ? 0.297 ? 0.493 ? ? ? ? ? ? ? ? ? ? ? ? ? 0.524 ? 0 1 1 ? ? 
1.550 1.660 ? 9.230  ? 48714 5520 ? 5520 100.000 ? ? 0.171 ? 0.282 ? ? ? ? ? ? ? ? ? ? ? ? ? 0.300 ? 0 2 1 ? ? 
1.660 1.780 ? 13.020 ? 40163 4563 ? 4563 100.000 ? ? 0.122 ? 0.193 ? ? ? ? ? ? ? ? ? ? ? ? ? 0.205 ? 0 3 1 ? ? 
1.780 1.930 ? 18.130 ? 36999 4237 ? 4235 100.000 ? ? 0.075 ? 0.121 ? ? ? ? ? ? ? ? ? ? ? ? ? 0.128 ? 0 4 1 ? ? 
1.930 2.110 ? 26.300 ? 31432 3637 ? 3636 100.000 ? ? 0.046 ? 0.075 ? ? ? ? ? ? ? ? ? ? ? ? ? 0.080 ? 0 5 1 ? ? 
2.110 2.420 ? 35.880 ? 34591 4028 ? 4028 100.000 ? ? 0.031 ? 0.051 ? ? ? ? ? ? ? ? ? ? ? ? ? 0.055 ? 0 6 1 ? ? 
2.420 2.970 ? 42.590 ? 30611 3651 ? 3648 99.900  ? ? 0.022 ? 0.040 ? ? ? ? ? ? ? ? ? ? ? ? ? 0.043 ? 0 7 1 ? ? 
2.970 4.190 ? 50.840 ? 23149 2824 ? 2787 98.700  ? ? 0.016 ? 0.033 ? ? ? ? ? ? ? ? ? ? ? ? ? 0.036 ? 0 8 1 ? ? 
4.190 ?     ? 50.210 ? 10833 1661 ? 1472 88.600  ? ? 0.016 ? 0.033 ? ? ? ? ? ? ? ? ? ? ? ? ? 0.036 ? 0 9 1 ? ? 
# 
_refine.aniso_B[1][1]                            1.1663 
_refine.aniso_B[1][2]                            -0.0000 
_refine.aniso_B[1][3]                            -0.0000 
_refine.aniso_B[2][2]                            1.1663 
_refine.aniso_B[2][3]                            0.0000 
_refine.aniso_B[3][3]                            -2.3325 
_refine.B_iso_max                                63.720 
_refine.B_iso_mean                               16.7709 
_refine.B_iso_min                                8.000 
_refine.correlation_coeff_Fo_to_Fc               ? 
_refine.correlation_coeff_Fo_to_Fc_free          ? 
_refine.details                                  ? 
_refine.diff_density_max                         ? 
_refine.diff_density_max_esd                     ? 
_refine.diff_density_min                         ? 
_refine.diff_density_min_esd                     ? 
_refine.diff_density_rms                         ? 
_refine.diff_density_rms_esd                     ? 
_refine.entry_id                                 4W51 
_refine.pdbx_refine_id                           'X-RAY DIFFRACTION' 
_refine.ls_abs_structure_details                 ? 
_refine.ls_abs_structure_Flack                   ? 
_refine.ls_abs_structure_Flack_esd               ? 
_refine.ls_abs_structure_Rogers                  ? 
_refine.ls_abs_structure_Rogers_esd              ? 
_refine.ls_d_res_high                            1.4500 
_refine.ls_d_res_low                             45.9 
_refine.ls_extinction_coef                       ? 
_refine.ls_extinction_coef_esd                   ? 
_refine.ls_extinction_expression                 ? 
_refine.ls_extinction_method                     ? 
_refine.ls_goodness_of_fit_all                   ? 
_refine.ls_goodness_of_fit_all_esd               ? 
_refine.ls_goodness_of_fit_obs                   ? 
_refine.ls_goodness_of_fit_obs_esd               ? 
_refine.ls_hydrogen_treatment                    ? 
_refine.ls_matrix_type                           ? 
_refine.ls_number_constraints                    ? 
_refine.ls_number_parameters                     ? 
_refine.ls_number_reflns_all                     ? 
_refine.ls_number_reflns_obs                     36421 
_refine.ls_number_reflns_R_free                  1457 
_refine.ls_number_reflns_R_work                  34964 
_refine.ls_number_restraints                     ? 
_refine.ls_percent_reflns_obs                    99.3600 
_refine.ls_percent_reflns_R_free                 4.0000 
_refine.ls_R_factor_all                          ? 
_refine.ls_R_factor_obs                          0.1754 
_refine.ls_R_factor_R_free                       0.1915 
_refine.ls_R_factor_R_free_error                 ? 
_refine.ls_R_factor_R_free_error_details         ? 
_refine.ls_R_factor_R_work                       0.1748 
_refine.ls_R_Fsqd_factor_obs                     ? 
_refine.ls_R_I_factor_obs                        ? 
_refine.ls_redundancy_reflns_all                 ? 
_refine.ls_redundancy_reflns_obs                 ? 
_refine.ls_restrained_S_all                      ? 
_refine.ls_restrained_S_obs                      ? 
_refine.ls_shift_over_esd_max                    ? 
_refine.ls_shift_over_esd_mean                   ? 
_refine.ls_structure_factor_coef                 ? 
_refine.ls_weighting_details                     ? 
_refine.ls_weighting_scheme                      ? 
_refine.ls_wR_factor_all                         ? 
_refine.ls_wR_factor_obs                         ? 
_refine.ls_wR_factor_R_free                      ? 
_refine.ls_wR_factor_R_work                      ? 
_refine.occupancy_max                            ? 
_refine.occupancy_min                            ? 
_refine.solvent_model_details                    'FLAT BULK SOLVENT MODEL' 
_refine.solvent_model_param_bsol                 56.0940 
_refine.solvent_model_param_ksol                 0.4330 
_refine.ls_R_factor_gt                           ? 
_refine.ls_goodness_of_fit_gt                    ? 
_refine.ls_goodness_of_fit_ref                   ? 
_refine.ls_shift_over_su_max                     ? 
_refine.ls_shift_over_su_max_lt                  ? 
_refine.ls_shift_over_su_mean                    ? 
_refine.ls_shift_over_su_mean_lt                 ? 
_refine.pdbx_ls_sigma_I                          ? 
_refine.pdbx_ls_sigma_F                          2.000 
_refine.pdbx_ls_sigma_Fsqd                       ? 
_refine.pdbx_data_cutoff_high_absF               ? 
_refine.pdbx_data_cutoff_high_rms_absF           ? 
_refine.pdbx_data_cutoff_low_absF                ? 
_refine.pdbx_isotropic_thermal_model             ? 
_refine.pdbx_ls_cross_valid_method               'FREE R-VALUE' 
_refine.pdbx_method_to_determine_struct          'MOLECULAR REPLACEMENT' 
_refine.pdbx_starting_model                      181L 
_refine.pdbx_stereochemistry_target_values       ML 
_refine.pdbx_R_Free_selection_details            'Random selection' 
_refine.pdbx_stereochem_target_val_spec_case     ? 
_refine.pdbx_overall_ESU_R                       ? 
_refine.pdbx_overall_ESU_R_Free                  ? 
_refine.pdbx_solvent_vdw_probe_radii             0.6000 
_refine.pdbx_solvent_ion_probe_radii             ? 
_refine.pdbx_solvent_shrinkage_radii             0.2700 
_refine.pdbx_real_space_R                        ? 
_refine.pdbx_density_correlation                 ? 
_refine.pdbx_pd_number_of_powder_patterns        ? 
_refine.pdbx_pd_number_of_points                 ? 
_refine.pdbx_pd_meas_number_of_points            ? 
_refine.pdbx_pd_proc_ls_prof_R_factor            ? 
_refine.pdbx_pd_proc_ls_prof_wR_factor           ? 
_refine.pdbx_pd_Marquardt_correlation_coeff      ? 
_refine.pdbx_pd_Fsqrd_R_factor                   ? 
_refine.pdbx_pd_ls_matrix_band_width             ? 
_refine.pdbx_overall_phase_error                 16.7700 
_refine.pdbx_overall_SU_R_free_Cruickshank_DPI   ? 
_refine.pdbx_overall_SU_R_free_Blow_DPI          ? 
_refine.pdbx_overall_SU_R_Blow_DPI               ? 
_refine.pdbx_TLS_residual_ADP_flag               ? 
_refine.pdbx_diffrn_id                           1 
_refine.overall_SU_B                             ? 
_refine.overall_SU_ML                            0.2600 
_refine.overall_SU_R_Cruickshank_DPI             ? 
_refine.overall_SU_R_free                        ? 
_refine.overall_FOM_free_R_set                   ? 
_refine.overall_FOM_work_R_set                   ? 
# 
_refine_hist.cycle_id                         final 
_refine_hist.pdbx_refine_id                   'X-RAY DIFFRACTION' 
_refine_hist.d_res_high                       1.4500 
_refine_hist.d_res_low                        45.9 
_refine_hist.pdbx_number_atoms_ligand         15 
_refine_hist.number_atoms_solvent             158 
_refine_hist.number_atoms_total               1454 
_refine_hist.pdbx_number_residues_total       164 
_refine_hist.pdbx_B_iso_mean_ligand           29.00 
_refine_hist.pdbx_B_iso_mean_solvent          27.45 
_refine_hist.pdbx_number_atoms_protein        1281 
_refine_hist.pdbx_number_atoms_nucleic_acid   0 
# 
loop_
_refine_ls_restr.pdbx_refine_id 
_refine_ls_restr.criterion 
_refine_ls_restr.dev_ideal 
_refine_ls_restr.dev_ideal_target 
_refine_ls_restr.number 
_refine_ls_restr.rejects 
_refine_ls_restr.type 
_refine_ls_restr.weight 
_refine_ls_restr.pdbx_restraint_function 
'X-RAY DIFFRACTION' ? 0.008  ? 1398 ? f_bond_d           ? ? 
'X-RAY DIFFRACTION' ? 1.024  ? 1904 ? f_angle_d          ? ? 
'X-RAY DIFFRACTION' ? 0.066  ? 214  ? f_chiral_restr     ? ? 
'X-RAY DIFFRACTION' ? 0.004  ? 243  ? f_plane_restr      ? ? 
'X-RAY DIFFRACTION' ? 11.181 ? 552  ? f_dihedral_angle_d ? ? 
# 
loop_
_refine_ls_shell.pdbx_refine_id 
_refine_ls_shell.d_res_high 
_refine_ls_shell.d_res_low 
_refine_ls_shell.number_reflns_all 
_refine_ls_shell.number_reflns_obs 
_refine_ls_shell.number_reflns_R_free 
_refine_ls_shell.number_reflns_R_work 
_refine_ls_shell.percent_reflns_obs 
_refine_ls_shell.percent_reflns_R_free 
_refine_ls_shell.R_factor_all 
_refine_ls_shell.R_factor_obs 
_refine_ls_shell.R_factor_R_free 
_refine_ls_shell.R_factor_R_free_error 
_refine_ls_shell.R_factor_R_work 
_refine_ls_shell.redundancy_reflns_all 
_refine_ls_shell.redundancy_reflns_obs 
_refine_ls_shell.wR_factor_all 
_refine_ls_shell.wR_factor_obs 
_refine_ls_shell.wR_factor_R_free 
_refine_ls_shell.wR_factor_R_work 
_refine_ls_shell.pdbx_total_number_of_bins_used 
_refine_ls_shell.pdbx_phase_error 
'X-RAY DIFFRACTION' 1.4500 1.5019  3613 . 144 3469 100.0000 . . . 0.2250 . 0.2011 . . . . . . 10 . 
'X-RAY DIFFRACTION' 1.5019 1.5620  3603 . 144 3459 100.0000 . . . 0.2155 . 0.1848 . . . . . . 10 . 
'X-RAY DIFFRACTION' 1.5620 1.6331  3643 . 146 3497 100.0000 . . . 0.1969 . 0.1693 . . . . . . 10 . 
'X-RAY DIFFRACTION' 1.6331 1.7192  3600 . 144 3456 100.0000 . . . 0.2144 . 0.1752 . . . . . . 10 . 
'X-RAY DIFFRACTION' 1.7192 1.8269  3644 . 146 3498 100.0000 . . . 0.1819 . 0.1751 . . . . . . 10 . 
'X-RAY DIFFRACTION' 1.8269 1.9680  3621 . 145 3476 100.0000 . . . 0.2168 . 0.1672 . . . . . . 10 . 
'X-RAY DIFFRACTION' 1.9680 2.1660  3658 . 146 3512 100.0000 . . . 0.1944 . 0.1607 . . . . . . 10 . 
'X-RAY DIFFRACTION' 2.1660 2.4794  3672 . 147 3525 100.0000 . . . 0.1859 . 0.1704 . . . . . . 10 . 
'X-RAY DIFFRACTION' 2.4794 3.1237  3709 . 148 3561 100.0000 . . . 0.1993 . 0.1842 . . . . . . 10 . 
'X-RAY DIFFRACTION' 3.1237 45.9490 3658 . 147 3511 94.0000  . . . 0.1699 . 0.1740 . . . . . . 10 . 
# 
_struct.entry_id                     4W51 
_struct.title                        'T4 Lysozyme L99A with No Ligand Bound' 
_struct.pdbx_model_details           ? 
_struct.pdbx_formula_weight          ? 
_struct.pdbx_formula_weight_method   ? 
_struct.pdbx_model_type_details      ? 
_struct.pdbx_CASP_flag               ? 
# 
_struct_keywords.entry_id        4W51 
_struct_keywords.text            HYDROLASE 
_struct_keywords.pdbx_keywords   HYDROLASE 
# 
loop_
_struct_asym.id 
_struct_asym.pdbx_blank_PDB_chainid_flag 
_struct_asym.pdbx_modified 
_struct_asym.entity_id 
_struct_asym.details 
A N N 1 ? 
B N N 2 ? 
C N N 3 ? 
# 
loop_
_struct_conf.conf_type_id 
_struct_conf.id 
_struct_conf.pdbx_PDB_helix_id 
_struct_conf.beg_label_comp_id 
_struct_conf.beg_label_asym_id 
_struct_conf.beg_label_seq_id 
_struct_conf.pdbx_beg_PDB_ins_code 
_struct_conf.end_label_comp_id 
_struct_conf.end_label_asym_id 
_struct_conf.end_label_seq_id 
_struct_conf.pdbx_end_PDB_ins_code 
_struct_conf.beg_auth_comp_id 
_struct_conf.beg_auth_asym_id 
_struct_conf.beg_auth_seq_id 
_struct_conf.end_auth_comp_id 
_struct_conf.end_auth_asym_id 
_struct_conf.end_auth_seq_id 
_struct_conf.pdbx_PDB_helix_class 
_struct_conf.details 
_struct_conf.pdbx_PDB_helix_length 
HELX_P HELX_P1  AA1 ASN A 2   ? GLY A 12  ? ASN A 2   GLY A 12  1 ? 11 
HELX_P HELX_P2  AA2 SER A 38  ? GLY A 51  ? SER A 38  GLY A 51  1 ? 14 
HELX_P HELX_P3  AA3 THR A 59  ? ASN A 81  ? THR A 59  ASN A 81  1 ? 23 
HELX_P HELX_P4  AA4 LYS A 83  ? LEU A 91  ? LYS A 83  LEU A 91  1 ? 9  
HELX_P HELX_P5  AA5 ASP A 92  ? GLY A 107 ? ASP A 92  GLY A 107 1 ? 16 
HELX_P HELX_P6  AA6 GLY A 107 ? GLY A 113 ? GLY A 107 GLY A 113 1 ? 7  
HELX_P HELX_P7  AA7 PHE A 114 ? GLN A 123 ? PHE A 114 GLN A 123 1 ? 10 
HELX_P HELX_P8  AA8 ARG A 125 ? LYS A 135 ? ARG A 125 LYS A 135 1 ? 11 
HELX_P HELX_P9  AA9 SER A 136 ? THR A 142 ? SER A 136 THR A 142 1 ? 7  
HELX_P HELX_P10 AB1 THR A 142 ? GLY A 156 ? THR A 142 GLY A 156 1 ? 15 
# 
_struct_conf_type.id          HELX_P 
_struct_conf_type.criteria    ? 
_struct_conf_type.reference   ? 
# 
_struct_sheet.id               AA1 
_struct_sheet.type             ? 
_struct_sheet.number_strands   3 
_struct_sheet.details          ? 
# 
loop_
_struct_sheet_order.sheet_id 
_struct_sheet_order.range_id_1 
_struct_sheet_order.range_id_2 
_struct_sheet_order.offset 
_struct_sheet_order.sense 
AA1 1 2 ? anti-parallel 
AA1 2 3 ? anti-parallel 
# 
loop_
_struct_sheet_range.sheet_id 
_struct_sheet_range.id 
_struct_sheet_range.beg_label_comp_id 
_struct_sheet_range.beg_label_asym_id 
_struct_sheet_range.beg_label_seq_id 
_struct_sheet_range.pdbx_beg_PDB_ins_code 
_struct_sheet_range.end_label_comp_id 
_struct_sheet_range.end_label_asym_id 
_struct_sheet_range.end_label_seq_id 
_struct_sheet_range.pdbx_end_PDB_ins_code 
_struct_sheet_range.beg_auth_comp_id 
_struct_sheet_range.beg_auth_asym_id 
_struct_sheet_range.beg_auth_seq_id 
_struct_sheet_range.end_auth_comp_id 
_struct_sheet_range.end_auth_asym_id 
_struct_sheet_range.end_auth_seq_id 
AA1 1 ARG A 14 ? LYS A 19 ? ARG A 14 LYS A 19 
AA1 2 TYR A 25 ? GLY A 28 ? TYR A 25 GLY A 28 
AA1 3 HIS A 31 ? LEU A 32 ? HIS A 31 LEU A 32 
# 
loop_
_pdbx_struct_sheet_hbond.sheet_id 
_pdbx_struct_sheet_hbond.range_id_1 
_pdbx_struct_sheet_hbond.range_id_2 
_pdbx_struct_sheet_hbond.range_1_label_atom_id 
_pdbx_struct_sheet_hbond.range_1_label_comp_id 
_pdbx_struct_sheet_hbond.range_1_label_asym_id 
_pdbx_struct_sheet_hbond.range_1_label_seq_id 
_pdbx_struct_sheet_hbond.range_1_PDB_ins_code 
_pdbx_struct_sheet_hbond.range_1_auth_atom_id 
_pdbx_struct_sheet_hbond.range_1_auth_comp_id 
_pdbx_struct_sheet_hbond.range_1_auth_asym_id 
_pdbx_struct_sheet_hbond.range_1_auth_seq_id 
_pdbx_struct_sheet_hbond.range_2_label_atom_id 
_pdbx_struct_sheet_hbond.range_2_label_comp_id 
_pdbx_struct_sheet_hbond.range_2_label_asym_id 
_pdbx_struct_sheet_hbond.range_2_label_seq_id 
_pdbx_struct_sheet_hbond.range_2_PDB_ins_code 
_pdbx_struct_sheet_hbond.range_2_auth_atom_id 
_pdbx_struct_sheet_hbond.range_2_auth_comp_id 
_pdbx_struct_sheet_hbond.range_2_auth_asym_id 
_pdbx_struct_sheet_hbond.range_2_auth_seq_id 
AA1 1 2 N TYR A 18 ? N TYR A 18 O THR A 26 ? O THR A 26 
AA1 2 3 N ILE A 27 ? N ILE A 27 O HIS A 31 ? O HIS A 31 
# 
_struct_site.id                   AC1 
_struct_site.pdbx_evidence_code   Software 
_struct_site.pdbx_auth_asym_id    A 
_struct_site.pdbx_auth_comp_id    EPE 
_struct_site.pdbx_auth_seq_id     201 
_struct_site.pdbx_auth_ins_code   ? 
_struct_site.pdbx_num_residues    8 
_struct_site.details              'binding site for residue EPE A 201' 
# 
loop_
_struct_site_gen.id 
_struct_site_gen.site_id 
_struct_site_gen.pdbx_num_res 
_struct_site_gen.label_comp_id 
_struct_site_gen.label_asym_id 
_struct_site_gen.label_seq_id 
_struct_site_gen.pdbx_auth_ins_code 
_struct_site_gen.auth_comp_id 
_struct_site_gen.auth_asym_id 
_struct_site_gen.auth_seq_id 
_struct_site_gen.label_atom_id 
_struct_site_gen.label_alt_id 
_struct_site_gen.symmetry 
_struct_site_gen.details 
1 AC1 8 GLY A 30  ? GLY A 30  . ? 1_555 ? 
2 AC1 8 HIS A 31  ? HIS A 31  . ? 1_555 ? 
3 AC1 8 LEU A 32  ? LEU A 32  . ? 1_555 ? 
4 AC1 8 LYS A 35  ? LYS A 35  . ? 1_555 ? 
5 AC1 8 ASP A 70  ? ASP A 70  . ? 1_555 ? 
6 AC1 8 PHE A 104 ? PHE A 104 . ? 1_555 ? 
7 AC1 8 GLN A 105 ? GLN A 105 . ? 1_555 ? 
8 AC1 8 MET A 106 ? MET A 106 . ? 1_555 ? 
# 
_atom_sites.entry_id                    4W51 
_atom_sites.fract_transf_matrix[1][1]   -0.01023556 
_atom_sites.fract_transf_matrix[1][2]   -0.01193578 
_atom_sites.fract_transf_matrix[1][3]   -0.01092439 
_atom_sites.fract_transf_matrix[2][1]   -0.01900693 
_atom_sites.fract_transf_matrix[2][2]   -0.00096909 
_atom_sites.fract_transf_matrix[2][3]   0.00208969 
_atom_sites.fract_transf_matrix[3][1]   -0.00116057 
_atom_sites.fract_transf_matrix[3][2]   0.00748134 
_atom_sites.fract_transf_matrix[3][3]   -0.00708658 
_atom_sites.fract_transf_vector[1]      0.315124 
_atom_sites.fract_transf_vector[2]      -0.218049 
_atom_sites.fract_transf_vector[3]      0.101132 
# 
loop_
_atom_type.symbol 
C 
N 
O 
S 
# 
loop_
_atom_site.group_PDB 
_atom_site.id 
_atom_site.type_symbol 
_atom_site.label_atom_id 
_atom_site.label_alt_id 
_atom_site.label_comp_id 
_atom_site.label_asym_id 
_atom_site.label_entity_id 
_atom_site.label_seq_id 
_atom_site.pdbx_PDB_ins_code 
_atom_site.Cartn_x 
_atom_site.Cartn_y 
_atom_site.Cartn_z 
_atom_site.occupancy 
_atom_site.B_iso_or_equiv 
_atom_site.pdbx_formal_charge 
_atom_site.auth_seq_id 
_atom_site.auth_comp_id 
_atom_site.auth_asym_id 
_atom_site.auth_atom_id 
_atom_site.pdbx_PDB_model_num 
ATOM   1    N N   . MET A 1 1   ? -14.045 4.493   8.526   1.00 26.27 ? 1   MET A N   1 
ATOM   2    C CA  A MET A 1 1   ? -12.782 4.228   7.853   0.50 16.41 ? 1   MET A CA  1 
ATOM   3    C CA  B MET A 1 1   ? -12.777 4.212   7.857   0.50 16.40 ? 1   MET A CA  1 
ATOM   4    C C   . MET A 1 1   ? -13.007 3.684   6.448   1.00 14.13 ? 1   MET A C   1 
ATOM   5    O O   . MET A 1 1   ? -13.960 2.947   6.191   1.00 17.01 ? 1   MET A O   1 
ATOM   6    C CB  A MET A 1 1   ? -11.938 3.248   8.670   0.50 18.37 ? 1   MET A CB  1 
ATOM   7    C CB  B MET A 1 1   ? -11.942 3.207   8.662   0.50 18.34 ? 1   MET A CB  1 
ATOM   8    C CG  A MET A 1 1   ? -10.574 2.954   8.076   0.50 20.53 ? 1   MET A CG  1 
ATOM   9    C CG  B MET A 1 1   ? -11.292 3.770   9.925   0.50 22.43 ? 1   MET A CG  1 
ATOM   10   S SD  A MET A 1 1   ? -9.350  4.245   8.352   0.50 21.00 ? 1   MET A SD  1 
ATOM   11   S SD  B MET A 1 1   ? -9.850  4.812   9.607   0.50 21.50 ? 1   MET A SD  1 
ATOM   12   C CE  A MET A 1 1   ? -9.455  4.419   10.130  0.50 26.98 ? 1   MET A CE  1 
ATOM   13   C CE  B MET A 1 1   ? -8.774  3.647   8.778   0.50 16.47 ? 1   MET A CE  1 
ATOM   14   N N   . ASN A 1 2   ? -12.124 4.071   5.537   1.00 12.39 ? 2   ASN A N   1 
ATOM   15   C CA  . ASN A 1 2   ? -12.125 3.560   4.175   1.00 13.12 ? 2   ASN A CA  1 
ATOM   16   C C   . ASN A 1 2   ? -10.673 3.417   3.727   1.00 11.89 ? 2   ASN A C   1 
ATOM   17   O O   . ASN A 1 2   ? -9.760  3.788   4.472   1.00 10.97 ? 2   ASN A O   1 
ATOM   18   C CB  . ASN A 1 2   ? -12.925 4.481   3.241   1.00 12.60 ? 2   ASN A CB  1 
ATOM   19   C CG  . ASN A 1 2   ? -12.385 5.896   3.210   1.00 12.99 ? 2   ASN A CG  1 
ATOM   20   O OD1 . ASN A 1 2   ? -11.223 6.117   2.872   1.00 12.28 ? 2   ASN A OD1 1 
ATOM   21   N ND2 . ASN A 1 2   ? -13.227 6.861   3.551   1.00 13.98 ? 2   ASN A ND2 1 
ATOM   22   N N   . ILE A 1 3   ? -10.455 2.897   2.524   1.00 11.34 ? 3   ILE A N   1 
ATOM   23   C CA  . ILE A 1 3   ? -9.099  2.601   2.068   1.00 10.30 ? 3   ILE A CA  1 
ATOM   24   C C   . ILE A 1 3   ? -8.224  3.857   1.976   1.00 9.92  ? 3   ILE A C   1 
ATOM   25   O O   . ILE A 1 3   ? -7.016  3.803   2.225   1.00 10.68 ? 3   ILE A O   1 
ATOM   26   C CB  . ILE A 1 3   ? -9.114  1.832   0.720   1.00 11.65 ? 3   ILE A CB  1 
ATOM   27   C CG1 . ILE A 1 3   ? -7.699  1.457   0.273   1.00 10.85 ? 3   ILE A CG1 1 
ATOM   28   C CG2 . ILE A 1 3   ? -9.814  2.651   -0.362  1.00 11.87 ? 3   ILE A CG2 1 
ATOM   29   C CD1 . ILE A 1 3   ? -6.933  0.575   1.256   1.00 12.01 ? 3   ILE A CD1 1 
ATOM   30   N N   . PHE A 1 4   ? -8.826  4.991   1.635   1.00 9.15  ? 4   PHE A N   1 
ATOM   31   C CA  . PHE A 1 4   ? -8.068  6.237   1.556   1.00 9.73  ? 4   PHE A CA  1 
ATOM   32   C C   . PHE A 1 4   ? -7.598  6.696   2.929   1.00 10.39 ? 4   PHE A C   1 
ATOM   33   O O   . PHE A 1 4   ? -6.443  7.078   3.098   1.00 12.19 ? 4   PHE A O   1 
ATOM   34   C CB  . PHE A 1 4   ? -8.871  7.324   0.825   1.00 10.26 ? 4   PHE A CB  1 
ATOM   35   C CG  . PHE A 1 4   ? -9.041  7.049   -0.634  1.00 8.92  ? 4   PHE A CG  1 
ATOM   36   C CD1 . PHE A 1 4   ? -8.079  7.466   -1.546  1.00 12.37 ? 4   PHE A CD1 1 
ATOM   37   C CD2 . PHE A 1 4   ? -10.138 6.348   -1.099  1.00 12.26 ? 4   PHE A CD2 1 
ATOM   38   C CE1 . PHE A 1 4   ? -8.223  7.191   -2.895  1.00 13.69 ? 4   PHE A CE1 1 
ATOM   39   C CE2 . PHE A 1 4   ? -10.280 6.069   -2.449  1.00 13.55 ? 4   PHE A CE2 1 
ATOM   40   C CZ  . PHE A 1 4   ? -9.325  6.495   -3.343  1.00 13.10 ? 4   PHE A CZ  1 
ATOM   41   N N   . GLU A 1 5   ? -8.485  6.641   3.916   1.00 10.14 ? 5   GLU A N   1 
ATOM   42   C CA  . GLU A 1 5   ? -8.108  7.016   5.274   1.00 10.61 ? 5   GLU A CA  1 
ATOM   43   C C   . GLU A 1 5   ? -7.063  6.058   5.835   1.00 10.48 ? 5   GLU A C   1 
ATOM   44   O O   . GLU A 1 5   ? -6.131  6.473   6.517   1.00 11.45 ? 5   GLU A O   1 
ATOM   45   C CB  . GLU A 1 5   ? -9.338  7.059   6.185   1.00 12.02 ? 5   GLU A CB  1 
ATOM   46   C CG  . GLU A 1 5   ? -10.291 8.179   5.809   1.00 11.79 ? 5   GLU A CG  1 
ATOM   47   C CD  . GLU A 1 5   ? -11.584 8.182   6.601   1.00 18.13 ? 5   GLU A CD  1 
ATOM   48   O OE1 . GLU A 1 5   ? -11.930 7.147   7.199   1.00 24.02 ? 5   GLU A OE1 1 
ATOM   49   O OE2 . GLU A 1 5   ? -12.260 9.238   6.619   1.00 17.93 ? 5   GLU A OE2 1 
ATOM   50   N N   . MET A 1 6   ? -7.218  4.778   5.525   1.00 9.49  ? 6   MET A N   1 
ATOM   51   C CA  . MET A 1 6   ? -6.302  3.753   6.012   1.00 9.36  ? 6   MET A CA  1 
ATOM   52   C C   . MET A 1 6   ? -4.895  3.971   5.468   1.00 10.09 ? 6   MET A C   1 
ATOM   53   O O   . MET A 1 6   ? -3.919  4.015   6.226   1.00 10.34 ? 6   MET A O   1 
ATOM   54   C CB  . MET A 1 6   ? -6.820  2.380   5.602   1.00 9.70  ? 6   MET A CB  1 
ATOM   55   C CG  . MET A 1 6   ? -5.982  1.217   6.093   1.00 9.43  ? 6   MET A CG  1 
ATOM   56   S SD  . MET A 1 6   ? -6.382  -0.236  5.101   1.00 10.17 ? 6   MET A SD  1 
ATOM   57   C CE  . MET A 1 6   ? -5.975  -1.581  6.212   1.00 11.41 ? 6   MET A CE  1 
ATOM   58   N N   . LEU A 1 7   ? -4.782  4.129   4.154   1.00 10.09 ? 7   LEU A N   1 
ATOM   59   C CA  . LEU A 1 7   ? -3.473  4.342   3.559   1.00 9.54  ? 7   LEU A CA  1 
ATOM   60   C C   . LEU A 1 7   ? -2.893  5.712   3.900   1.00 10.28 ? 7   LEU A C   1 
ATOM   61   O O   . LEU A 1 7   ? -1.683  5.847   4.003   1.00 11.14 ? 7   LEU A O   1 
ATOM   62   C CB  . LEU A 1 7   ? -3.524  4.118   2.046   1.00 9.67  ? 7   LEU A CB  1 
ATOM   63   C CG  . LEU A 1 7   ? -3.448  2.648   1.625   1.00 8.59  ? 7   LEU A CG  1 
ATOM   64   C CD1 . LEU A 1 7   ? -3.866  2.476   0.161   1.00 11.42 ? 7   LEU A CD1 1 
ATOM   65   C CD2 . LEU A 1 7   ? -2.042  2.108   1.854   1.00 10.82 ? 7   LEU A CD2 1 
ATOM   66   N N   . ARG A 1 8   ? -3.742  6.719   4.085   1.00 10.92 ? 8   ARG A N   1 
ATOM   67   C CA  . ARG A 1 8   ? -3.258  8.030   4.519   1.00 10.58 ? 8   ARG A CA  1 
ATOM   68   C C   . ARG A 1 8   ? -2.591  7.925   5.891   1.00 11.40 ? 8   ARG A C   1 
ATOM   69   O O   . ARG A 1 8   ? -1.563  8.555   6.148   1.00 12.90 ? 8   ARG A O   1 
ATOM   70   C CB  . ARG A 1 8   ? -4.400  9.054   4.523   1.00 12.80 ? 8   ARG A CB  1 
ATOM   71   C CG  . ARG A 1 8   ? -4.058  10.403  5.134   1.00 14.80 ? 8   ARG A CG  1 
ATOM   72   C CD  . ARG A 1 8   ? -2.936  11.116  4.404   1.00 16.40 ? 8   ARG A CD  1 
ATOM   73   N NE  . ARG A 1 8   ? -2.681  12.420  5.015   1.00 20.62 ? 8   ARG A NE  1 
ATOM   74   C CZ  . ARG A 1 8   ? -1.965  12.595  6.123   1.00 25.02 ? 8   ARG A CZ  1 
ATOM   75   N NH1 . ARG A 1 8   ? -1.421  11.555  6.738   1.00 24.18 ? 8   ARG A NH1 1 
ATOM   76   N NH2 . ARG A 1 8   ? -1.790  13.815  6.617   1.00 25.84 ? 8   ARG A NH2 1 
ATOM   77   N N   . ILE A 1 9   ? -3.163  7.112   6.771   1.00 10.66 ? 9   ILE A N   1 
ATOM   78   C CA  . ILE A 1 9   ? -2.535  6.852   8.063   1.00 11.96 ? 9   ILE A CA  1 
ATOM   79   C C   . ILE A 1 9   ? -1.206  6.115   7.896   1.00 12.86 ? 9   ILE A C   1 
ATOM   80   O O   . ILE A 1 9   ? -0.189  6.484   8.496   1.00 15.01 ? 9   ILE A O   1 
ATOM   81   C CB  . ILE A 1 9   ? -3.487  6.049   8.977   1.00 12.15 ? 9   ILE A CB  1 
ATOM   82   C CG1 . ILE A 1 9   ? -4.642  6.940   9.440   1.00 15.24 ? 9   ILE A CG1 1 
ATOM   83   C CG2 . ILE A 1 9   ? -2.741  5.460   10.170  1.00 14.30 ? 9   ILE A CG2 1 
ATOM   84   C CD1 . ILE A 1 9   ? -5.784  6.171   10.060  1.00 15.19 ? 9   ILE A CD1 1 
ATOM   85   N N   . ASP A 1 10  ? -1.202  5.073   7.073   1.00 11.19 ? 10  ASP A N   1 
ATOM   86   C CA  . ASP A 1 10  ? -0.005  4.261   6.938   1.00 10.68 ? 10  ASP A CA  1 
ATOM   87   C C   . ASP A 1 10  ? 1.129   4.953   6.182   1.00 11.92 ? 10  ASP A C   1 
ATOM   88   O O   . ASP A 1 10  ? 2.300   4.691   6.446   1.00 14.32 ? 10  ASP A O   1 
ATOM   89   C CB  . ASP A 1 10  ? -0.331  2.920   6.275   1.00 11.08 ? 10  ASP A CB  1 
ATOM   90   C CG  . ASP A 1 10  ? -1.062  1.975   7.198   1.00 13.13 ? 10  ASP A CG  1 
ATOM   91   O OD1 . ASP A 1 10  ? -0.918  2.114   8.429   1.00 12.32 ? 10  ASP A OD1 1 
ATOM   92   O OD2 . ASP A 1 10  ? -1.770  1.082   6.691   1.00 11.80 ? 10  ASP A OD2 1 
ATOM   93   N N   . GLU A 1 11  ? 0.788   5.827   5.243   1.00 10.57 ? 11  GLU A N   1 
ATOM   94   C CA  . GLU A 1 11  ? 1.801   6.425   4.371   1.00 10.79 ? 11  GLU A CA  1 
ATOM   95   C C   . GLU A 1 11  ? 2.156   7.856   4.737   1.00 12.99 ? 11  GLU A C   1 
ATOM   96   O O   . GLU A 1 11  ? 3.219   8.346   4.355   1.00 14.56 ? 11  GLU A O   1 
ATOM   97   C CB  . GLU A 1 11  ? 1.339   6.384   2.909   1.00 12.89 ? 11  GLU A CB  1 
ATOM   98   C CG  . GLU A 1 11  ? 1.084   4.985   2.363   1.00 12.64 ? 11  GLU A CG  1 
ATOM   99   C CD  . GLU A 1 11  ? 2.355   4.183   2.139   1.00 17.53 ? 11  GLU A CD  1 
ATOM   100  O OE1 . GLU A 1 11  ? 3.462   4.742   2.305   1.00 19.56 ? 11  GLU A OE1 1 
ATOM   101  O OE2 . GLU A 1 11  ? 2.255   2.986   1.788   1.00 19.86 ? 11  GLU A OE2 1 
ATOM   102  N N   . GLY A 1 12  ? 1.269   8.531   5.456   1.00 12.42 ? 12  GLY A N   1 
ATOM   103  C CA  . GLY A 1 12  ? 1.478   9.934   5.771   1.00 13.50 ? 12  GLY A CA  1 
ATOM   104  C C   . GLY A 1 12  ? 1.288   10.827  4.558   1.00 15.44 ? 12  GLY A C   1 
ATOM   105  O O   . GLY A 1 12  ? 0.829   10.387  3.500   1.00 13.62 ? 12  GLY A O   1 
ATOM   106  N N   . LEU A 1 13  ? 1.637   12.097  4.719   1.00 14.39 ? 13  LEU A N   1 
ATOM   107  C CA  . LEU A 1 13  ? 1.579   13.057  3.626   1.00 15.02 ? 13  LEU A CA  1 
ATOM   108  C C   . LEU A 1 13  ? 2.780   13.981  3.711   1.00 15.59 ? 13  LEU A C   1 
ATOM   109  O O   . LEU A 1 13  ? 2.965   14.680  4.711   1.00 17.62 ? 13  LEU A O   1 
ATOM   110  C CB  . LEU A 1 13  ? 0.290   13.878  3.681   1.00 14.40 ? 13  LEU A CB  1 
ATOM   111  C CG  . LEU A 1 13  ? 0.235   15.092  2.743   1.00 16.76 ? 13  LEU A CG  1 
ATOM   112  C CD1 . LEU A 1 13  ? 0.213   14.667  1.284   1.00 19.44 ? 13  LEU A CD1 1 
ATOM   113  C CD2 . LEU A 1 13  ? -0.974  15.960  3.063   1.00 22.27 ? 13  LEU A CD2 1 
ATOM   114  N N   . ARG A 1 14  ? 3.593   13.969  2.662   1.00 13.66 ? 14  ARG A N   1 
ATOM   115  C CA  A ARG A 1 14  ? 4.745   14.854  2.565   0.60 14.87 ? 14  ARG A CA  1 
ATOM   116  C CA  B ARG A 1 14  ? 4.749   14.848  2.562   0.40 14.93 ? 14  ARG A CA  1 
ATOM   117  C C   . ARG A 1 14  ? 4.770   15.468  1.171   1.00 16.93 ? 14  ARG A C   1 
ATOM   118  O O   . ARG A 1 14  ? 4.649   14.766  0.172   1.00 15.70 ? 14  ARG A O   1 
ATOM   119  C CB  A ARG A 1 14  ? 6.042   14.098  2.869   0.60 18.20 ? 14  ARG A CB  1 
ATOM   120  C CB  B ARG A 1 14  ? 6.041   14.075  2.850   0.40 18.19 ? 14  ARG A CB  1 
ATOM   121  C CG  A ARG A 1 14  ? 6.063   13.470  4.265   0.60 18.68 ? 14  ARG A CG  1 
ATOM   122  C CG  B ARG A 1 14  ? 6.316   13.883  4.342   0.40 17.98 ? 14  ARG A CG  1 
ATOM   123  C CD  A ARG A 1 14  ? 7.405   12.834  4.603   0.60 21.81 ? 14  ARG A CD  1 
ATOM   124  C CD  B ARG A 1 14  ? 7.243   12.700  4.625   0.40 21.50 ? 14  ARG A CD  1 
ATOM   125  N NE  A ARG A 1 14  ? 8.464   13.831  4.720   0.60 26.55 ? 14  ARG A NE  1 
ATOM   126  N NE  B ARG A 1 14  ? 6.539   11.421  4.565   0.40 21.49 ? 14  ARG A NE  1 
ATOM   127  C CZ  A ARG A 1 14  ? 9.710   13.562  5.098   0.60 29.43 ? 14  ARG A CZ  1 
ATOM   128  C CZ  B ARG A 1 14  ? 7.038   10.268  4.999   0.40 21.64 ? 14  ARG A CZ  1 
ATOM   129  N NH1 A ARG A 1 14  ? 10.063  12.319  5.404   0.60 25.63 ? 14  ARG A NH1 1 
ATOM   130  N NH1 B ARG A 1 14  ? 8.253   10.221  5.534   0.40 22.97 ? 14  ARG A NH1 1 
ATOM   131  N NH2 A ARG A 1 14  ? 10.605  14.537  5.169   0.60 30.84 ? 14  ARG A NH2 1 
ATOM   132  N NH2 B ARG A 1 14  ? 6.322   9.157   4.903   0.40 21.67 ? 14  ARG A NH2 1 
ATOM   133  N N   . LEU A 1 15  ? 4.903   16.791  1.108   1.00 13.28 ? 15  LEU A N   1 
ATOM   134  C CA  . LEU A 1 15  ? 4.794   17.506  -0.160  1.00 14.49 ? 15  LEU A CA  1 
ATOM   135  C C   . LEU A 1 15  ? 6.122   17.715  -0.876  1.00 15.76 ? 15  LEU A C   1 
ATOM   136  O O   . LEU A 1 15  ? 6.159   18.194  -2.012  1.00 16.61 ? 15  LEU A O   1 
ATOM   137  C CB  . LEU A 1 15  ? 4.100   18.850  0.061   1.00 16.72 ? 15  LEU A CB  1 
ATOM   138  C CG  . LEU A 1 15  ? 2.678   18.778  0.616   1.00 15.51 ? 15  LEU A CG  1 
ATOM   139  C CD1 . LEU A 1 15  ? 2.090   20.181  0.709   1.00 21.43 ? 15  LEU A CD1 1 
ATOM   140  C CD2 . LEU A 1 15  ? 1.805   17.879  -0.249  1.00 19.46 ? 15  LEU A CD2 1 
ATOM   141  N N   . LYS A 1 16  ? 7.211   17.346  -0.218  1.00 13.97 ? 16  LYS A N   1 
ATOM   142  C CA  . LYS A 1 16  ? 8.529   17.402  -0.822  1.00 14.80 ? 16  LYS A CA  1 
ATOM   143  C C   . LYS A 1 16  ? 9.077   15.993  -0.956  1.00 15.05 ? 16  LYS A C   1 
ATOM   144  O O   . LYS A 1 16  ? 8.733   15.110  -0.164  1.00 14.44 ? 16  LYS A O   1 
ATOM   145  C CB  . LYS A 1 16  ? 9.451   18.277  0.030   1.00 17.00 ? 16  LYS A CB  1 
ATOM   146  C CG  . LYS A 1 16  ? 8.894   19.681  0.245   1.00 26.83 ? 16  LYS A CG  1 
ATOM   147  C CD  . LYS A 1 16  ? 9.757   20.502  1.188   0.50 29.85 ? 16  LYS A CD  1 
ATOM   148  C CE  . LYS A 1 16  ? 9.141   21.872  1.435   0.50 31.59 ? 16  LYS A CE  1 
ATOM   149  N NZ  . LYS A 1 16  ? 9.075   22.693  0.195   0.50 30.27 ? 16  LYS A NZ  1 
ATOM   150  N N   . ILE A 1 17  ? 9.921   15.771  -1.957  1.00 11.92 ? 17  ILE A N   1 
ATOM   151  C CA  . ILE A 1 17  ? 10.505  14.458  -2.168  1.00 11.81 ? 17  ILE A CA  1 
ATOM   152  C C   . ILE A 1 17  ? 11.162  13.976  -0.884  1.00 13.75 ? 17  ILE A C   1 
ATOM   153  O O   . ILE A 1 17  ? 11.908  14.721  -0.237  1.00 16.83 ? 17  ILE A O   1 
ATOM   154  C CB  . ILE A 1 17  ? 11.521  14.462  -3.318  1.00 13.17 ? 17  ILE A CB  1 
ATOM   155  C CG1 . ILE A 1 17  ? 10.798  14.667  -4.653  1.00 12.93 ? 17  ILE A CG1 1 
ATOM   156  C CG2 . ILE A 1 17  ? 12.299  13.165  -3.346  1.00 14.96 ? 17  ILE A CG2 1 
ATOM   157  C CD1 . ILE A 1 17  ? 11.733  14.821  -5.834  1.00 14.86 ? 17  ILE A CD1 1 
ATOM   158  N N   . TYR A 1 18  ? 10.864  12.734  -0.516  1.00 12.57 ? 18  TYR A N   1 
ATOM   159  C CA  . TYR A 1 18  ? 11.443  12.106  0.665   1.00 13.36 ? 18  TYR A CA  1 
ATOM   160  C C   . TYR A 1 18  ? 11.869  10.685  0.331   1.00 13.67 ? 18  TYR A C   1 
ATOM   161  O O   . TYR A 1 18  ? 11.568  10.174  -0.742  1.00 13.70 ? 18  TYR A O   1 
ATOM   162  C CB  . TYR A 1 18  ? 10.454  12.117  1.844   1.00 15.58 ? 18  TYR A CB  1 
ATOM   163  C CG  . TYR A 1 18  ? 9.178   11.301  1.660   1.00 14.07 ? 18  TYR A CG  1 
ATOM   164  C CD1 . TYR A 1 18  ? 8.076   11.838  1.010   1.00 15.18 ? 18  TYR A CD1 1 
ATOM   165  C CD2 . TYR A 1 18  ? 9.064   10.006  2.180   1.00 17.31 ? 18  TYR A CD2 1 
ATOM   166  C CE1 . TYR A 1 18  ? 6.905   11.116  0.854   1.00 14.12 ? 18  TYR A CE1 1 
ATOM   167  C CE2 . TYR A 1 18  ? 7.883   9.271   2.025   1.00 14.82 ? 18  TYR A CE2 1 
ATOM   168  C CZ  . TYR A 1 18  ? 6.812   9.836   1.356   1.00 16.76 ? 18  TYR A CZ  1 
ATOM   169  O OH  . TYR A 1 18  ? 5.630   9.139   1.188   1.00 17.26 ? 18  TYR A OH  1 
ATOM   170  N N   . LYS A 1 19  ? 12.585  10.041  1.243   1.00 15.54 ? 19  LYS A N   1 
ATOM   171  C CA  . LYS A 1 19  ? 12.901  8.633   1.069   1.00 15.46 ? 19  LYS A CA  1 
ATOM   172  C C   . LYS A 1 19  ? 11.958  7.790   1.903   1.00 14.84 ? 19  LYS A C   1 
ATOM   173  O O   . LYS A 1 19  ? 11.705  8.101   3.071   1.00 17.62 ? 19  LYS A O   1 
ATOM   174  C CB  . LYS A 1 19  ? 14.350  8.338   1.450   1.00 14.59 ? 19  LYS A CB  1 
ATOM   175  C CG  . LYS A 1 19  ? 15.358  8.871   0.456   1.00 16.91 ? 19  LYS A CG  1 
ATOM   176  C CD  . LYS A 1 19  ? 16.762  8.491   0.871   1.00 19.37 ? 19  LYS A CD  1 
ATOM   177  C CE  . LYS A 1 19  ? 17.784  8.990   -0.136  1.00 23.23 ? 19  LYS A CE  1 
ATOM   178  N NZ  . LYS A 1 19  ? 19.166  8.646   0.300   1.00 24.99 ? 19  LYS A NZ  1 
ATOM   179  N N   . ASP A 1 20  ? 11.430  6.733   1.293   1.00 12.64 ? 20  ASP A N   1 
ATOM   180  C CA  . ASP A 1 20  ? 10.547  5.809   1.995   1.00 13.12 ? 20  ASP A CA  1 
ATOM   181  C C   . ASP A 1 20  ? 11.331  4.890   2.931   1.00 13.40 ? 20  ASP A C   1 
ATOM   182  O O   . ASP A 1 20  ? 12.539  5.058   3.114   1.00 14.89 ? 20  ASP A O   1 
ATOM   183  C CB  . ASP A 1 20  ? 9.659   5.019   1.015   1.00 15.67 ? 20  ASP A CB  1 
ATOM   184  C CG  . ASP A 1 20  ? 10.431  3.995   0.181   1.00 18.32 ? 20  ASP A CG  1 
ATOM   185  O OD1 . ASP A 1 20  ? 11.622  3.746   0.442   1.00 15.10 ? 20  ASP A OD1 1 
ATOM   186  O OD2 . ASP A 1 20  ? 9.827   3.412   -0.748  1.00 21.04 ? 20  ASP A OD2 1 
ATOM   187  N N   . THR A 1 21  ? 10.652  3.910   3.510   1.00 13.76 ? 21  THR A N   1 
ATOM   188  C CA  A THR A 1 21  ? 11.278  3.039   4.499   0.80 13.97 ? 21  THR A CA  1 
ATOM   189  C CA  B THR A 1 21  ? 11.297  3.062   4.503   0.20 14.11 ? 21  THR A CA  1 
ATOM   190  C C   . THR A 1 21  ? 12.428  2.229   3.902   1.00 14.81 ? 21  THR A C   1 
ATOM   191  O O   . THR A 1 21  ? 13.301  1.750   4.626   1.00 15.12 ? 21  THR A O   1 
ATOM   192  C CB  A THR A 1 21  ? 10.253  2.073   5.145   0.80 14.66 ? 21  THR A CB  1 
ATOM   193  C CB  B THR A 1 21  ? 10.290  2.143   5.216   0.20 14.97 ? 21  THR A CB  1 
ATOM   194  O OG1 A THR A 1 21  ? 9.769   1.148   4.168   0.80 18.47 ? 21  THR A OG1 1 
ATOM   195  O OG1 B THR A 1 21  ? 10.967  1.392   6.232   0.20 16.94 ? 21  THR A OG1 1 
ATOM   196  C CG2 A THR A 1 21  ? 9.077   2.845   5.729   0.80 16.40 ? 21  THR A CG2 1 
ATOM   197  C CG2 B THR A 1 21  ? 9.642   1.192   4.229   0.20 18.28 ? 21  THR A CG2 1 
ATOM   198  N N   . GLU A 1 22  ? 12.419  2.062   2.579   1.00 13.62 ? 22  GLU A N   1 
ATOM   199  C CA  . GLU A 1 22  ? 13.462  1.306   1.884   1.00 12.56 ? 22  GLU A CA  1 
ATOM   200  C C   . GLU A 1 22  ? 14.568  2.194   1.313   1.00 14.18 ? 22  GLU A C   1 
ATOM   201  O O   . GLU A 1 22  ? 15.493  1.706   0.660   1.00 17.55 ? 22  GLU A O   1 
ATOM   202  C CB  . GLU A 1 22  ? 12.854  0.466   0.758   1.00 15.07 ? 22  GLU A CB  1 
ATOM   203  C CG  . GLU A 1 22  ? 11.838  -0.564  1.224   1.00 18.63 ? 22  GLU A CG  1 
ATOM   204  C CD  . GLU A 1 22  ? 12.462  -1.728  1.974   1.00 26.95 ? 22  GLU A CD  1 
ATOM   205  O OE1 . GLU A 1 22  ? 13.684  -1.956  1.842   1.00 25.13 ? 22  GLU A OE1 1 
ATOM   206  O OE2 . GLU A 1 22  ? 11.719  -2.422  2.699   1.00 30.41 ? 22  GLU A OE2 1 
ATOM   207  N N   . GLY A 1 23  ? 14.466  3.498   1.548   1.00 13.16 ? 23  GLY A N   1 
ATOM   208  C CA  . GLY A 1 23  ? 15.430  4.448   1.018   1.00 13.79 ? 23  GLY A CA  1 
ATOM   209  C C   . GLY A 1 23  ? 15.157  4.948   -0.392  1.00 13.95 ? 23  GLY A C   1 
ATOM   210  O O   . GLY A 1 23  ? 16.040  5.537   -1.014  1.00 16.76 ? 23  GLY A O   1 
ATOM   211  N N   . TYR A 1 24  ? 13.941  4.736   -0.895  1.00 12.75 ? 24  TYR A N   1 
ATOM   212  C CA  . TYR A 1 24  ? 13.601  5.112   -2.267  1.00 13.58 ? 24  TYR A CA  1 
ATOM   213  C C   . TYR A 1 24  ? 12.879  6.442   -2.321  1.00 12.02 ? 24  TYR A C   1 
ATOM   214  O O   . TYR A 1 24  ? 12.001  6.716   -1.511  1.00 11.92 ? 24  TYR A O   1 
ATOM   215  C CB  . TYR A 1 24  ? 12.702  4.055   -2.905  1.00 13.20 ? 24  TYR A CB  1 
ATOM   216  C CG  . TYR A 1 24  ? 13.337  2.695   -3.050  1.00 16.16 ? 24  TYR A CG  1 
ATOM   217  C CD1 . TYR A 1 24  ? 14.651  2.565   -3.477  1.00 18.85 ? 24  TYR A CD1 1 
ATOM   218  C CD2 . TYR A 1 24  ? 12.621  1.542   -2.761  1.00 20.21 ? 24  TYR A CD2 1 
ATOM   219  C CE1 . TYR A 1 24  ? 15.238  1.318   -3.616  1.00 26.84 ? 24  TYR A CE1 1 
ATOM   220  C CE2 . TYR A 1 24  ? 13.200  0.292   -2.893  1.00 20.12 ? 24  TYR A CE2 1 
ATOM   221  C CZ  . TYR A 1 24  ? 14.507  0.188   -3.319  1.00 27.72 ? 24  TYR A CZ  1 
ATOM   222  O OH  . TYR A 1 24  ? 15.087  -1.056  -3.456  1.00 32.29 ? 24  TYR A OH  1 
ATOM   223  N N   . TYR A 1 25  ? 13.231  7.260   -3.310  1.00 12.54 ? 25  TYR A N   1 
ATOM   224  C CA  . TYR A 1 25  ? 12.582  8.552   -3.489  1.00 11.41 ? 25  TYR A CA  1 
ATOM   225  C C   . TYR A 1 25  ? 11.090  8.418   -3.759  1.00 10.43 ? 25  TYR A C   1 
ATOM   226  O O   . TYR A 1 25  ? 10.670  7.677   -4.655  1.00 11.79 ? 25  TYR A O   1 
ATOM   227  C CB  . TYR A 1 25  ? 13.257  9.335   -4.609  1.00 10.85 ? 25  TYR A CB  1 
ATOM   228  C CG  . TYR A 1 25  ? 14.647  9.793   -4.243  1.00 12.79 ? 25  TYR A CG  1 
ATOM   229  C CD1 . TYR A 1 25  ? 14.850  10.640  -3.162  1.00 15.26 ? 25  TYR A CD1 1 
ATOM   230  C CD2 . TYR A 1 25  ? 15.751  9.391   -4.986  1.00 16.97 ? 25  TYR A CD2 1 
ATOM   231  C CE1 . TYR A 1 25  ? 16.122  11.075  -2.823  1.00 17.51 ? 25  TYR A CE1 1 
ATOM   232  C CE2 . TYR A 1 25  ? 17.025  9.820   -4.651  1.00 18.71 ? 25  TYR A CE2 1 
ATOM   233  C CZ  . TYR A 1 25  ? 17.197  10.659  -3.571  1.00 18.54 ? 25  TYR A CZ  1 
ATOM   234  O OH  . TYR A 1 25  ? 18.461  11.095  -3.224  1.00 26.60 ? 25  TYR A OH  1 
ATOM   235  N N   . THR A 1 26  ? 10.326  9.187   -2.990  1.00 11.60 ? 26  THR A N   1 
ATOM   236  C CA  . THR A 1 26  ? 8.887   9.074   -2.873  1.00 11.43 ? 26  THR A CA  1 
ATOM   237  C C   . THR A 1 26  ? 8.335   10.480  -2.647  1.00 10.88 ? 26  THR A C   1 
ATOM   238  O O   . THR A 1 26  ? 9.072   11.388  -2.257  1.00 11.79 ? 26  THR A O   1 
ATOM   239  C CB  . THR A 1 26  ? 8.558   8.160   -1.667  1.00 11.65 ? 26  THR A CB  1 
ATOM   240  O OG1 . THR A 1 26  ? 9.181   6.889   -1.861  1.00 13.05 ? 26  THR A OG1 1 
ATOM   241  C CG2 . THR A 1 26  ? 7.057   7.947   -1.482  1.00 11.23 ? 26  THR A CG2 1 
ATOM   242  N N   . ILE A 1 27  ? 7.047   10.680  -2.883  1.00 10.42 ? 27  ILE A N   1 
ATOM   243  C CA  . ILE A 1 27  ? 6.441   11.964  -2.570  1.00 10.54 ? 27  ILE A CA  1 
ATOM   244  C C   . ILE A 1 27  ? 4.967   11.754  -2.256  1.00 10.82 ? 27  ILE A C   1 
ATOM   245  O O   . ILE A 1 27  ? 4.411   10.701  -2.565  1.00 11.36 ? 27  ILE A O   1 
ATOM   246  C CB  . ILE A 1 27  ? 6.611   12.977  -3.733  1.00 11.36 ? 27  ILE A CB  1 
ATOM   247  C CG1 . ILE A 1 27  ? 6.402   14.416  -3.235  1.00 12.84 ? 27  ILE A CG1 1 
ATOM   248  C CG2 . ILE A 1 27  ? 5.673   12.632  -4.890  1.00 13.13 ? 27  ILE A CG2 1 
ATOM   249  C CD1 . ILE A 1 27  ? 6.958   15.490  -4.178  1.00 14.24 ? 27  ILE A CD1 1 
ATOM   250  N N   . GLY A 1 28  ? 4.345   12.742  -1.626  1.00 10.81 ? 28  GLY A N   1 
ATOM   251  C CA  . GLY A 1 28  ? 2.913   12.717  -1.402  1.00 11.73 ? 28  GLY A CA  1 
ATOM   252  C C   . GLY A 1 28  ? 2.516   11.692  -0.365  1.00 12.06 ? 28  GLY A C   1 
ATOM   253  O O   . GLY A 1 28  ? 3.087   11.638  0.727   1.00 13.32 ? 28  GLY A O   1 
ATOM   254  N N   . ILE A 1 29  ? 1.527   10.879  -0.720  1.00 9.89  ? 29  ILE A N   1 
ATOM   255  C CA  . ILE A 1 29  ? 1.023   9.831   0.156   1.00 9.80  ? 29  ILE A CA  1 
ATOM   256  C C   . ILE A 1 29  ? 1.585   8.509   -0.349  1.00 10.12 ? 29  ILE A C   1 
ATOM   257  O O   . ILE A 1 29  ? 0.891   7.698   -0.952  1.00 11.45 ? 29  ILE A O   1 
ATOM   258  C CB  . ILE A 1 29  ? -0.514  9.850   0.188   1.00 11.44 ? 29  ILE A CB  1 
ATOM   259  C CG1 . ILE A 1 29  ? -0.995  11.249  0.593   1.00 12.87 ? 29  ILE A CG1 1 
ATOM   260  C CG2 . ILE A 1 29  ? -1.044  8.802   1.162   1.00 12.58 ? 29  ILE A CG2 1 
ATOM   261  C CD1 . ILE A 1 29  ? -2.456  11.527  0.303   1.00 17.91 ? 29  ILE A CD1 1 
ATOM   262  N N   . GLY A 1 30  ? 2.881   8.316   -0.129  1.00 10.22 ? 30  GLY A N   1 
ATOM   263  C CA  . GLY A 1 30  ? 3.540   7.080   -0.505  1.00 10.83 ? 30  GLY A CA  1 
ATOM   264  C C   . GLY A 1 30  ? 3.640   6.837   -1.999  1.00 10.08 ? 30  GLY A C   1 
ATOM   265  O O   . GLY A 1 30  ? 3.646   5.694   -2.441  1.00 12.61 ? 30  GLY A O   1 
ATOM   266  N N   . HIS A 1 31  ? 3.731   7.901   -2.791  1.00 10.01 ? 31  HIS A N   1 
ATOM   267  C CA  . HIS A 1 31  ? 3.919   7.710   -4.224  1.00 10.06 ? 31  HIS A CA  1 
ATOM   268  C C   . HIS A 1 31  ? 5.392   7.494   -4.551  1.00 10.12 ? 31  HIS A C   1 
ATOM   269  O O   . HIS A 1 31  ? 6.185   8.433   -4.516  1.00 11.71 ? 31  HIS A O   1 
ATOM   270  C CB  . HIS A 1 31  ? 3.389   8.891   -5.033  1.00 11.88 ? 31  HIS A CB  1 
ATOM   271  C CG  . HIS A 1 31  ? 3.545   8.696   -6.508  1.00 11.17 ? 31  HIS A CG  1 
ATOM   272  N ND1 . HIS A 1 31  ? 2.670   7.935   -7.249  1.00 13.68 ? 31  HIS A ND1 1 
ATOM   273  C CD2 . HIS A 1 31  ? 4.509   9.107   -7.366  1.00 12.69 ? 31  HIS A CD2 1 
ATOM   274  C CE1 . HIS A 1 31  ? 3.073   7.906   -8.508  1.00 14.25 ? 31  HIS A CE1 1 
ATOM   275  N NE2 . HIS A 1 31  ? 4.189   8.608   -8.605  1.00 14.93 ? 31  HIS A NE2 1 
ATOM   276  N N   . LEU A 1 32  ? 5.748   6.259   -4.871  1.00 10.93 ? 32  LEU A N   1 
ATOM   277  C CA  . LEU A 1 32  ? 7.118   5.925   -5.241  1.00 11.16 ? 32  LEU A CA  1 
ATOM   278  C C   . LEU A 1 32  ? 7.484   6.596   -6.558  1.00 11.39 ? 32  LEU A C   1 
ATOM   279  O O   . LEU A 1 32  ? 6.755   6.479   -7.546  1.00 14.02 ? 32  LEU A O   1 
ATOM   280  C CB  . LEU A 1 32  ? 7.266   4.410   -5.382  1.00 11.97 ? 32  LEU A CB  1 
ATOM   281  C CG  . LEU A 1 32  ? 8.616   3.898   -5.886  1.00 14.10 ? 32  LEU A CG  1 
ATOM   282  C CD1 . LEU A 1 32  ? 9.717   4.177   -4.877  1.00 14.26 ? 32  LEU A CD1 1 
ATOM   283  C CD2 . LEU A 1 32  ? 8.532   2.407   -6.186  1.00 18.03 ? 32  LEU A CD2 1 
ATOM   284  N N   . LEU A 1 33  ? 8.609   7.304   -6.579  1.00 11.85 ? 33  LEU A N   1 
ATOM   285  C CA  . LEU A 1 33  ? 9.037   7.969   -7.802  1.00 12.72 ? 33  LEU A CA  1 
ATOM   286  C C   . LEU A 1 33  ? 10.004  7.107   -8.601  1.00 13.97 ? 33  LEU A C   1 
ATOM   287  O O   . LEU A 1 33  ? 9.880   6.988   -9.820  1.00 16.93 ? 33  LEU A O   1 
ATOM   288  C CB  . LEU A 1 33  ? 9.671   9.315   -7.468  1.00 12.71 ? 33  LEU A CB  1 
ATOM   289  C CG  . LEU A 1 33  ? 8.671   10.366  -6.999  1.00 13.62 ? 33  LEU A CG  1 
ATOM   290  C CD1 . LEU A 1 33  ? 9.402   11.562  -6.406  1.00 12.55 ? 33  LEU A CD1 1 
ATOM   291  C CD2 . LEU A 1 33  ? 7.785   10.791  -8.161  1.00 12.49 ? 33  LEU A CD2 1 
ATOM   292  N N   . THR A 1 34  ? 10.964  6.505   -7.907  1.00 13.20 ? 34  THR A N   1 
ATOM   293  C CA  . THR A 1 34  ? 11.994  5.707   -8.559  1.00 15.82 ? 34  THR A CA  1 
ATOM   294  C C   . THR A 1 34  ? 12.793  4.951   -7.516  1.00 17.78 ? 34  THR A C   1 
ATOM   295  O O   . THR A 1 34  ? 12.857  5.356   -6.355  1.00 17.30 ? 34  THR A O   1 
ATOM   296  C CB  . THR A 1 34  ? 12.957  6.588   -9.387  1.00 19.01 ? 34  THR A CB  1 
ATOM   297  O OG1 . THR A 1 34  ? 13.903  5.750   -10.062 1.00 20.53 ? 34  THR A OG1 1 
ATOM   298  C CG2 . THR A 1 34  ? 13.708  7.565   -8.495  1.00 19.49 ? 34  THR A CG2 1 
ATOM   299  N N   . LYS A 1 35  ? 13.405  3.851   -7.931  1.00 17.15 ? 35  LYS A N   1 
ATOM   300  C CA  . LYS A 1 35  ? 14.315  3.128   -7.054  1.00 17.13 ? 35  LYS A CA  1 
ATOM   301  C C   . LYS A 1 35  ? 15.764  3.525   -7.332  1.00 19.74 ? 35  LYS A C   1 
ATOM   302  O O   . LYS A 1 35  ? 16.692  3.043   -6.679  1.00 23.97 ? 35  LYS A O   1 
ATOM   303  C CB  . LYS A 1 35  ? 14.109  1.617   -7.188  1.00 19.63 ? 35  LYS A CB  1 
ATOM   304  C CG  . LYS A 1 35  ? 12.785  1.140   -6.608  1.00 18.77 ? 35  LYS A CG  1 
ATOM   305  C CD  . LYS A 1 35  ? 12.663  -0.370  -6.697  1.00 25.31 ? 35  LYS A CD  1 
ATOM   306  C CE  . LYS A 1 35  ? 11.336  -0.842  -6.135  1.00 30.31 ? 35  LYS A CE  1 
ATOM   307  N NZ  . LYS A 1 35  ? 11.232  -2.325  -6.150  0.60 29.30 ? 35  LYS A NZ  1 
ATOM   308  N N   . SER A 1 36  ? 15.946  4.423   -8.293  1.00 19.96 ? 36  SER A N   1 
ATOM   309  C CA  . SER A 1 36  ? 17.272  4.953   -8.600  1.00 20.61 ? 36  SER A CA  1 
ATOM   310  C C   . SER A 1 36  ? 17.789  5.834   -7.470  1.00 25.47 ? 36  SER A C   1 
ATOM   311  O O   . SER A 1 36  ? 17.027  6.587   -6.869  1.00 20.09 ? 36  SER A O   1 
ATOM   312  C CB  . SER A 1 36  ? 17.232  5.766   -9.891  1.00 24.91 ? 36  SER A CB  1 
ATOM   313  O OG  . SER A 1 36  ? 18.426  6.513   -10.045 1.00 27.07 ? 36  SER A OG  1 
ATOM   314  N N   . PRO A 1 37  ? 19.097  5.749   -7.181  1.00 24.63 ? 37  PRO A N   1 
ATOM   315  C CA  . PRO A 1 37  ? 19.723  6.575   -6.140  1.00 20.47 ? 37  PRO A CA  1 
ATOM   316  C C   . PRO A 1 37  ? 19.821  8.054   -6.524  1.00 22.62 ? 37  PRO A C   1 
ATOM   317  O O   . PRO A 1 37  ? 20.201  8.889   -5.701  1.00 26.99 ? 37  PRO A O   1 
ATOM   318  C CB  . PRO A 1 37  ? 21.133  5.980   -6.018  1.00 27.12 ? 37  PRO A CB  1 
ATOM   319  C CG  . PRO A 1 37  ? 21.065  4.643   -6.688  1.00 35.11 ? 37  PRO A CG  1 
ATOM   320  C CD  . PRO A 1 37  ? 20.044  4.787   -7.765  1.00 27.36 ? 37  PRO A CD  1 
ATOM   321  N N   . SER A 1 38  ? 19.465  8.374   -7.762  1.00 22.76 ? 38  SER A N   1 
ATOM   322  C CA  . SER A 1 38  ? 19.612  9.732   -8.274  1.00 24.18 ? 38  SER A CA  1 
ATOM   323  C C   . SER A 1 38  ? 18.407  10.618  -7.964  1.00 20.55 ? 38  SER A C   1 
ATOM   324  O O   . SER A 1 38  ? 17.296  10.344  -8.418  1.00 18.49 ? 38  SER A O   1 
ATOM   325  C CB  . SER A 1 38  ? 19.849  9.703   -9.787  1.00 22.64 ? 38  SER A CB  1 
ATOM   326  O OG  . SER A 1 38  ? 19.741  11.004  -10.339 1.00 27.54 ? 38  SER A OG  1 
ATOM   327  N N   . LEU A 1 39  ? 18.633  11.688  -7.211  1.00 19.97 ? 39  LEU A N   1 
ATOM   328  C CA  . LEU A 1 39  ? 17.577  12.648  -6.929  1.00 17.77 ? 39  LEU A CA  1 
ATOM   329  C C   . LEU A 1 39  ? 17.107  13.312  -8.220  1.00 20.77 ? 39  LEU A C   1 
ATOM   330  O O   . LEU A 1 39  ? 15.928  13.649  -8.360  1.00 18.09 ? 39  LEU A O   1 
ATOM   331  C CB  . LEU A 1 39  ? 18.054  13.709  -5.932  1.00 20.16 ? 39  LEU A CB  1 
ATOM   332  C CG  . LEU A 1 39  ? 17.039  14.802  -5.590  1.00 19.76 ? 39  LEU A CG  1 
ATOM   333  C CD1 . LEU A 1 39  ? 15.774  14.191  -4.994  1.00 18.85 ? 39  LEU A CD1 1 
ATOM   334  C CD2 . LEU A 1 39  ? 17.635  15.837  -4.644  1.00 26.91 ? 39  LEU A CD2 1 
ATOM   335  N N   . ASN A 1 40  ? 18.024  13.507  -9.166  1.00 20.64 ? 40  ASN A N   1 
ATOM   336  C CA  . ASN A 1 40  ? 17.637  14.094  -10.443 1.00 18.15 ? 40  ASN A CA  1 
ATOM   337  C C   . ASN A 1 40  ? 16.658  13.192  -11.190 1.00 18.45 ? 40  ASN A C   1 
ATOM   338  O O   . ASN A 1 40  ? 15.682  13.669  -11.768 1.00 18.00 ? 40  ASN A O   1 
ATOM   339  C CB  . ASN A 1 40  ? 18.859  14.397  -11.314 1.00 26.15 ? 40  ASN A CB  1 
ATOM   340  C CG  . ASN A 1 40  ? 19.558  15.678  -10.910 1.00 31.76 ? 40  ASN A CG  1 
ATOM   341  O OD1 . ASN A 1 40  ? 18.977  16.534  -10.240 1.00 31.99 ? 40  ASN A OD1 1 
ATOM   342  N ND2 . ASN A 1 40  ? 20.812  15.822  -11.325 1.00 37.92 ? 40  ASN A ND2 1 
ATOM   343  N N   . ALA A 1 41  ? 16.925  11.890  -11.171 1.00 16.95 ? 41  ALA A N   1 
ATOM   344  C CA  . ALA A 1 41  ? 16.016  10.918  -11.769 1.00 15.99 ? 41  ALA A CA  1 
ATOM   345  C C   . ALA A 1 41  ? 14.644  10.987  -11.109 1.00 21.56 ? 41  ALA A C   1 
ATOM   346  O O   . ALA A 1 41  ? 13.616  10.946  -11.785 1.00 16.51 ? 41  ALA A O   1 
ATOM   347  C CB  . ALA A 1 41  ? 16.588  9.516   -11.670 1.00 18.60 ? 41  ALA A CB  1 
ATOM   348  N N   . ALA A 1 42  ? 14.627  11.096  -9.786  1.00 14.45 ? 42  ALA A N   1 
ATOM   349  C CA  . ALA A 1 42  ? 13.368  11.212  -9.061  1.00 13.24 ? 42  ALA A CA  1 
ATOM   350  C C   . ALA A 1 42  ? 12.612  12.488  -9.429  1.00 13.72 ? 42  ALA A C   1 
ATOM   351  O O   . ALA A 1 42  ? 11.394  12.466  -9.594  1.00 13.66 ? 42  ALA A O   1 
ATOM   352  C CB  . ALA A 1 42  ? 13.608  11.139  -7.554  1.00 15.05 ? 42  ALA A CB  1 
ATOM   353  N N   . LYS A 1 43  ? 13.333  13.600  -9.559  1.00 14.59 ? 43  LYS A N   1 
ATOM   354  C CA  . LYS A 1 43  ? 12.722  14.866  -9.947  1.00 13.32 ? 43  LYS A CA  1 
ATOM   355  C C   . LYS A 1 43  ? 12.142  14.798  -11.361 1.00 12.13 ? 43  LYS A C   1 
ATOM   356  O O   . LYS A 1 43  ? 11.082  15.368  -11.629 1.00 14.32 ? 43  LYS A O   1 
ATOM   357  C CB  . LYS A 1 43  ? 13.730  16.011  -9.834  1.00 16.03 ? 43  LYS A CB  1 
ATOM   358  C CG  . LYS A 1 43  ? 14.093  16.354  -8.403  1.00 17.08 ? 43  LYS A CG  1 
ATOM   359  C CD  . LYS A 1 43  ? 15.130  17.465  -8.347  1.00 20.87 ? 43  LYS A CD  1 
ATOM   360  C CE  . LYS A 1 43  ? 15.240  18.028  -6.939  1.00 26.98 ? 43  LYS A CE  1 
ATOM   361  N NZ  . LYS A 1 43  ? 16.251  19.116  -6.849  1.00 39.47 ? 43  LYS A NZ  1 
ATOM   362  N N   . SER A 1 44  ? 12.830  14.092  -12.249 1.00 13.25 ? 44  SER A N   1 
ATOM   363  C CA  . SER A 1 44  ? 12.318  13.897  -13.604 1.00 14.25 ? 44  SER A CA  1 
ATOM   364  C C   . SER A 1 44  ? 11.024  13.081  -13.572 1.00 13.93 ? 44  SER A C   1 
ATOM   365  O O   . SER A 1 44  ? 10.041  13.427  -14.227 1.00 14.15 ? 44  SER A O   1 
ATOM   366  C CB  . SER A 1 44  ? 13.354  13.202  -14.482 1.00 18.59 ? 44  SER A CB  1 
ATOM   367  O OG  . SER A 1 44  ? 12.870  13.075  -15.806 1.00 22.83 ? 44  SER A OG  1 
ATOM   368  N N   . GLU A 1 45  ? 11.017  12.004  -12.795 1.00 13.71 ? 45  GLU A N   1 
ATOM   369  C CA  . GLU A 1 45  ? 9.812   11.196  -12.664 1.00 12.50 ? 45  GLU A CA  1 
ATOM   370  C C   . GLU A 1 45  ? 8.674   12.015  -12.075 1.00 13.56 ? 45  GLU A C   1 
ATOM   371  O O   . GLU A 1 45  ? 7.526   11.904  -12.505 1.00 13.76 ? 45  GLU A O   1 
ATOM   372  C CB  . GLU A 1 45  ? 10.076  9.954   -11.807 1.00 12.63 ? 45  GLU A CB  1 
ATOM   373  C CG  . GLU A 1 45  ? 10.949  8.903   -12.482 1.00 13.61 ? 45  GLU A CG  1 
ATOM   374  C CD  . GLU A 1 45  ? 10.337  8.348   -13.762 1.00 20.10 ? 45  GLU A CD  1 
ATOM   375  O OE1 . GLU A 1 45  ? 9.178   7.873   -13.734 1.00 21.19 ? 45  GLU A OE1 1 
ATOM   376  O OE2 . GLU A 1 45  ? 11.023  8.386   -14.806 1.00 23.28 ? 45  GLU A OE2 1 
ATOM   377  N N   . LEU A 1 46  ? 8.990   12.851  -11.091 1.00 11.82 ? 46  LEU A N   1 
ATOM   378  C CA  . LEU A 1 46  ? 7.978   13.710  -10.499 1.00 12.33 ? 46  LEU A CA  1 
ATOM   379  C C   . LEU A 1 46  ? 7.361   14.655  -11.525 1.00 13.11 ? 46  LEU A C   1 
ATOM   380  O O   . LEU A 1 46  ? 6.144   14.791  -11.606 1.00 13.28 ? 46  LEU A O   1 
ATOM   381  C CB  . LEU A 1 46  ? 8.565   14.514  -9.343  1.00 12.58 ? 46  LEU A CB  1 
ATOM   382  C CG  . LEU A 1 46  ? 7.565   15.454  -8.676  1.00 12.57 ? 46  LEU A CG  1 
ATOM   383  C CD1 . LEU A 1 46  ? 6.363   14.681  -8.130  1.00 13.77 ? 46  LEU A CD1 1 
ATOM   384  C CD2 . LEU A 1 46  ? 8.234   16.259  -7.563  1.00 15.37 ? 46  LEU A CD2 1 
ATOM   385  N N   . ASP A 1 47  ? 8.207   15.322  -12.301 1.00 13.31 ? 47  ASP A N   1 
ATOM   386  C CA  . ASP A 1 47  ? 7.710   16.279  -13.275 1.00 12.42 ? 47  ASP A CA  1 
ATOM   387  C C   . ASP A 1 47  ? 6.818   15.591  -14.312 1.00 12.18 ? 47  ASP A C   1 
ATOM   388  O O   . ASP A 1 47  ? 5.780   16.136  -14.705 1.00 14.58 ? 47  ASP A O   1 
ATOM   389  C CB  . ASP A 1 47  ? 8.873   17.001  -13.951 1.00 14.59 ? 47  ASP A CB  1 
ATOM   390  C CG  . ASP A 1 47  ? 9.590   17.950  -13.013 1.00 20.40 ? 47  ASP A CG  1 
ATOM   391  O OD1 . ASP A 1 47  ? 9.122   18.136  -11.871 1.00 18.84 ? 47  ASP A OD1 1 
ATOM   392  O OD2 . ASP A 1 47  ? 10.613  18.532  -13.432 1.00 21.75 ? 47  ASP A OD2 1 
ATOM   393  N N   . LYS A 1 48  ? 7.223   14.399  -14.735 1.00 12.98 ? 48  LYS A N   1 
ATOM   394  C CA  . LYS A 1 48  ? 6.445   13.588  -15.672 1.00 14.57 ? 48  LYS A CA  1 
ATOM   395  C C   . LYS A 1 48  ? 5.093   13.192  -15.058 1.00 13.60 ? 48  LYS A C   1 
ATOM   396  O O   . LYS A 1 48  ? 4.058   13.232  -15.727 1.00 12.90 ? 48  LYS A O   1 
ATOM   397  C CB  . LYS A 1 48  ? 7.260   12.350  -16.075 1.00 15.52 ? 48  LYS A CB  1 
ATOM   398  C CG  . LYS A 1 48  ? 6.535   11.309  -16.914 1.00 18.16 ? 48  LYS A CG  1 
ATOM   399  C CD  . LYS A 1 48  ? 7.519   10.308  -17.544 1.00 16.48 ? 48  LYS A CD  1 
ATOM   400  C CE  . LYS A 1 48  ? 8.354   9.574   -16.515 1.00 20.46 ? 48  LYS A CE  1 
ATOM   401  N NZ  . LYS A 1 48  ? 7.660   8.382   -15.978 1.00 17.84 ? 48  LYS A NZ  1 
ATOM   402  N N   . ALA A 1 49  ? 5.099   12.831  -13.777 1.00 11.92 ? 49  ALA A N   1 
ATOM   403  C CA  . ALA A 1 49  ? 3.870   12.407  -13.102 1.00 12.28 ? 49  ALA A CA  1 
ATOM   404  C C   . ALA A 1 49  ? 2.869   13.543  -12.909 1.00 13.20 ? 49  ALA A C   1 
ATOM   405  O O   . ALA A 1 49  ? 1.661   13.343  -13.015 1.00 12.47 ? 49  ALA A O   1 
ATOM   406  C CB  . ALA A 1 49  ? 4.205   11.761  -11.757 1.00 12.64 ? 49  ALA A CB  1 
ATOM   407  N N   . ILE A 1 50  ? 3.375   14.736  -12.625 1.00 12.45 ? 50  ILE A N   1 
ATOM   408  C CA  . ILE A 1 50  ? 2.534   15.886  -12.326 1.00 12.87 ? 50  ILE A CA  1 
ATOM   409  C C   . ILE A 1 50  ? 2.186   16.703  -13.568 1.00 14.05 ? 50  ILE A C   1 
ATOM   410  O O   . ILE A 1 50  ? 1.145   17.355  -13.618 1.00 17.46 ? 50  ILE A O   1 
ATOM   411  C CB  . ILE A 1 50  ? 3.227   16.807  -11.293 1.00 13.54 ? 50  ILE A CB  1 
ATOM   412  C CG1 . ILE A 1 50  ? 3.568   16.006  -10.036 1.00 15.14 ? 50  ILE A CG1 1 
ATOM   413  C CG2 . ILE A 1 50  ? 2.362   18.010  -10.957 1.00 15.83 ? 50  ILE A CG2 1 
ATOM   414  C CD1 . ILE A 1 50  ? 2.358   15.376  -9.380  1.00 17.10 ? 50  ILE A CD1 1 
ATOM   415  N N   . GLY A 1 51  ? 3.068   16.674  -14.561 1.00 13.89 ? 51  GLY A N   1 
ATOM   416  C CA  . GLY A 1 51  ? 2.851   17.402  -15.801 1.00 14.57 ? 51  GLY A CA  1 
ATOM   417  C C   . GLY A 1 51  ? 3.353   18.835  -15.785 1.00 18.63 ? 51  GLY A C   1 
ATOM   418  O O   . GLY A 1 51  ? 2.892   19.669  -16.563 1.00 20.48 ? 51  GLY A O   1 
ATOM   419  N N   . ARG A 1 52  ? 4.288   19.128  -14.886 1.00 17.07 ? 52  ARG A N   1 
ATOM   420  C CA  . ARG A 1 52  ? 4.900   20.450  -14.819 1.00 17.15 ? 52  ARG A CA  1 
ATOM   421  C C   . ARG A 1 52  ? 6.242   20.320  -14.122 1.00 18.32 ? 52  ARG A C   1 
ATOM   422  O O   . ARG A 1 52  ? 6.549   19.276  -13.543 1.00 17.30 ? 52  ARG A O   1 
ATOM   423  C CB  . ARG A 1 52  ? 4.013   21.427  -14.050 1.00 17.59 ? 52  ARG A CB  1 
ATOM   424  C CG  . ARG A 1 52  ? 3.897   21.092  -12.569 1.00 15.70 ? 52  ARG A CG  1 
ATOM   425  C CD  . ARG A 1 52  ? 3.023   22.087  -11.816 1.00 19.48 ? 52  ARG A CD  1 
ATOM   426  N NE  . ARG A 1 52  ? 2.903   21.730  -10.402 1.00 19.81 ? 52  ARG A NE  1 
ATOM   427  C CZ  . ARG A 1 52  ? 3.735   22.143  -9.452  1.00 21.08 ? 52  ARG A CZ  1 
ATOM   428  N NH1 . ARG A 1 52  ? 4.754   22.940  -9.757  1.00 21.79 ? 52  ARG A NH1 1 
ATOM   429  N NH2 . ARG A 1 52  ? 3.552   21.760  -8.194  1.00 19.99 ? 52  ARG A NH2 1 
ATOM   430  N N   . ASN A 1 53  ? 7.050   21.373  -14.192 1.00 18.07 ? 53  ASN A N   1 
ATOM   431  C CA  A ASN A 1 53  ? 8.331   21.392  -13.502 0.60 17.36 ? 53  ASN A CA  1 
ATOM   432  C CA  B ASN A 1 53  ? 8.333   21.399  -13.507 0.40 17.50 ? 53  ASN A CA  1 
ATOM   433  C C   . ASN A 1 53  ? 8.140   21.735  -12.029 1.00 17.99 ? 53  ASN A C   1 
ATOM   434  O O   . ASN A 1 53  ? 7.880   22.884  -11.673 1.00 21.33 ? 53  ASN A O   1 
ATOM   435  C CB  A ASN A 1 53  ? 9.288   22.379  -14.171 0.60 22.68 ? 53  ASN A CB  1 
ATOM   436  C CB  B ASN A 1 53  ? 9.266   22.410  -14.177 0.40 22.69 ? 53  ASN A CB  1 
ATOM   437  C CG  A ASN A 1 53  ? 9.672   21.951  -15.573 0.60 22.42 ? 53  ASN A CG  1 
ATOM   438  C CG  B ASN A 1 53  ? 10.726  22.143  -13.878 0.40 24.88 ? 53  ASN A CG  1 
ATOM   439  O OD1 A ASN A 1 53  ? 9.807   20.761  -15.856 0.60 28.91 ? 53  ASN A OD1 1 
ATOM   440  O OD1 B ASN A 1 53  ? 11.116  21.981  -12.723 0.40 30.48 ? 53  ASN A OD1 1 
ATOM   441  N ND2 A ASN A 1 53  ? 9.846   22.922  -16.462 0.60 33.61 ? 53  ASN A ND2 1 
ATOM   442  N ND2 B ASN A 1 53  ? 11.541  22.084  -14.924 0.40 28.13 ? 53  ASN A ND2 1 
ATOM   443  N N   . CYS A 1 54  ? 8.267   20.719  -11.175 1.00 16.44 ? 54  CYS A N   1 
ATOM   444  C CA  . CYS A 1 54  ? 7.939   20.838  -9.754  1.00 18.92 ? 54  CYS A CA  1 
ATOM   445  C C   . CYS A 1 54  ? 9.112   21.196  -8.861  1.00 15.66 ? 54  CYS A C   1 
ATOM   446  O O   . CYS A 1 54  ? 8.914   21.642  -7.731  1.00 17.74 ? 54  CYS A O   1 
ATOM   447  C CB  . CYS A 1 54  ? 7.350   19.518  -9.240  1.00 14.89 ? 54  CYS A CB  1 
ATOM   448  S SG  . CYS A 1 54  ? 5.831   19.019  -10.059 1.00 18.04 ? 54  CYS A SG  1 
ATOM   449  N N   . ASN A 1 55  ? 10.320  20.951  -9.357  1.00 19.13 ? 55  ASN A N   1 
ATOM   450  C CA  . ASN A 1 55  ? 11.531  21.052  -8.549  1.00 23.36 ? 55  ASN A CA  1 
ATOM   451  C C   . ASN A 1 55  ? 11.410  20.346  -7.196  1.00 19.99 ? 55  ASN A C   1 
ATOM   452  O O   . ASN A 1 55  ? 11.862  20.855  -6.167  1.00 22.52 ? 55  ASN A O   1 
ATOM   453  C CB  . ASN A 1 55  ? 11.937  22.511  -8.350  1.00 23.87 ? 55  ASN A CB  1 
ATOM   454  C CG  . ASN A 1 55  ? 13.361  22.653  -7.841  1.00 27.95 ? 55  ASN A CG  1 
ATOM   455  O OD1 . ASN A 1 55  ? 14.222  21.813  -8.122  1.00 31.58 ? 55  ASN A OD1 1 
ATOM   456  N ND2 . ASN A 1 55  ? 13.612  23.708  -7.079  1.00 29.80 ? 55  ASN A ND2 1 
ATOM   457  N N   . GLY A 1 56  ? 10.787  19.172  -7.203  1.00 16.82 ? 56  GLY A N   1 
ATOM   458  C CA  . GLY A 1 56  ? 10.743  18.332  -6.017  1.00 15.85 ? 56  GLY A CA  1 
ATOM   459  C C   . GLY A 1 56  ? 9.680   18.655  -4.985  1.00 16.53 ? 56  GLY A C   1 
ATOM   460  O O   . GLY A 1 56  ? 9.705   18.106  -3.883  1.00 16.77 ? 56  GLY A O   1 
ATOM   461  N N   . VAL A 1 57  ? 8.746   19.531  -5.326  1.00 14.90 ? 57  VAL A N   1 
ATOM   462  C CA  A VAL A 1 57  ? 7.686   19.937  -4.413  0.50 15.25 ? 57  VAL A CA  1 
ATOM   463  C CA  B VAL A 1 57  ? 7.681   19.899  -4.407  0.50 15.33 ? 57  VAL A CA  1 
ATOM   464  C C   . VAL A 1 57  ? 6.340   19.945  -5.131  1.00 15.76 ? 57  VAL A C   1 
ATOM   465  O O   . VAL A 1 57  ? 6.252   20.392  -6.271  1.00 16.28 ? 57  VAL A O   1 
ATOM   466  C CB  A VAL A 1 57  ? 7.960   21.340  -3.837  0.50 21.55 ? 57  VAL A CB  1 
ATOM   467  C CB  B VAL A 1 57  ? 7.963   21.249  -3.712  0.50 21.28 ? 57  VAL A CB  1 
ATOM   468  C CG1 A VAL A 1 57  ? 6.803   21.798  -2.959  0.50 23.10 ? 57  VAL A CG1 1 
ATOM   469  C CG1 B VAL A 1 57  ? 8.053   22.368  -4.735  0.50 20.49 ? 57  VAL A CG1 1 
ATOM   470  C CG2 A VAL A 1 57  ? 9.270   21.350  -3.064  0.50 20.16 ? 57  VAL A CG2 1 
ATOM   471  C CG2 B VAL A 1 57  ? 6.894   21.551  -2.673  0.50 23.58 ? 57  VAL A CG2 1 
ATOM   472  N N   . ILE A 1 58  ? 5.298   19.452  -4.464  1.00 15.31 ? 58  ILE A N   1 
ATOM   473  C CA  . ILE A 1 58  ? 3.951   19.445  -5.033  1.00 13.30 ? 58  ILE A CA  1 
ATOM   474  C C   . ILE A 1 58  ? 2.951   20.024  -4.041  1.00 14.12 ? 58  ILE A C   1 
ATOM   475  O O   . ILE A 1 58  ? 3.278   20.242  -2.871  1.00 17.42 ? 58  ILE A O   1 
ATOM   476  C CB  . ILE A 1 58  ? 3.490   18.022  -5.464  1.00 12.35 ? 58  ILE A CB  1 
ATOM   477  C CG1 . ILE A 1 58  ? 3.420   17.077  -4.259  1.00 13.92 ? 58  ILE A CG1 1 
ATOM   478  C CG2 . ILE A 1 58  ? 4.404   17.473  -6.548  1.00 13.85 ? 58  ILE A CG2 1 
ATOM   479  C CD1 . ILE A 1 58  ? 2.942   15.670  -4.617  1.00 15.11 ? 58  ILE A CD1 1 
ATOM   480  N N   . THR A 1 59  ? 1.736   20.287  -4.515  1.00 14.19 ? 59  THR A N   1 
ATOM   481  C CA  . THR A 1 59  ? 0.670   20.766  -3.644  1.00 14.87 ? 59  THR A CA  1 
ATOM   482  C C   . THR A 1 59  ? -0.088  19.591  -3.040  1.00 17.42 ? 59  THR A C   1 
ATOM   483  O O   . THR A 1 59  ? 0.040   18.449  -3.499  1.00 15.48 ? 59  THR A O   1 
ATOM   484  C CB  . THR A 1 59  ? -0.341  21.619  -4.415  1.00 16.93 ? 59  THR A CB  1 
ATOM   485  O OG1 . THR A 1 59  ? -0.991  20.799  -5.393  1.00 17.59 ? 59  THR A OG1 1 
ATOM   486  C CG2 . THR A 1 59  ? 0.349   22.787  -5.103  1.00 19.44 ? 59  THR A CG2 1 
ATOM   487  N N   . LYS A 1 60  ? -0.889  19.867  -2.018  1.00 15.93 ? 60  LYS A N   1 
ATOM   488  C CA  . LYS A 1 60  ? -1.717  18.834  -1.420  1.00 15.35 ? 60  LYS A CA  1 
ATOM   489  C C   . LYS A 1 60  ? -2.679  18.240  -2.448  1.00 16.24 ? 60  LYS A C   1 
ATOM   490  O O   . LYS A 1 60  ? -2.871  17.023  -2.479  1.00 14.89 ? 60  LYS A O   1 
ATOM   491  C CB  . LYS A 1 60  ? -2.479  19.380  -0.210  1.00 17.36 ? 60  LYS A CB  1 
ATOM   492  C CG  . LYS A 1 60  ? -3.230  18.317  0.576   1.00 19.69 ? 60  LYS A CG  1 
ATOM   493  C CD  . LYS A 1 60  ? -3.836  18.903  1.845   1.00 26.04 ? 60  LYS A CD  1 
ATOM   494  C CE  . LYS A 1 60  ? -4.513  17.830  2.683   1.00 33.28 ? 60  LYS A CE  1 
ATOM   495  N N   . ASP A 1 61  ? -3.270  19.077  -3.305  1.00 16.92 ? 61  ASP A N   1 
ATOM   496  C CA  A ASP A 1 61  ? -4.185  18.589  -4.335  0.70 15.68 ? 61  ASP A CA  1 
ATOM   497  C CA  B ASP A 1 61  ? -4.190  18.554  -4.308  0.30 15.86 ? 61  ASP A CA  1 
ATOM   498  C C   . ASP A 1 61  ? -3.474  17.620  -5.275  1.00 15.96 ? 61  ASP A C   1 
ATOM   499  O O   . ASP A 1 61  ? -4.027  16.597  -5.671  1.00 15.08 ? 61  ASP A O   1 
ATOM   500  C CB  A ASP A 1 61  ? -4.770  19.746  -5.152  0.70 18.09 ? 61  ASP A CB  1 
ATOM   501  C CB  B ASP A 1 61  ? -4.904  19.667  -5.077  0.30 18.40 ? 61  ASP A CB  1 
ATOM   502  C CG  A ASP A 1 61  ? -5.632  20.676  -4.322  0.70 26.63 ? 61  ASP A CG  1 
ATOM   503  C CG  B ASP A 1 61  ? -5.946  19.124  -6.041  0.30 19.94 ? 61  ASP A CG  1 
ATOM   504  O OD1 A ASP A 1 61  ? -6.025  20.294  -3.201  0.70 28.76 ? 61  ASP A OD1 1 
ATOM   505  O OD1 B ASP A 1 61  ? -7.123  18.999  -5.642  0.30 23.29 ? 61  ASP A OD1 1 
ATOM   506  O OD2 A ASP A 1 61  ? -5.919  21.795  -4.798  0.70 35.05 ? 61  ASP A OD2 1 
ATOM   507  O OD2 B ASP A 1 61  ? -5.587  18.807  -7.196  0.30 20.32 ? 61  ASP A OD2 1 
ATOM   508  N N   . GLU A 1 62  ? -2.243  17.963  -5.646  1.00 14.13 ? 62  GLU A N   1 
ATOM   509  C CA  . GLU A 1 62  ? -1.461  17.099  -6.526  1.00 11.79 ? 62  GLU A CA  1 
ATOM   510  C C   . GLU A 1 62  ? -1.144  15.764  -5.850  1.00 11.48 ? 62  GLU A C   1 
ATOM   511  O O   . GLU A 1 62  ? -1.261  14.707  -6.467  1.00 12.74 ? 62  GLU A O   1 
ATOM   512  C CB  . GLU A 1 62  ? -0.188  17.810  -6.997  1.00 11.61 ? 62  GLU A CB  1 
ATOM   513  C CG  . GLU A 1 62  ? -0.489  18.863  -8.059  1.00 14.51 ? 62  GLU A CG  1 
ATOM   514  C CD  . GLU A 1 62  ? 0.649   19.827  -8.298  1.00 21.20 ? 62  GLU A CD  1 
ATOM   515  O OE1 . GLU A 1 62  ? 1.564   19.910  -7.454  1.00 16.45 ? 62  GLU A OE1 1 
ATOM   516  O OE2 . GLU A 1 62  ? 0.611   20.521  -9.338  1.00 19.16 ? 62  GLU A OE2 1 
ATOM   517  N N   . ALA A 1 63  ? -0.769  15.814  -4.577  1.00 12.00 ? 63  ALA A N   1 
ATOM   518  C CA  . ALA A 1 63  ? -0.520  14.591  -3.820  1.00 11.49 ? 63  ALA A CA  1 
ATOM   519  C C   . ALA A 1 63  ? -1.770  13.722  -3.777  1.00 11.62 ? 63  ALA A C   1 
ATOM   520  O O   . ALA A 1 63  ? -1.700  12.501  -3.927  1.00 11.38 ? 63  ALA A O   1 
ATOM   521  C CB  . ALA A 1 63  ? -0.056  14.929  -2.413  1.00 11.69 ? 63  ALA A CB  1 
ATOM   522  N N   . GLU A 1 64  ? -2.919  14.352  -3.562  1.00 11.04 ? 64  GLU A N   1 
ATOM   523  C CA  . GLU A 1 64  ? -4.166  13.605  -3.492  1.00 11.46 ? 64  GLU A CA  1 
ATOM   524  C C   . GLU A 1 64  ? -4.555  13.011  -4.846  1.00 9.84  ? 64  GLU A C   1 
ATOM   525  O O   . GLU A 1 64  ? -5.122  11.925  -4.907  1.00 11.91 ? 64  GLU A O   1 
ATOM   526  C CB  . GLU A 1 64  ? -5.273  14.469  -2.884  1.00 13.81 ? 64  GLU A CB  1 
ATOM   527  C CG  . GLU A 1 64  ? -5.052  14.688  -1.393  1.00 15.76 ? 64  GLU A CG  1 
ATOM   528  C CD  . GLU A 1 64  ? -5.931  15.766  -0.805  1.00 23.18 ? 64  GLU A CD  1 
ATOM   529  O OE1 . GLU A 1 64  ? -6.534  16.542  -1.580  1.00 25.34 ? 64  GLU A OE1 1 
ATOM   530  O OE2 . GLU A 1 64  ? -6.008  15.836  0.442   1.00 25.73 ? 64  GLU A OE2 1 
ATOM   531  N N   . LYS A 1 65  ? -4.209  13.695  -5.936  1.00 9.79  ? 65  LYS A N   1 
ATOM   532  C CA  . LYS A 1 65  ? -4.463  13.148  -7.260  1.00 10.31 ? 65  LYS A CA  1 
ATOM   533  C C   . LYS A 1 65  ? -3.612  11.909  -7.523  1.00 9.68  ? 65  LYS A C   1 
ATOM   534  O O   . LYS A 1 65  ? -4.120  10.899  -8.005  1.00 11.39 ? 65  LYS A O   1 
ATOM   535  C CB  . LYS A 1 65  ? -4.234  14.194  -8.352  1.00 12.26 ? 65  LYS A CB  1 
ATOM   536  C CG  . LYS A 1 65  ? -4.643  13.700  -9.728  1.00 14.65 ? 65  LYS A CG  1 
ATOM   537  C CD  . LYS A 1 65  ? -4.694  14.836  -10.735 1.00 17.79 ? 65  LYS A CD  1 
ATOM   538  C CE  . LYS A 1 65  ? -5.351  14.377  -12.026 1.00 23.42 ? 65  LYS A CE  1 
ATOM   539  N NZ  . LYS A 1 65  ? -5.455  15.502  -12.991 1.00 20.75 ? 65  LYS A NZ  1 
ATOM   540  N N   . LEU A 1 66  ? -2.319  11.980  -7.205  1.00 9.65  ? 66  LEU A N   1 
ATOM   541  C CA  . LEU A 1 66  ? -1.465  10.798  -7.331  1.00 9.91  ? 66  LEU A CA  1 
ATOM   542  C C   . LEU A 1 66  ? -2.013  9.656   -6.483  1.00 9.04  ? 66  LEU A C   1 
ATOM   543  O O   . LEU A 1 66  ? -1.987  8.504   -6.889  1.00 10.40 ? 66  LEU A O   1 
ATOM   544  C CB  . LEU A 1 66  ? -0.028  11.102  -6.893  1.00 11.31 ? 66  LEU A CB  1 
ATOM   545  C CG  . LEU A 1 66  ? 0.747   12.103  -7.758  1.00 12.33 ? 66  LEU A CG  1 
ATOM   546  C CD1 . LEU A 1 66  ? 2.137   12.351  -7.155  1.00 16.49 ? 66  LEU A CD1 1 
ATOM   547  C CD2 . LEU A 1 66  ? 0.845   11.622  -9.203  1.00 16.00 ? 66  LEU A CD2 1 
ATOM   548  N N   . PHE A 1 67  ? -2.507  9.989   -5.294  1.00 9.65  ? 67  PHE A N   1 
ATOM   549  C CA  . PHE A 1 67  ? -3.026  8.979   -4.375  1.00 9.71  ? 67  PHE A CA  1 
ATOM   550  C C   . PHE A 1 67  ? -4.252  8.294   -4.975  1.00 9.84  ? 67  PHE A C   1 
ATOM   551  O O   . PHE A 1 67  ? -4.368  7.061   -4.934  1.00 10.67 ? 67  PHE A O   1 
ATOM   552  C CB  . PHE A 1 67  ? -3.350  9.662   -3.043  1.00 9.98  ? 67  PHE A CB  1 
ATOM   553  C CG  . PHE A 1 67  ? -3.714  8.730   -1.910  1.00 9.28  ? 67  PHE A CG  1 
ATOM   554  C CD1 . PHE A 1 67  ? -3.099  7.497   -1.745  1.00 10.34 ? 67  PHE A CD1 1 
ATOM   555  C CD2 . PHE A 1 67  ? -4.646  9.139   -0.970  1.00 11.00 ? 67  PHE A CD2 1 
ATOM   556  C CE1 . PHE A 1 67  ? -3.446  6.675   -0.668  1.00 11.19 ? 67  PHE A CE1 1 
ATOM   557  C CE2 . PHE A 1 67  ? -4.992  8.326   0.099   1.00 11.85 ? 67  PHE A CE2 1 
ATOM   558  C CZ  . PHE A 1 67  ? -4.388  7.100   0.251   1.00 10.32 ? 67  PHE A CZ  1 
ATOM   559  N N   . ASN A 1 68  ? -5.160  9.078   -5.552  1.00 10.71 ? 68  ASN A N   1 
ATOM   560  C CA  A ASN A 1 68  ? -6.321  8.510   -6.227  0.80 10.89 ? 68  ASN A CA  1 
ATOM   561  C CA  B ASN A 1 68  ? -6.322  8.499   -6.210  0.20 11.00 ? 68  ASN A CA  1 
ATOM   562  C C   . ASN A 1 68  ? -5.892  7.558   -7.334  1.00 11.88 ? 68  ASN A C   1 
ATOM   563  O O   . ASN A 1 68  ? -6.417  6.450   -7.472  1.00 11.78 ? 68  ASN A O   1 
ATOM   564  C CB  A ASN A 1 68  ? -7.203  9.615   -6.817  0.80 12.28 ? 68  ASN A CB  1 
ATOM   565  C CB  B ASN A 1 68  ? -7.243  9.595   -6.748  0.20 12.32 ? 68  ASN A CB  1 
ATOM   566  C CG  A ASN A 1 68  ? -8.046  10.316  -5.772  0.80 16.66 ? 68  ASN A CG  1 
ATOM   567  C CG  B ASN A 1 68  ? -8.641  9.088   -7.046  0.20 14.69 ? 68  ASN A CG  1 
ATOM   568  O OD1 A ASN A 1 68  ? -8.501  9.700   -4.817  0.80 16.20 ? 68  ASN A OD1 1 
ATOM   569  O OD1 B ASN A 1 68  ? -8.851  7.891   -7.241  0.20 19.16 ? 68  ASN A OD1 1 
ATOM   570  N ND2 A ASN A 1 68  ? -8.266  11.613  -5.957  0.80 17.12 ? 68  ASN A ND2 1 
ATOM   571  N ND2 B ASN A 1 68  ? -9.606  9.999   -7.083  0.20 14.54 ? 68  ASN A ND2 1 
ATOM   572  N N   . GLN A 1 69  ? -4.924  7.994   -8.135  1.00 10.04 ? 69  GLN A N   1 
ATOM   573  C CA  . GLN A 1 69  ? -4.415  7.149   -9.208  1.00 10.45 ? 69  GLN A CA  1 
ATOM   574  C C   . GLN A 1 69  ? -3.787  5.872   -8.680  1.00 10.32 ? 69  GLN A C   1 
ATOM   575  O O   . GLN A 1 69  ? -3.970  4.799   -9.254  1.00 12.17 ? 69  GLN A O   1 
ATOM   576  C CB  . GLN A 1 69  ? -3.391  7.912   -10.040 1.00 10.22 ? 69  GLN A CB  1 
ATOM   577  C CG  . GLN A 1 69  ? -4.008  9.057   -10.809 1.00 10.59 ? 69  GLN A CG  1 
ATOM   578  C CD  . GLN A 1 69  ? -2.992  9.921   -11.519 1.00 12.17 ? 69  GLN A CD  1 
ATOM   579  O OE1 . GLN A 1 69  ? -3.337  10.802  -12.316 1.00 13.60 ? 69  GLN A OE1 1 
ATOM   580  N NE2 . GLN A 1 69  ? -1.733  9.672   -11.235 1.00 14.13 ? 69  GLN A NE2 1 
ATOM   581  N N   . ASP A 1 70  ? -3.049  5.988   -7.580  1.00 10.18 ? 70  ASP A N   1 
ATOM   582  C CA  . ASP A 1 70  ? -2.329  4.852   -7.023  1.00 10.93 ? 70  ASP A CA  1 
ATOM   583  C C   . ASP A 1 70  ? -3.259  3.825   -6.388  1.00 11.51 ? 70  ASP A C   1 
ATOM   584  O O   . ASP A 1 70  ? -3.040  2.621   -6.523  1.00 11.19 ? 70  ASP A O   1 
ATOM   585  C CB  . ASP A 1 70  ? -1.285  5.333   -6.008  1.00 11.09 ? 70  ASP A CB  1 
ATOM   586  C CG  . ASP A 1 70  ? -0.147  6.096   -6.661  1.00 15.56 ? 70  ASP A CG  1 
ATOM   587  O OD1 . ASP A 1 70  ? 0.039   5.965   -7.891  1.00 14.42 ? 70  ASP A OD1 1 
ATOM   588  O OD2 . ASP A 1 70  ? 0.564   6.830   -5.942  1.00 12.56 ? 70  ASP A OD2 1 
ATOM   589  N N   . VAL A 1 71  ? -4.299  4.297   -5.711  1.00 10.36 ? 71  VAL A N   1 
ATOM   590  C CA  . VAL A 1 71  ? -5.281  3.381   -5.136  1.00 10.20 ? 71  VAL A CA  1 
ATOM   591  C C   . VAL A 1 71  ? -6.029  2.666   -6.260  1.00 11.08 ? 71  VAL A C   1 
ATOM   592  O O   . VAL A 1 71  ? -6.205  1.443   -6.220  1.00 11.89 ? 71  VAL A O   1 
ATOM   593  C CB  . VAL A 1 71  ? -6.259  4.108   -4.189  1.00 10.28 ? 71  VAL A CB  1 
ATOM   594  C CG1 . VAL A 1 71  ? -7.384  3.170   -3.772  1.00 11.61 ? 71  VAL A CG1 1 
ATOM   595  C CG2 . VAL A 1 71  ? -5.515  4.606   -2.946  1.00 13.31 ? 71  VAL A CG2 1 
ATOM   596  N N   . ASP A 1 72  ? -6.443  3.431   -7.268  1.00 12.35 ? 72  ASP A N   1 
ATOM   597  C CA  . ASP A 1 72  ? -7.091  2.859   -8.447  1.00 13.09 ? 72  ASP A CA  1 
ATOM   598  C C   . ASP A 1 72  ? -6.200  1.774   -9.070  1.00 13.34 ? 72  ASP A C   1 
ATOM   599  O O   . ASP A 1 72  ? -6.664  0.667   -9.360  1.00 13.91 ? 72  ASP A O   1 
ATOM   600  C CB  . ASP A 1 72  ? -7.385  3.982   -9.450  1.00 13.63 ? 72  ASP A CB  1 
ATOM   601  C CG  . ASP A 1 72  ? -8.315  3.555   -10.570 0.60 23.53 ? 72  ASP A CG  1 
ATOM   602  O OD1 . ASP A 1 72  ? -9.175  4.371   -10.962 0.60 28.05 ? 72  ASP A OD1 1 
ATOM   603  O OD2 . ASP A 1 72  ? -8.179  2.426   -11.078 0.60 21.96 ? 72  ASP A OD2 1 
ATOM   604  N N   . ALA A 1 73  ? -4.918  2.083   -9.249  1.00 12.11 ? 73  ALA A N   1 
ATOM   605  C CA  . ALA A 1 73  ? -3.977  1.139   -9.834  1.00 12.77 ? 73  ALA A CA  1 
ATOM   606  C C   . ALA A 1 73  ? -3.839  -0.134  -9.001  1.00 12.72 ? 73  ALA A C   1 
ATOM   607  O O   . ALA A 1 73  ? -3.720  -1.231  -9.549  1.00 15.28 ? 73  ALA A O   1 
ATOM   608  C CB  . ALA A 1 73  ? -2.611  1.803   -10.040 1.00 16.26 ? 73  ALA A CB  1 
ATOM   609  N N   . ALA A 1 74  ? -3.852  0.005   -7.680  1.00 11.72 ? 74  ALA A N   1 
ATOM   610  C CA  . ALA A 1 74  ? -3.768  -1.156  -6.802  1.00 12.12 ? 74  ALA A CA  1 
ATOM   611  C C   . ALA A 1 74  ? -4.991  -2.052  -6.961  1.00 11.72 ? 74  ALA A C   1 
ATOM   612  O O   . ALA A 1 74  ? -4.861  -3.270  -7.049  1.00 13.93 ? 74  ALA A O   1 
ATOM   613  C CB  . ALA A 1 74  ? -3.609  -0.717  -5.364  1.00 12.85 ? 74  ALA A CB  1 
ATOM   614  N N   . VAL A 1 75  ? -6.172  -1.441  -6.994  1.00 11.06 ? 75  VAL A N   1 
ATOM   615  C CA  . VAL A 1 75  ? -7.395  -2.206  -7.187  1.00 13.37 ? 75  VAL A CA  1 
ATOM   616  C C   . VAL A 1 75  ? -7.394  -2.897  -8.544  1.00 15.18 ? 75  VAL A C   1 
ATOM   617  O O   . VAL A 1 75  ? -7.720  -4.079  -8.646  1.00 14.58 ? 75  VAL A O   1 
ATOM   618  C CB  . VAL A 1 75  ? -8.632  -1.317  -7.060  1.00 13.42 ? 75  VAL A CB  1 
ATOM   619  C CG1 . VAL A 1 75  ? -9.885  -2.101  -7.435  1.00 17.66 ? 75  VAL A CG1 1 
ATOM   620  C CG2 . VAL A 1 75  ? -8.741  -0.776  -5.646  1.00 13.92 ? 75  VAL A CG2 1 
ATOM   621  N N   . ARG A 1 76  ? -7.022  -2.165  -9.589  1.00 14.98 ? 76  ARG A N   1 
ATOM   622  C CA  . ARG A 1 76  ? -6.974  -2.755  -10.923 1.00 15.82 ? 76  ARG A CA  1 
ATOM   623  C C   . ARG A 1 76  ? -5.967  -3.893  -11.002 1.00 17.90 ? 76  ARG A C   1 
ATOM   624  O O   . ARG A 1 76  ? -6.209  -4.899  -11.678 1.00 20.33 ? 76  ARG A O   1 
ATOM   625  C CB  . ARG A 1 76  ? -6.645  -1.693  -11.969 1.00 20.36 ? 76  ARG A CB  1 
ATOM   626  C CG  . ARG A 1 76  ? -7.789  -0.758  -12.258 1.00 26.19 ? 76  ARG A CG  1 
ATOM   627  C CD  . ARG A 1 76  ? -7.560  -0.045  -13.574 0.60 32.35 ? 76  ARG A CD  1 
ATOM   628  N NE  . ARG A 1 76  ? -8.593  0.944   -13.847 0.60 32.16 ? 76  ARG A NE  1 
ATOM   629  C CZ  . ARG A 1 76  ? -9.728  0.683   -14.486 0.60 31.78 ? 76  ARG A CZ  1 
ATOM   630  N NH1 . ARG A 1 76  ? -9.985  -0.546  -14.917 0.60 31.16 ? 76  ARG A NH1 1 
ATOM   631  N NH2 . ARG A 1 76  ? -10.608 1.651   -14.691 0.60 27.88 ? 76  ARG A NH2 1 
ATOM   632  N N   . GLY A 1 77  ? -4.844  -3.743  -10.310 1.00 16.58 ? 77  GLY A N   1 
ATOM   633  C CA  . GLY A 1 77  ? -3.817  -4.768  -10.299 1.00 17.46 ? 77  GLY A CA  1 
ATOM   634  C C   . GLY A 1 77  ? -4.338  -6.049  -9.677  1.00 17.22 ? 77  GLY A C   1 
ATOM   635  O O   . GLY A 1 77  ? -4.051  -7.153  -10.147 1.00 20.39 ? 77  GLY A O   1 
ATOM   636  N N   . ILE A 1 78  ? -5.125  -5.903  -8.619  1.00 12.73 ? 78  ILE A N   1 
ATOM   637  C CA  . ILE A 1 78  ? -5.751  -7.049  -7.989  1.00 13.26 ? 78  ILE A CA  1 
ATOM   638  C C   . ILE A 1 78  ? -6.724  -7.737  -8.940  1.00 16.18 ? 78  ILE A C   1 
ATOM   639  O O   . ILE A 1 78  ? -6.702  -8.962  -9.088  1.00 14.26 ? 78  ILE A O   1 
ATOM   640  C CB  . ILE A 1 78  ? -6.481  -6.628  -6.709  1.00 11.96 ? 78  ILE A CB  1 
ATOM   641  C CG1 . ILE A 1 78  ? -5.459  -6.312  -5.615  1.00 11.94 ? 78  ILE A CG1 1 
ATOM   642  C CG2 . ILE A 1 78  ? -7.424  -7.730  -6.248  1.00 12.64 ? 78  ILE A CG2 1 
ATOM   643  C CD1 . ILE A 1 78  ? -6.056  -5.605  -4.417  1.00 14.22 ? 78  ILE A CD1 1 
ATOM   644  N N   . LEU A 1 79  ? -7.568  -6.947  -9.593  1.00 13.54 ? 79  LEU A N   1 
ATOM   645  C CA  . LEU A 1 79  ? -8.618  -7.514  -10.434 1.00 15.64 ? 79  LEU A CA  1 
ATOM   646  C C   . LEU A 1 79  ? -8.063  -8.203  -11.679 1.00 20.73 ? 79  LEU A C   1 
ATOM   647  O O   . LEU A 1 79  ? -8.688  -9.123  -12.209 1.00 21.99 ? 79  LEU A O   1 
ATOM   648  C CB  . LEU A 1 79  ? -9.654  -6.448  -10.807 1.00 17.88 ? 79  LEU A CB  1 
ATOM   649  C CG  . LEU A 1 79  ? -10.412 -5.833  -9.627  1.00 18.03 ? 79  LEU A CG  1 
ATOM   650  C CD1 . LEU A 1 79  ? -11.385 -4.758  -10.101 1.00 26.45 ? 79  LEU A CD1 1 
ATOM   651  C CD2 . LEU A 1 79  ? -11.134 -6.899  -8.810  1.00 23.10 ? 79  LEU A CD2 1 
ATOM   652  N N   . ARG A 1 80  ? -6.887  -7.776  -12.130 1.00 17.92 ? 80  ARG A N   1 
ATOM   653  C CA  . ARG A 1 80  ? -6.262  -8.364  -13.316 1.00 17.30 ? 80  ARG A CA  1 
ATOM   654  C C   . ARG A 1 80  ? -5.370  -9.563  -12.998 1.00 22.44 ? 80  ARG A C   1 
ATOM   655  O O   . ARG A 1 80  ? -4.896  -10.250 -13.905 1.00 24.55 ? 80  ARG A O   1 
ATOM   656  C CB  . ARG A 1 80  ? -5.447  -7.305  -14.069 1.00 23.12 ? 80  ARG A CB  1 
ATOM   657  N N   . ASN A 1 81  ? -5.143  -9.821  -11.714 1.00 17.37 ? 81  ASN A N   1 
ATOM   658  C CA  . ASN A 1 81  ? -4.213  -10.860 -11.301 1.00 16.47 ? 81  ASN A CA  1 
ATOM   659  C C   . ASN A 1 81  ? -4.941  -12.148 -10.949 1.00 16.56 ? 81  ASN A C   1 
ATOM   660  O O   . ASN A 1 81  ? -5.788  -12.167 -10.063 1.00 16.38 ? 81  ASN A O   1 
ATOM   661  C CB  . ASN A 1 81  ? -3.386  -10.374 -10.108 1.00 17.10 ? 81  ASN A CB  1 
ATOM   662  C CG  . ASN A 1 81  ? -2.300  -11.348 -9.718  1.00 19.97 ? 81  ASN A CG  1 
ATOM   663  O OD1 . ASN A 1 81  ? -2.569  -12.387 -9.113  1.00 20.18 ? 81  ASN A OD1 1 
ATOM   664  N ND2 . ASN A 1 81  ? -1.058  -11.013 -10.046 1.00 23.18 ? 81  ASN A ND2 1 
ATOM   665  N N   . ALA A 1 82  ? -4.602  -13.229 -11.643 1.00 17.66 ? 82  ALA A N   1 
ATOM   666  C CA  . ALA A 1 82  ? -5.328  -14.488 -11.491 1.00 20.31 ? 82  ALA A CA  1 
ATOM   667  C C   . ALA A 1 82  ? -5.236  -15.096 -10.093 1.00 17.43 ? 82  ALA A C   1 
ATOM   668  O O   . ALA A 1 82  ? -6.115  -15.860 -9.688  1.00 20.60 ? 82  ALA A O   1 
ATOM   669  C CB  . ALA A 1 82  ? -4.866  -15.494 -12.540 1.00 24.57 ? 82  ALA A CB  1 
ATOM   670  N N   . LYS A 1 83  ? -4.178  -14.768 -9.359  1.00 17.57 ? 83  LYS A N   1 
ATOM   671  C CA  . LYS A 1 83  ? -4.019  -15.274 -8.000  1.00 16.14 ? 83  LYS A CA  1 
ATOM   672  C C   . LYS A 1 83  ? -4.732  -14.393 -6.980  1.00 17.40 ? 83  LYS A C   1 
ATOM   673  O O   . LYS A 1 83  ? -5.269  -14.885 -5.984  1.00 22.32 ? 83  LYS A O   1 
ATOM   674  C CB  . LYS A 1 83  ? -2.538  -15.401 -7.636  1.00 23.80 ? 83  LYS A CB  1 
ATOM   675  C CG  . LYS A 1 83  ? -1.793  -16.446 -8.452  1.00 26.31 ? 83  LYS A CG  1 
ATOM   676  C CD  . LYS A 1 83  ? -0.317  -16.463 -8.103  0.50 26.70 ? 83  LYS A CD  1 
ATOM   677  N N   . LEU A 1 84  ? -4.759  -13.090 -7.236  1.00 13.40 ? 84  LEU A N   1 
ATOM   678  C CA  . LEU A 1 84  ? -5.302  -12.155 -6.260  1.00 13.16 ? 84  LEU A CA  1 
ATOM   679  C C   . LEU A 1 84  ? -6.807  -11.979 -6.380  1.00 11.87 ? 84  LEU A C   1 
ATOM   680  O O   . LEU A 1 84  ? -7.500  -11.894 -5.367  1.00 12.82 ? 84  LEU A O   1 
ATOM   681  C CB  . LEU A 1 84  ? -4.615  -10.793 -6.368  1.00 12.13 ? 84  LEU A CB  1 
ATOM   682  C CG  . LEU A 1 84  ? -3.108  -10.777 -6.106  1.00 13.12 ? 84  LEU A CG  1 
ATOM   683  C CD1 . LEU A 1 84  ? -2.573  -9.372  -6.313  1.00 15.74 ? 84  LEU A CD1 1 
ATOM   684  C CD2 . LEU A 1 84  ? -2.779  -11.275 -4.710  1.00 16.93 ? 84  LEU A CD2 1 
ATOM   685  N N   . LYS A 1 85  ? -7.324  -11.938 -7.603  1.00 12.73 ? 85  LYS A N   1 
ATOM   686  C CA  . LYS A 1 85  ? -8.745  -11.659 -7.784  1.00 11.81 ? 85  LYS A CA  1 
ATOM   687  C C   . LYS A 1 85  ? -9.673  -12.612 -7.019  1.00 13.26 ? 85  LYS A C   1 
ATOM   688  O O   . LYS A 1 85  ? -10.583 -12.153 -6.342  1.00 12.88 ? 85  LYS A O   1 
ATOM   689  C CB  . LYS A 1 85  ? -9.136  -11.607 -9.264  1.00 15.06 ? 85  LYS A CB  1 
ATOM   690  C CG  . LYS A 1 85  ? -10.581 -11.179 -9.463  1.00 17.60 ? 85  LYS A CG  1 
ATOM   691  C CD  . LYS A 1 85  ? -10.964 -11.123 -10.930 1.00 22.00 ? 85  LYS A CD  1 
ATOM   692  C CE  . LYS A 1 85  ? -12.348 -10.507 -11.107 1.00 27.05 ? 85  LYS A CE  1 
ATOM   693  N NZ  . LYS A 1 85  ? -13.413 -11.322 -10.471 1.00 36.44 ? 85  LYS A NZ  1 
ATOM   694  N N   . PRO A 1 86  ? -9.457  -13.934 -7.123  1.00 12.64 ? 86  PRO A N   1 
ATOM   695  C CA  . PRO A 1 86  ? -10.391 -14.815 -6.409  1.00 14.11 ? 86  PRO A CA  1 
ATOM   696  C C   . PRO A 1 86  ? -10.358 -14.615 -4.897  1.00 12.80 ? 86  PRO A C   1 
ATOM   697  O O   . PRO A 1 86  ? -11.396 -14.712 -4.246  1.00 14.92 ? 86  PRO A O   1 
ATOM   698  C CB  . PRO A 1 86  ? -9.933  -16.230 -6.793  1.00 15.29 ? 86  PRO A CB  1 
ATOM   699  C CG  . PRO A 1 86  ? -8.596  -16.066 -7.438  1.00 20.14 ? 86  PRO A CG  1 
ATOM   700  C CD  . PRO A 1 86  ? -8.542  -14.680 -7.999  1.00 14.69 ? 86  PRO A CD  1 
ATOM   701  N N   . VAL A 1 87  ? -9.188  -14.330 -4.335  1.00 11.66 ? 87  VAL A N   1 
ATOM   702  C CA  . VAL A 1 87  ? -9.111  -14.088 -2.899  1.00 12.39 ? 87  VAL A CA  1 
ATOM   703  C C   . VAL A 1 87  ? -9.830  -12.787 -2.561  1.00 10.99 ? 87  VAL A C   1 
ATOM   704  O O   . VAL A 1 87  ? -10.651 -12.726 -1.640  1.00 11.68 ? 87  VAL A O   1 
ATOM   705  C CB  . VAL A 1 87  ? -7.658  -14.021 -2.414  1.00 14.17 ? 87  VAL A CB  1 
ATOM   706  C CG1 . VAL A 1 87  ? -7.620  -13.877 -0.896  1.00 16.37 ? 87  VAL A CG1 1 
ATOM   707  C CG2 . VAL A 1 87  ? -6.903  -15.268 -2.855  1.00 19.96 ? 87  VAL A CG2 1 
ATOM   708  N N   . TYR A 1 88  ? -9.532  -11.740 -3.316  1.00 10.80 ? 88  TYR A N   1 
ATOM   709  C CA  . TYR A 1 88  ? -10.169 -10.455 -3.104  1.00 11.55 ? 88  TYR A CA  1 
ATOM   710  C C   . TYR A 1 88  ? -11.691 -10.569 -3.180  1.00 12.31 ? 88  TYR A C   1 
ATOM   711  O O   . TYR A 1 88  ? -12.402 -10.087 -2.298  1.00 12.49 ? 88  TYR A O   1 
ATOM   712  C CB  . TYR A 1 88  ? -9.624  -9.452  -4.126  1.00 11.57 ? 88  TYR A CB  1 
ATOM   713  C CG  . TYR A 1 88  ? -10.150 -8.042  -3.991  1.00 13.31 ? 88  TYR A CG  1 
ATOM   714  C CD1 . TYR A 1 88  ? -9.552  -7.133  -3.122  1.00 13.30 ? 88  TYR A CD1 1 
ATOM   715  C CD2 . TYR A 1 88  ? -11.233 -7.618  -4.741  1.00 17.53 ? 88  TYR A CD2 1 
ATOM   716  C CE1 . TYR A 1 88  ? -10.027 -5.837  -3.008  1.00 14.35 ? 88  TYR A CE1 1 
ATOM   717  C CE2 . TYR A 1 88  ? -11.713 -6.334  -4.633  1.00 18.36 ? 88  TYR A CE2 1 
ATOM   718  C CZ  . TYR A 1 88  ? -11.107 -5.448  -3.763  1.00 20.54 ? 88  TYR A CZ  1 
ATOM   719  O OH  . TYR A 1 88  ? -11.592 -4.166  -3.659  1.00 23.67 ? 88  TYR A OH  1 
ATOM   720  N N   . ASP A 1 89  ? -12.184 -11.241 -4.214  1.00 11.79 ? 89  ASP A N   1 
ATOM   721  C CA  . ASP A 1 89  ? -13.628 -11.398 -4.389  1.00 14.67 ? 89  ASP A CA  1 
ATOM   722  C C   . ASP A 1 89  ? -14.261 -12.159 -3.232  1.00 12.66 ? 89  ASP A C   1 
ATOM   723  O O   . ASP A 1 89  ? -15.422 -11.942 -2.904  1.00 14.89 ? 89  ASP A O   1 
ATOM   724  C CB  . ASP A 1 89  ? -13.939 -12.112 -5.702  1.00 15.64 ? 89  ASP A CB  1 
ATOM   725  C CG  . ASP A 1 89  ? -13.790 -11.209 -6.908  1.00 22.27 ? 89  ASP A CG  1 
ATOM   726  O OD1 . ASP A 1 89  ? -13.704 -9.977  -6.722  1.00 22.76 ? 89  ASP A OD1 1 
ATOM   727  O OD2 . ASP A 1 89  ? -13.765 -11.736 -8.038  1.00 25.47 ? 89  ASP A OD2 1 
ATOM   728  N N   . SER A 1 90  ? -13.492 -13.042 -2.603  1.00 11.04 ? 90  SER A N   1 
ATOM   729  C CA  . SER A 1 90  ? -14.011 -13.841 -1.493  1.00 12.14 ? 90  SER A CA  1 
ATOM   730  C C   . SER A 1 90  ? -14.134 -13.054 -0.190  1.00 10.32 ? 90  SER A C   1 
ATOM   731  O O   . SER A 1 90  ? -14.833 -13.473 0.737   1.00 11.70 ? 90  SER A O   1 
ATOM   732  C CB  . SER A 1 90  ? -13.135 -15.080 -1.268  1.00 12.57 ? 90  SER A CB  1 
ATOM   733  O OG  . SER A 1 90  ? -11.957 -14.768 -0.527  1.00 12.62 ? 90  SER A OG  1 
ATOM   734  N N   . LEU A 1 91  ? -13.450 -11.916 -0.115  1.00 10.90 ? 91  LEU A N   1 
ATOM   735  C CA  . LEU A 1 91  ? -13.359 -11.153 1.126   1.00 10.72 ? 91  LEU A CA  1 
ATOM   736  C C   . LEU A 1 91  ? -14.497 -10.168 1.312   1.00 10.96 ? 91  LEU A C   1 
ATOM   737  O O   . LEU A 1 91  ? -15.089 -9.693  0.343   1.00 13.13 ? 91  LEU A O   1 
ATOM   738  C CB  . LEU A 1 91  ? -12.042 -10.374 1.177   1.00 11.64 ? 91  LEU A CB  1 
ATOM   739  C CG  . LEU A 1 91  ? -10.754 -11.199 1.236   1.00 11.20 ? 91  LEU A CG  1 
ATOM   740  C CD1 . LEU A 1 91  ? -9.568  -10.268 1.047   1.00 13.37 ? 91  LEU A CD1 1 
ATOM   741  C CD2 . LEU A 1 91  ? -10.646 -11.941 2.545   1.00 12.64 ? 91  LEU A CD2 1 
ATOM   742  N N   . ASP A 1 92  ? -14.777 -9.865  2.575   1.00 12.06 ? 92  ASP A N   1 
ATOM   743  C CA  . ASP A 1 92  ? -15.658 -8.769  2.953   1.00 12.06 ? 92  ASP A CA  1 
ATOM   744  C C   . ASP A 1 92  ? -14.975 -7.423  2.721   1.00 15.02 ? 92  ASP A C   1 
ATOM   745  O O   . ASP A 1 92  ? -13.768 -7.358  2.457   1.00 12.25 ? 92  ASP A O   1 
ATOM   746  C CB  . ASP A 1 92  ? -15.978 -8.894  4.429   1.00 12.05 ? 92  ASP A CB  1 
ATOM   747  C CG  . ASP A 1 92  ? -14.731 -8.888  5.274   1.00 13.82 ? 92  ASP A CG  1 
ATOM   748  O OD1 . ASP A 1 92  ? -14.149 -9.972  5.468   1.00 14.39 ? 92  ASP A OD1 1 
ATOM   749  O OD2 . ASP A 1 92  ? -14.315 -7.783  5.701   1.00 15.80 ? 92  ASP A OD2 1 
ATOM   750  N N   . ALA A 1 93  ? -15.744 -6.346  2.839   1.00 14.42 ? 93  ALA A N   1 
ATOM   751  C CA  . ALA A 1 93  ? -15.259 -5.015  2.485   1.00 14.00 ? 93  ALA A CA  1 
ATOM   752  C C   . ALA A 1 93  ? -14.039 -4.559  3.280   1.00 13.21 ? 93  ALA A C   1 
ATOM   753  O O   . ALA A 1 93  ? -13.117 -3.953  2.721   1.00 16.10 ? 93  ALA A O   1 
ATOM   754  C CB  . ALA A 1 93  ? -16.388 -3.988  2.611   1.00 17.29 ? 93  ALA A CB  1 
ATOM   755  N N   . VAL A 1 94  ? -14.028 -4.824  4.579   1.00 11.62 ? 94  VAL A N   1 
ATOM   756  C CA  . VAL A 1 94  ? -12.921 -4.361  5.405   1.00 10.94 ? 94  VAL A CA  1 
ATOM   757  C C   . VAL A 1 94  ? -11.650 -5.121  5.048   1.00 11.09 ? 94  VAL A C   1 
ATOM   758  O O   . VAL A 1 94  ? -10.576 -4.528  4.875   1.00 10.50 ? 94  VAL A O   1 
ATOM   759  C CB  . VAL A 1 94  ? -13.243 -4.497  6.897   1.00 11.90 ? 94  VAL A CB  1 
ATOM   760  C CG1 . VAL A 1 94  ? -12.029 -4.121  7.733   1.00 13.81 ? 94  VAL A CG1 1 
ATOM   761  C CG2 . VAL A 1 94  ? -14.436 -3.608  7.247   1.00 16.93 ? 94  VAL A CG2 1 
ATOM   762  N N   . ARG A 1 95  ? -11.760 -6.433  4.894   1.00 9.90  ? 95  ARG A N   1 
ATOM   763  C CA  . ARG A 1 95  ? -10.593 -7.212  4.537   1.00 9.65  ? 95  ARG A CA  1 
ATOM   764  C C   . ARG A 1 95  ? -10.100 -6.883  3.129   1.00 10.22 ? 95  ARG A C   1 
ATOM   765  O O   . ARG A 1 95  ? -8.898  -6.957  2.862   1.00 9.75  ? 95  ARG A O   1 
ATOM   766  C CB  . ARG A 1 95  ? -10.875 -8.702  4.726   1.00 9.91  ? 95  ARG A CB  1 
ATOM   767  C CG  . ARG A 1 95  ? -11.067 -9.069  6.193   1.00 9.51  ? 95  ARG A CG  1 
ATOM   768  C CD  . ARG A 1 95  ? -11.156 -10.576 6.371   1.00 11.72 ? 95  ARG A CD  1 
ATOM   769  N NE  . ARG A 1 95  ? -11.147 -10.989 7.772   1.00 11.13 ? 95  ARG A NE  1 
ATOM   770  C CZ  . ARG A 1 95  ? -12.237 -11.200 8.509   1.00 10.94 ? 95  ARG A CZ  1 
ATOM   771  N NH1 . ARG A 1 95  ? -13.444 -11.016 7.995   1.00 12.76 ? 95  ARG A NH1 1 
ATOM   772  N NH2 . ARG A 1 95  ? -12.104 -11.597 9.770   1.00 12.13 ? 95  ARG A NH2 1 
ATOM   773  N N   . ARG A 1 96  ? -11.004 -6.488  2.236   1.00 10.07 ? 96  ARG A N   1 
ATOM   774  C CA  . ARG A 1 96  ? -10.588 -6.038  0.910   1.00 10.31 ? 96  ARG A CA  1 
ATOM   775  C C   . ARG A 1 96  ? -9.652  -4.841  1.021   1.00 10.27 ? 96  ARG A C   1 
ATOM   776  O O   . ARG A 1 96  ? -8.693  -4.723  0.255   1.00 11.12 ? 96  ARG A O   1 
ATOM   777  C CB  . ARG A 1 96  ? -11.797 -5.697  0.040   1.00 11.24 ? 96  ARG A CB  1 
ATOM   778  C CG  . ARG A 1 96  ? -12.465 -6.930  -0.525  1.00 11.50 ? 96  ARG A CG  1 
ATOM   779  C CD  . ARG A 1 96  ? -13.675 -6.577  -1.365  1.00 13.47 ? 96  ARG A CD  1 
ATOM   780  N NE  . ARG A 1 96  ? -14.314 -7.796  -1.844  1.00 15.90 ? 96  ARG A NE  1 
ATOM   781  C CZ  . ARG A 1 96  ? -15.499 -7.836  -2.435  1.00 18.40 ? 96  ARG A CZ  1 
ATOM   782  N NH1 . ARG A 1 96  ? -16.177 -6.714  -2.633  1.00 19.73 ? 96  ARG A NH1 1 
ATOM   783  N NH2 . ARG A 1 96  ? -16.003 -8.996  -2.834  1.00 16.47 ? 96  ARG A NH2 1 
ATOM   784  N N   . CYS A 1 97  ? -9.916  -3.968  1.986   1.00 10.49 ? 97  CYS A N   1 
ATOM   785  C CA  . CYS A 1 97  ? -9.038  -2.821  2.205   1.00 11.73 ? 97  CYS A CA  1 
ATOM   786  C C   . CYS A 1 97  ? -7.649  -3.252  2.643   1.00 10.40 ? 97  CYS A C   1 
ATOM   787  O O   . CYS A 1 97  ? -6.655  -2.674  2.211   1.00 9.74  ? 97  CYS A O   1 
ATOM   788  C CB  . CYS A 1 97  ? -9.621  -1.864  3.238   1.00 9.59  ? 97  CYS A CB  1 
ATOM   789  S SG  . CYS A 1 97  ? -11.086 -0.989  2.689   1.00 13.03 ? 97  CYS A SG  1 
ATOM   790  N N   . ALA A 1 98  ? -7.568  -4.270  3.493   1.00 9.17  ? 98  ALA A N   1 
ATOM   791  C CA  . ALA A 1 98  ? -6.273  -4.795  3.893   1.00 8.73  ? 98  ALA A CA  1 
ATOM   792  C C   . ALA A 1 98  ? -5.503  -5.314  2.682   1.00 9.75  ? 98  ALA A C   1 
ATOM   793  O O   . ALA A 1 98  ? -4.296  -5.102  2.572   1.00 10.07 ? 98  ALA A O   1 
ATOM   794  C CB  . ALA A 1 98  ? -6.443  -5.887  4.924   1.00 9.20  ? 98  ALA A CB  1 
ATOM   795  N N   . ALA A 1 99  ? -6.202  -5.972  1.765   1.00 9.58  ? 99  ALA A N   1 
ATOM   796  C CA  . ALA A 1 99  ? -5.571  -6.463  0.546   1.00 10.62 ? 99  ALA A CA  1 
ATOM   797  C C   . ALA A 1 99  ? -5.068  -5.326  -0.333  1.00 9.67  ? 99  ALA A C   1 
ATOM   798  O O   . ALA A 1 99  ? -3.953  -5.384  -0.853  1.00 10.66 ? 99  ALA A O   1 
ATOM   799  C CB  . ALA A 1 99  ? -6.541  -7.345  -0.231  1.00 10.91 ? 99  ALA A CB  1 
ATOM   800  N N   . ILE A 1 100 ? -5.892  -4.299  -0.505  1.00 9.12  ? 100 ILE A N   1 
ATOM   801  C CA  . ILE A 1 100 ? -5.481  -3.152  -1.298  1.00 9.68  ? 100 ILE A CA  1 
ATOM   802  C C   . ILE A 1 100 ? -4.262  -2.489  -0.654  1.00 9.14  ? 100 ILE A C   1 
ATOM   803  O O   . ILE A 1 100 ? -3.328  -2.083  -1.347  1.00 10.54 ? 100 ILE A O   1 
ATOM   804  C CB  . ILE A 1 100 ? -6.623  -2.145  -1.476  1.00 8.00  ? 100 ILE A CB  1 
ATOM   805  C CG1 . ILE A 1 100 ? -7.770  -2.788  -2.257  1.00 10.61 ? 100 ILE A CG1 1 
ATOM   806  C CG2 . ILE A 1 100 ? -6.116  -0.903  -2.201  1.00 10.78 ? 100 ILE A CG2 1 
ATOM   807  C CD1 . ILE A 1 100 ? -9.066  -2.004  -2.160  1.00 12.91 ? 100 ILE A CD1 1 
ATOM   808  N N   . ASN A 1 101 ? -4.263  -2.398  0.669   1.00 9.26  ? 101 ASN A N   1 
ATOM   809  C CA  . ASN A 1 101 ? -3.142  -1.804  1.392   1.00 9.62  ? 101 ASN A CA  1 
ATOM   810  C C   . ASN A 1 101 ? -1.840  -2.539  1.078   1.00 9.36  ? 101 ASN A C   1 
ATOM   811  O O   . ASN A 1 101 ? -0.830  -1.918  0.747   1.00 9.69  ? 101 ASN A O   1 
ATOM   812  C CB  . ASN A 1 101 ? -3.455  -1.813  2.897   1.00 9.16  ? 101 ASN A CB  1 
ATOM   813  C CG  . ASN A 1 101 ? -2.507  -0.955  3.708   1.00 9.63  ? 101 ASN A CG  1 
ATOM   814  O OD1 . ASN A 1 101 ? -1.290  -1.114  3.639   1.00 10.77 ? 101 ASN A OD1 1 
ATOM   815  N ND2 . ASN A 1 101 ? -3.065  -0.050  4.499   1.00 10.35 ? 101 ASN A ND2 1 
ATOM   816  N N   . MET A 1 102 ? -1.864  -3.866  1.148   1.00 9.43  ? 102 MET A N   1 
ATOM   817  C CA  . MET A 1 102 ? -0.670  -4.654  0.848   1.00 10.17 ? 102 MET A CA  1 
ATOM   818  C C   . MET A 1 102 ? -0.201  -4.447  -0.578  1.00 10.49 ? 102 MET A C   1 
ATOM   819  O O   . MET A 1 102 ? 0.993   -4.318  -0.829  1.00 10.39 ? 102 MET A O   1 
ATOM   820  C CB  . MET A 1 102 ? -0.917  -6.145  1.079   1.00 11.04 ? 102 MET A CB  1 
ATOM   821  C CG  . MET A 1 102 ? -1.008  -6.519  2.536   1.00 12.37 ? 102 MET A CG  1 
ATOM   822  S SD  . MET A 1 102 ? -1.026  -8.308  2.755   1.00 14.26 ? 102 MET A SD  1 
ATOM   823  C CE  . MET A 1 102 ? 0.696   -8.732  2.496   1.00 15.10 ? 102 MET A CE  1 
ATOM   824  N N   . VAL A 1 103 ? -1.135  -4.440  -1.520  1.00 10.67 ? 103 VAL A N   1 
ATOM   825  C CA  . VAL A 1 103 ? -0.770  -4.269  -2.922  1.00 10.73 ? 103 VAL A CA  1 
ATOM   826  C C   . VAL A 1 103 ? -0.212  -2.865  -3.161  1.00 9.87  ? 103 VAL A C   1 
ATOM   827  O O   . VAL A 1 103 ? 0.729   -2.683  -3.936  1.00 11.66 ? 103 VAL A O   1 
ATOM   828  C CB  . VAL A 1 103 ? -1.964  -4.582  -3.850  1.00 10.81 ? 103 VAL A CB  1 
ATOM   829  C CG1 . VAL A 1 103 ? -1.668  -4.155  -5.291  1.00 12.00 ? 103 VAL A CG1 1 
ATOM   830  C CG2 . VAL A 1 103 ? -2.292  -6.068  -3.788  1.00 12.65 ? 103 VAL A CG2 1 
ATOM   831  N N   . PHE A 1 104 ? -0.771  -1.871  -2.483  1.00 10.59 ? 104 PHE A N   1 
ATOM   832  C CA  . PHE A 1 104 ? -0.242  -0.513  -2.563  1.00 11.19 ? 104 PHE A CA  1 
ATOM   833  C C   . PHE A 1 104 ? 1.211   -0.472  -2.078  1.00 10.23 ? 104 PHE A C   1 
ATOM   834  O O   . PHE A 1 104 ? 2.078   0.142   -2.717  1.00 12.33 ? 104 PHE A O   1 
ATOM   835  C CB  . PHE A 1 104 ? -1.140  0.424   -1.749  1.00 10.64 ? 104 PHE A CB  1 
ATOM   836  C CG  . PHE A 1 104 ? -0.778  1.879   -1.853  1.00 9.80  ? 104 PHE A CG  1 
ATOM   837  C CD1 . PHE A 1 104 ? 0.278   2.392   -1.124  1.00 12.73 ? 104 PHE A CD1 1 
ATOM   838  C CD2 . PHE A 1 104 ? -1.535  2.739   -2.632  1.00 12.91 ? 104 PHE A CD2 1 
ATOM   839  C CE1 . PHE A 1 104 ? 0.600   3.739   -1.195  1.00 15.92 ? 104 PHE A CE1 1 
ATOM   840  C CE2 . PHE A 1 104 ? -1.222  4.091   -2.709  1.00 12.11 ? 104 PHE A CE2 1 
ATOM   841  C CZ  . PHE A 1 104 ? -0.151  4.585   -1.983  1.00 13.97 ? 104 PHE A CZ  1 
ATOM   842  N N   . GLN A 1 105 ? 1.494   -1.155  -0.972  1.00 9.60  ? 105 GLN A N   1 
ATOM   843  C CA  . GLN A 1 105 ? 2.833   -1.103  -0.395  1.00 10.71 ? 105 GLN A CA  1 
ATOM   844  C C   . GLN A 1 105 ? 3.869   -1.898  -1.185  1.00 13.88 ? 105 GLN A C   1 
ATOM   845  O O   . GLN A 1 105 ? 4.979   -1.416  -1.422  1.00 15.58 ? 105 GLN A O   1 
ATOM   846  C CB  . GLN A 1 105 ? 2.820   -1.592  1.059   1.00 11.73 ? 105 GLN A CB  1 
ATOM   847  C CG  . GLN A 1 105 ? 4.187   -1.455  1.733   1.00 12.27 ? 105 GLN A CG  1 
ATOM   848  C CD  . GLN A 1 105 ? 4.195   -1.913  3.173   1.00 12.19 ? 105 GLN A CD  1 
ATOM   849  O OE1 . GLN A 1 105 ? 3.186   -2.354  3.702   1.00 12.05 ? 105 GLN A OE1 1 
ATOM   850  N NE2 . GLN A 1 105 ? 5.354   -1.833  3.811   1.00 14.68 ? 105 GLN A NE2 1 
ATOM   851  N N   . MET A 1 106 ? 3.523   -3.109  -1.597  1.00 12.42 ? 106 MET A N   1 
ATOM   852  C CA  A MET A 1 106 ? 4.500   -4.038  -2.159  0.40 13.56 ? 106 MET A CA  1 
ATOM   853  C CA  B MET A 1 106 ? 4.532   -3.989  -2.174  0.60 13.55 ? 106 MET A CA  1 
ATOM   854  C C   . MET A 1 106 ? 4.284   -4.387  -3.625  1.00 13.74 ? 106 MET A C   1 
ATOM   855  O O   . MET A 1 106 ? 5.109   -5.076  -4.225  1.00 17.15 ? 106 MET A O   1 
ATOM   856  C CB  A MET A 1 106 ? 4.515   -5.327  -1.341  0.40 17.74 ? 106 MET A CB  1 
ATOM   857  C CB  B MET A 1 106 ? 4.732   -5.230  -1.297  0.60 18.66 ? 106 MET A CB  1 
ATOM   858  C CG  A MET A 1 106 ? 4.883   -5.125  0.111   0.40 16.68 ? 106 MET A CG  1 
ATOM   859  C CG  B MET A 1 106 ? 3.539   -6.152  -1.239  0.60 16.75 ? 106 MET A CG  1 
ATOM   860  S SD  A MET A 1 106 ? 4.963   -6.689  0.990   0.40 17.37 ? 106 MET A SD  1 
ATOM   861  S SD  B MET A 1 106 ? 3.827   -7.631  -0.247  0.60 20.22 ? 106 MET A SD  1 
ATOM   862  C CE  A MET A 1 106 ? 3.330   -7.334  0.661   0.40 16.63 ? 106 MET A CE  1 
ATOM   863  C CE  B MET A 1 106 ? 3.725   -6.970  1.415   0.60 16.44 ? 106 MET A CE  1 
ATOM   864  N N   . GLY A 1 107 ? 3.173   -3.939  -4.196  1.00 13.37 ? 107 GLY A N   1 
ATOM   865  C CA  . GLY A 1 107 ? 2.868   -4.253  -5.578  1.00 15.20 ? 107 GLY A CA  1 
ATOM   866  C C   . GLY A 1 107 ? 2.128   -5.567  -5.758  1.00 14.68 ? 107 GLY A C   1 
ATOM   867  O O   . GLY A 1 107 ? 2.191   -6.458  -4.907  1.00 14.46 ? 107 GLY A O   1 
ATOM   868  N N   . GLU A 1 108 ? 1.433   -5.673  -6.886  0.90 16.25 ? 108 GLU A N   1 
ATOM   869  C CA  . GLU A 1 108 ? 0.638   -6.847  -7.228  0.90 16.43 ? 108 GLU A CA  1 
ATOM   870  C C   . GLU A 1 108 ? 1.453   -8.142  -7.214  0.90 17.94 ? 108 GLU A C   1 
ATOM   871  O O   . GLU A 1 108 ? 1.048   -9.136  -6.616  0.90 17.60 ? 108 GLU A O   1 
ATOM   872  C CB  . GLU A 1 108 ? -0.001  -6.636  -8.606  0.90 22.29 ? 108 GLU A CB  1 
ATOM   873  C CG  . GLU A 1 108 ? -0.566  -7.884  -9.247  0.90 29.70 ? 108 GLU A CG  1 
ATOM   874  C CD  . GLU A 1 108 ? -0.798  -7.715  -10.738 0.90 31.58 ? 108 GLU A CD  1 
ATOM   875  O OE1 . GLU A 1 108 ? -0.885  -8.741  -11.446 0.90 34.57 ? 108 GLU A OE1 1 
ATOM   876  O OE2 . GLU A 1 108 ? -0.890  -6.558  -11.205 0.90 38.36 ? 108 GLU A OE2 1 
ATOM   877  N N   . THR A 1 109 ? 2.604   -8.132  -7.876  0.90 20.76 ? 109 THR A N   1 
ATOM   878  C CA  A THR A 1 109 ? 3.438   -9.323  -7.972  0.60 20.89 ? 109 THR A CA  1 
ATOM   879  C CA  B THR A 1 109 ? 3.426   -9.332  -7.968  0.30 20.93 ? 109 THR A CA  1 
ATOM   880  C C   . THR A 1 109 ? 3.932   -9.778  -6.599  0.90 19.78 ? 109 THR A C   1 
ATOM   881  O O   . THR A 1 109 ? 3.971   -10.974 -6.301  0.90 19.71 ? 109 THR A O   1 
ATOM   882  C CB  A THR A 1 109 ? 4.640   -9.085  -8.910  0.60 22.71 ? 109 THR A CB  1 
ATOM   883  C CB  B THR A 1 109 ? 4.609   -9.141  -8.938  0.30 22.80 ? 109 THR A CB  1 
ATOM   884  O OG1 A THR A 1 109 ? 4.164   -8.642  -10.187 0.60 28.66 ? 109 THR A OG1 1 
ATOM   885  O OG1 B THR A 1 109 ? 5.359   -7.981  -8.560  0.30 26.92 ? 109 THR A OG1 1 
ATOM   886  C CG2 A THR A 1 109 ? 5.444   -10.364 -9.091  0.60 23.27 ? 109 THR A CG2 1 
ATOM   887  C CG2 B THR A 1 109 ? 4.102   -8.968  -10.361 0.30 26.95 ? 109 THR A CG2 1 
ATOM   888  N N   . GLY A 1 110 ? 4.304   -8.815  -5.761  0.90 19.46 ? 110 GLY A N   1 
ATOM   889  C CA  . GLY A 1 110 ? 4.768   -9.130  -4.423  0.90 18.76 ? 110 GLY A CA  1 
ATOM   890  C C   . GLY A 1 110 ? 3.713   -9.842  -3.596  0.90 16.85 ? 110 GLY A C   1 
ATOM   891  O O   . GLY A 1 110 ? 3.982   -10.870 -2.975  0.90 18.02 ? 110 GLY A O   1 
ATOM   892  N N   . VAL A 1 111 ? 2.501   -9.298  -3.583  0.90 14.69 ? 111 VAL A N   1 
ATOM   893  C CA  . VAL A 1 111 ? 1.434   -9.892  -2.789  0.90 13.29 ? 111 VAL A CA  1 
ATOM   894  C C   . VAL A 1 111 ? 1.016   -11.248 -3.353  0.90 14.34 ? 111 VAL A C   1 
ATOM   895  O O   . VAL A 1 111 ? 0.717   -12.175 -2.596  0.90 14.37 ? 111 VAL A O   1 
ATOM   896  C CB  . VAL A 1 111 ? 0.212   -8.958  -2.697  0.90 14.08 ? 111 VAL A CB  1 
ATOM   897  C CG1 . VAL A 1 111 ? -0.891  -9.601  -1.875  0.90 15.77 ? 111 VAL A CG1 1 
ATOM   898  C CG2 . VAL A 1 111 ? 0.616   -7.624  -2.080  0.90 15.28 ? 111 VAL A CG2 1 
ATOM   899  N N   . ALA A 1 112 ? 1.017   -11.369 -4.678  0.90 14.97 ? 112 ALA A N   1 
ATOM   900  C CA  . ALA A 1 112 ? 0.613   -12.622 -5.315  0.90 17.39 ? 112 ALA A CA  1 
ATOM   901  C C   . ALA A 1 112 ? 1.554   -13.761 -4.926  0.90 20.30 ? 112 ALA A C   1 
ATOM   902  O O   . ALA A 1 112 ? 1.215   -14.940 -5.064  0.90 22.18 ? 112 ALA A O   1 
ATOM   903  C CB  . ALA A 1 112 ? 0.547   -12.458 -6.831  0.90 18.05 ? 112 ALA A CB  1 
ATOM   904  N N   . GLY A 1 113 ? 2.733   -13.407 -4.426  0.90 17.13 ? 113 GLY A N   1 
ATOM   905  C CA  . GLY A 1 113 ? 3.700   -14.395 -3.979  0.90 21.47 ? 113 GLY A CA  1 
ATOM   906  C C   . GLY A 1 113 ? 3.399   -14.982 -2.608  0.90 21.43 ? 113 GLY A C   1 
ATOM   907  O O   . GLY A 1 113 ? 4.010   -15.970 -2.200  0.90 22.17 ? 113 GLY A O   1 
ATOM   908  N N   . PHE A 1 114 ? 2.461   -14.370 -1.888  1.00 17.68 ? 114 PHE A N   1 
ATOM   909  C CA  . PHE A 1 114 ? 2.081   -14.832 -0.554  1.00 15.30 ? 114 PHE A CA  1 
ATOM   910  C C   . PHE A 1 114 ? 1.113   -16.015 -0.671  1.00 13.63 ? 114 PHE A C   1 
ATOM   911  O O   . PHE A 1 114 ? 0.020   -15.990 -0.115  1.00 15.65 ? 114 PHE A O   1 
ATOM   912  C CB  . PHE A 1 114 ? 1.414   -13.690 0.224   1.00 14.88 ? 114 PHE A CB  1 
ATOM   913  C CG  . PHE A 1 114 ? 2.381   -12.739 0.908   1.00 16.09 ? 114 PHE A CG  1 
ATOM   914  C CD1 . PHE A 1 114 ? 2.387   -12.614 2.290   1.00 17.35 ? 114 PHE A CD1 1 
ATOM   915  C CD2 . PHE A 1 114 ? 3.263   -11.962 0.172   1.00 19.13 ? 114 PHE A CD2 1 
ATOM   916  C CE1 . PHE A 1 114 ? 3.260   -11.740 2.931   1.00 19.45 ? 114 PHE A CE1 1 
ATOM   917  C CE2 . PHE A 1 114 ? 4.140   -11.083 0.810   1.00 21.16 ? 114 PHE A CE2 1 
ATOM   918  C CZ  . PHE A 1 114 ? 4.134   -10.975 2.185   1.00 19.23 ? 114 PHE A CZ  1 
ATOM   919  N N   . THR A 1 115 ? 1.532   -17.060 -1.376  1.00 16.33 ? 115 THR A N   1 
ATOM   920  C CA  . THR A 1 115 ? 0.641   -18.156 -1.748  1.00 17.34 ? 115 THR A CA  1 
ATOM   921  C C   . THR A 1 115 ? -0.104  -18.786 -0.573  1.00 14.33 ? 115 THR A C   1 
ATOM   922  O O   . THR A 1 115 ? -1.324  -18.957 -0.615  1.00 15.73 ? 115 THR A O   1 
ATOM   923  C CB  . THR A 1 115 ? 1.409   -19.249 -2.507  1.00 17.22 ? 115 THR A CB  1 
ATOM   924  O OG1 . THR A 1 115 ? 2.029   -18.665 -3.659  1.00 20.78 ? 115 THR A OG1 1 
ATOM   925  C CG2 . THR A 1 115 ? 0.465   -20.365 -2.941  1.00 20.83 ? 115 THR A CG2 1 
ATOM   926  N N   . ASN A 1 116 ? 0.619   -19.131 0.480   1.00 13.98 ? 116 ASN A N   1 
ATOM   927  C CA  . ASN A 1 116 ? -0.009  -19.798 1.606   1.00 14.47 ? 116 ASN A CA  1 
ATOM   928  C C   . ASN A 1 116 ? -0.961  -18.877 2.377   1.00 13.99 ? 116 ASN A C   1 
ATOM   929  O O   . ASN A 1 116 ? -2.052  -19.291 2.764   1.00 13.77 ? 116 ASN A O   1 
ATOM   930  C CB  . ASN A 1 116 ? 1.059   -20.440 2.493   1.00 16.28 ? 116 ASN A CB  1 
ATOM   931  C CG  . ASN A 1 116 ? 1.901   -21.454 1.722   1.00 29.54 ? 116 ASN A CG  1 
ATOM   932  O OD1 . ASN A 1 116 ? 1.367   -22.265 0.960   1.00 29.33 ? 116 ASN A OD1 1 
ATOM   933  N ND2 . ASN A 1 116 ? 3.220   -21.391 1.889   1.00 23.91 ? 116 ASN A ND2 1 
ATOM   934  N N   . SER A 1 117 ? -0.573  -17.617 2.550   1.00 12.53 ? 117 SER A N   1 
ATOM   935  C CA  . SER A 1 117 ? -1.447  -16.643 3.201   1.00 13.69 ? 117 SER A CA  1 
ATOM   936  C C   . SER A 1 117 ? -2.723  -16.424 2.397   1.00 11.77 ? 117 SER A C   1 
ATOM   937  O O   . SER A 1 117 ? -3.814  -16.352 2.961   1.00 12.27 ? 117 SER A O   1 
ATOM   938  C CB  . SER A 1 117 ? -0.732  -15.307 3.397   1.00 14.11 ? 117 SER A CB  1 
ATOM   939  O OG  . SER A 1 117 ? 0.191   -15.372 4.475   1.00 20.16 ? 117 SER A OG  1 
ATOM   940  N N   . LEU A 1 118 ? -2.578  -16.313 1.082   1.00 11.58 ? 118 LEU A N   1 
ATOM   941  C CA  . LEU A 1 118 ? -3.727  -16.122 0.207   1.00 12.77 ? 118 LEU A CA  1 
ATOM   942  C C   . LEU A 1 118 ? -4.710  -17.275 0.333   1.00 13.11 ? 118 LEU A C   1 
ATOM   943  O O   . LEU A 1 118 ? -5.921  -17.059 0.401   1.00 13.75 ? 118 LEU A O   1 
ATOM   944  C CB  . LEU A 1 118 ? -3.283  -15.964 -1.245  1.00 12.96 ? 118 LEU A CB  1 
ATOM   945  C CG  . LEU A 1 118 ? -2.563  -14.650 -1.566  1.00 14.83 ? 118 LEU A CG  1 
ATOM   946  C CD1 . LEU A 1 118 ? -1.931  -14.708 -2.949  1.00 15.91 ? 118 LEU A CD1 1 
ATOM   947  C CD2 . LEU A 1 118 ? -3.511  -13.458 -1.453  1.00 16.17 ? 118 LEU A CD2 1 
ATOM   948  N N   . ARG A 1 119 ? -4.192  -18.499 0.370   1.00 11.91 ? 119 ARG A N   1 
ATOM   949  C CA  . ARG A 1 119 ? -5.053  -19.662 0.521   1.00 13.65 ? 119 ARG A CA  1 
ATOM   950  C C   . ARG A 1 119 ? -5.800  -19.601 1.851   1.00 12.75 ? 119 ARG A C   1 
ATOM   951  O O   . ARG A 1 119 ? -7.001  -19.838 1.907   1.00 13.10 ? 119 ARG A O   1 
ATOM   952  C CB  . ARG A 1 119 ? -4.241  -20.957 0.435   1.00 15.07 ? 119 ARG A CB  1 
ATOM   953  C CG  . ARG A 1 119 ? -5.083  -22.223 0.545   1.00 20.14 ? 119 ARG A CG  1 
ATOM   954  C CD  . ARG A 1 119 ? -4.228  -23.470 0.373   1.00 28.13 ? 119 ARG A CD  1 
ATOM   955  N NE  . ARG A 1 119 ? -3.204  -23.578 1.410   1.00 38.63 ? 119 ARG A NE  1 
ATOM   956  N N   . MET A 1 120 ? -5.094  -19.277 2.927   1.00 11.55 ? 120 MET A N   1 
ATOM   957  C CA  A MET A 1 120 ? -5.738  -19.214 4.232   0.70 11.53 ? 120 MET A CA  1 
ATOM   958  C CA  B MET A 1 120 ? -5.708  -19.184 4.250   0.30 11.67 ? 120 MET A CA  1 
ATOM   959  C C   . MET A 1 120 ? -6.803  -18.123 4.278   1.00 11.19 ? 120 MET A C   1 
ATOM   960  O O   . MET A 1 120 ? -7.858  -18.308 4.885   1.00 11.93 ? 120 MET A O   1 
ATOM   961  C CB  A MET A 1 120 ? -4.708  -19.014 5.338   0.70 13.05 ? 120 MET A CB  1 
ATOM   962  C CB  B MET A 1 120 ? -4.653  -18.860 5.309   0.30 13.01 ? 120 MET A CB  1 
ATOM   963  C CG  A MET A 1 120 ? -3.735  -20.171 5.443   0.70 14.36 ? 120 MET A CG  1 
ATOM   964  C CG  B MET A 1 120 ? -3.608  -19.944 5.492   0.30 15.63 ? 120 MET A CG  1 
ATOM   965  S SD  A MET A 1 120 ? -2.408  -19.787 6.587   0.70 15.69 ? 120 MET A SD  1 
ATOM   966  S SD  B MET A 1 120 ? -4.322  -21.490 6.077   0.30 20.87 ? 120 MET A SD  1 
ATOM   967  C CE  A MET A 1 120 ? -1.329  -21.200 6.353   0.70 21.73 ? 120 MET A CE  1 
ATOM   968  C CE  B MET A 1 120 ? -2.845  -22.476 6.305   0.30 28.73 ? 120 MET A CE  1 
ATOM   969  N N   . LEU A 1 121 ? -6.538  -16.997 3.623   1.00 11.53 ? 121 LEU A N   1 
ATOM   970  C CA  . LEU A 1 121 ? -7.526  -15.930 3.552   1.00 11.10 ? 121 LEU A CA  1 
ATOM   971  C C   . LEU A 1 121 ? -8.757  -16.386 2.769   1.00 11.38 ? 121 LEU A C   1 
ATOM   972  O O   . LEU A 1 121 ? -9.884  -16.148 3.192   1.00 12.09 ? 121 LEU A O   1 
ATOM   973  C CB  . LEU A 1 121 ? -6.917  -14.667 2.926   1.00 10.01 ? 121 LEU A CB  1 
ATOM   974  C CG  . LEU A 1 121 ? -5.895  -13.925 3.796   1.00 10.02 ? 121 LEU A CG  1 
ATOM   975  C CD1 . LEU A 1 121 ? -5.233  -12.814 2.976   1.00 12.09 ? 121 LEU A CD1 1 
ATOM   976  C CD2 . LEU A 1 121 ? -6.548  -13.352 5.046   1.00 13.18 ? 121 LEU A CD2 1 
ATOM   977  N N   . GLN A 1 122 ? -8.541  -17.049 1.637   1.00 10.73 ? 122 GLN A N   1 
ATOM   978  C CA  . GLN A 1 122 ? -9.656  -17.549 0.836   1.00 13.55 ? 122 GLN A CA  1 
ATOM   979  C C   . GLN A 1 122 ? -10.489 -18.545 1.641   1.00 15.65 ? 122 GLN A C   1 
ATOM   980  O O   . GLN A 1 122 ? -11.716 -18.595 1.502   1.00 16.10 ? 122 GLN A O   1 
ATOM   981  C CB  . GLN A 1 122 ? -9.152  -18.176 -0.465  1.00 17.14 ? 122 GLN A CB  1 
ATOM   982  C CG  . GLN A 1 122 ? -10.229 -18.330 -1.540  1.00 23.93 ? 122 GLN A CG  1 
ATOM   983  C CD  . GLN A 1 122 ? -9.681  -18.153 -2.951  1.00 28.34 ? 122 GLN A CD  1 
ATOM   984  N N   . GLN A 1 123 ? -9.824  -19.319 2.494   1.00 13.05 ? 123 GLN A N   1 
ATOM   985  C CA  . GLN A 1 123 ? -10.498 -20.321 3.323   1.00 13.15 ? 123 GLN A CA  1 
ATOM   986  C C   . GLN A 1 123 ? -11.097 -19.725 4.596   1.00 13.96 ? 123 GLN A C   1 
ATOM   987  O O   . GLN A 1 123 ? -11.705 -20.441 5.399   1.00 14.92 ? 123 GLN A O   1 
ATOM   988  C CB  . GLN A 1 123 ? -9.520  -21.433 3.707   1.00 14.83 ? 123 GLN A CB  1 
ATOM   989  C CG  . GLN A 1 123 ? -9.114  -22.348 2.568   1.00 19.11 ? 123 GLN A CG  1 
ATOM   990  C CD  . GLN A 1 123 ? -8.002  -23.300 2.969   1.00 27.41 ? 123 GLN A CD  1 
ATOM   991  O OE1 . GLN A 1 123 ? -7.126  -22.951 3.764   1.00 29.89 ? 123 GLN A OE1 1 
ATOM   992  N NE2 . GLN A 1 123 ? -8.030  -24.506 2.422   1.00 41.31 ? 123 GLN A NE2 1 
ATOM   993  N N   . LYS A 1 124 ? -10.910 -18.422 4.787   1.00 12.50 ? 124 LYS A N   1 
ATOM   994  C CA  . LYS A 1 124 ? -11.397 -17.715 5.970   1.00 12.00 ? 124 LYS A CA  1 
ATOM   995  C C   . LYS A 1 124 ? -10.842 -18.277 7.273   1.00 12.60 ? 124 LYS A C   1 
ATOM   996  O O   . LYS A 1 124 ? -11.497 -18.260 8.316   1.00 12.92 ? 124 LYS A O   1 
ATOM   997  C CB  . LYS A 1 124 ? -12.925 -17.639 5.973   1.00 13.13 ? 124 LYS A CB  1 
ATOM   998  C CG  . LYS A 1 124 ? -13.464 -16.980 4.705   1.00 13.03 ? 124 LYS A CG  1 
ATOM   999  C CD  . LYS A 1 124 ? -14.916 -16.545 4.877   1.00 16.51 ? 124 LYS A CD  1 
ATOM   1000 C CE  . LYS A 1 124 ? -15.431 -15.857 3.622   1.00 15.50 ? 124 LYS A CE  1 
ATOM   1001 N NZ  . LYS A 1 124 ? -14.613 -14.664 3.266   1.00 14.32 ? 124 LYS A NZ  1 
ATOM   1002 N N   . ARG A 1 125 ? -9.608  -18.756 7.198   1.00 11.56 ? 125 ARG A N   1 
ATOM   1003 C CA  A ARG A 1 125 ? -8.887  -19.204 8.382   0.50 11.03 ? 125 ARG A CA  1 
ATOM   1004 C CA  B ARG A 1 125 ? -8.879  -19.208 8.376   0.50 11.03 ? 125 ARG A CA  1 
ATOM   1005 C C   . ARG A 1 125 ? -8.057  -18.025 8.878   1.00 10.06 ? 125 ARG A C   1 
ATOM   1006 O O   . ARG A 1 125 ? -6.844  -17.944 8.647   1.00 12.07 ? 125 ARG A O   1 
ATOM   1007 C CB  A ARG A 1 125 ? -8.027  -20.422 8.047   0.50 14.64 ? 125 ARG A CB  1 
ATOM   1008 C CB  B ARG A 1 125 ? -7.988  -20.397 8.015   0.50 14.58 ? 125 ARG A CB  1 
ATOM   1009 C CG  A ARG A 1 125 ? -8.863  -21.625 7.611   0.50 15.55 ? 125 ARG A CG  1 
ATOM   1010 C CG  B ARG A 1 125 ? -8.774  -21.619 7.543   0.50 15.67 ? 125 ARG A CG  1 
ATOM   1011 C CD  A ARG A 1 125 ? -8.009  -22.821 7.230   0.50 18.50 ? 125 ARG A CD  1 
ATOM   1012 C CD  B ARG A 1 125 ? -7.898  -22.605 6.785   0.50 18.58 ? 125 ARG A CD  1 
ATOM   1013 N NE  A ARG A 1 125 ? -8.829  -23.965 6.838   0.50 17.80 ? 125 ARG A NE  1 
ATOM   1014 N NE  B ARG A 1 125 ? -6.922  -23.263 7.649   0.50 23.86 ? 125 ARG A NE  1 
ATOM   1015 N N   . TRP A 1 126 ? -8.731  -17.109 9.562   1.00 10.88 ? 126 TRP A N   1 
ATOM   1016 C CA  . TRP A 1 126 ? -8.157  -15.795 9.841   1.00 10.91 ? 126 TRP A CA  1 
ATOM   1017 C C   . TRP A 1 126 ? -6.943  -15.810 10.752  1.00 12.43 ? 126 TRP A C   1 
ATOM   1018 O O   . TRP A 1 126 ? -5.960  -15.130 10.476  1.00 12.47 ? 126 TRP A O   1 
ATOM   1019 C CB  . TRP A 1 126 ? -9.216  -14.851 10.404  1.00 10.79 ? 126 TRP A CB  1 
ATOM   1020 C CG  . TRP A 1 126 ? -10.480 -14.777 9.594   1.00 11.65 ? 126 TRP A CG  1 
ATOM   1021 C CD1 . TRP A 1 126 ? -11.750 -15.009 10.047  1.00 12.85 ? 126 TRP A CD1 1 
ATOM   1022 C CD2 . TRP A 1 126 ? -10.610 -14.442 8.202   1.00 10.17 ? 126 TRP A CD2 1 
ATOM   1023 N NE1 . TRP A 1 126 ? -12.652 -14.831 9.031   1.00 12.48 ? 126 TRP A NE1 1 
ATOM   1024 C CE2 . TRP A 1 126 ? -11.982 -14.484 7.887   1.00 11.01 ? 126 TRP A CE2 1 
ATOM   1025 C CE3 . TRP A 1 126 ? -9.698  -14.108 7.194   1.00 10.34 ? 126 TRP A CE3 1 
ATOM   1026 C CZ2 . TRP A 1 126 ? -12.466 -14.204 6.614   1.00 12.11 ? 126 TRP A CZ2 1 
ATOM   1027 C CZ3 . TRP A 1 126 ? -10.180 -13.838 5.926   1.00 11.63 ? 126 TRP A CZ3 1 
ATOM   1028 C CH2 . TRP A 1 126 ? -11.553 -13.886 5.646   1.00 12.36 ? 126 TRP A CH2 1 
ATOM   1029 N N   . ASP A 1 127 ? -7.003  -16.570 11.839  1.00 13.15 ? 127 ASP A N   1 
ATOM   1030 C CA  . ASP A 1 127 ? -5.868  -16.614 12.755  1.00 12.52 ? 127 ASP A CA  1 
ATOM   1031 C C   . ASP A 1 127 ? -4.653  -17.245 12.089  1.00 12.94 ? 127 ASP A C   1 
ATOM   1032 O O   . ASP A 1 127 ? -3.526  -16.777 12.259  1.00 14.06 ? 127 ASP A O   1 
ATOM   1033 C CB  . ASP A 1 127 ? -6.218  -17.380 14.032  1.00 13.73 ? 127 ASP A CB  1 
ATOM   1034 C CG  . ASP A 1 127 ? -7.086  -16.578 14.980  1.00 20.04 ? 127 ASP A CG  1 
ATOM   1035 O OD1 . ASP A 1 127 ? -7.641  -15.542 14.563  1.00 23.97 ? 127 ASP A OD1 1 
ATOM   1036 O OD2 . ASP A 1 127 ? -7.237  -16.998 16.147  1.00 22.50 ? 127 ASP A OD2 1 
ATOM   1037 N N   . GLU A 1 128 ? -4.883  -18.306 11.327  1.00 13.02 ? 128 GLU A N   1 
ATOM   1038 C CA  . GLU A 1 128 ? -3.801  -18.969 10.621  1.00 13.27 ? 128 GLU A CA  1 
ATOM   1039 C C   . GLU A 1 128 ? -3.199  -18.041 9.574   1.00 13.16 ? 128 GLU A C   1 
ATOM   1040 O O   . GLU A 1 128 ? -1.981  -17.982 9.425   1.00 13.25 ? 128 GLU A O   1 
ATOM   1041 C CB  . GLU A 1 128 ? -4.298  -20.252 9.960   1.00 16.59 ? 128 GLU A CB  1 
ATOM   1042 C CG  . GLU A 1 128 ? -4.736  -21.309 10.961  1.00 21.31 ? 128 GLU A CG  1 
ATOM   1043 C CD  . GLU A 1 128 ? -5.231  -22.566 10.285  0.50 26.02 ? 128 GLU A CD  1 
ATOM   1044 O OE1 . GLU A 1 128 ? -4.396  -23.312 9.728   0.50 33.40 ? 128 GLU A OE1 1 
ATOM   1045 O OE2 . GLU A 1 128 ? -6.456  -22.805 10.307  0.50 30.61 ? 128 GLU A OE2 1 
ATOM   1046 N N   . ALA A 1 129 ? -4.051  -17.319 8.848   1.00 11.43 ? 129 ALA A N   1 
ATOM   1047 C CA  . ALA A 1 129 ? -3.566  -16.352 7.868   1.00 12.41 ? 129 ALA A CA  1 
ATOM   1048 C C   . ALA A 1 129 ? -2.707  -15.301 8.546   1.00 12.00 ? 129 ALA A C   1 
ATOM   1049 O O   . ALA A 1 129 ? -1.645  -14.938 8.041   1.00 11.98 ? 129 ALA A O   1 
ATOM   1050 C CB  . ALA A 1 129 ? -4.729  -15.692 7.150   1.00 11.93 ? 129 ALA A CB  1 
ATOM   1051 N N   . ALA A 1 130 ? -3.167  -14.815 9.690   1.00 10.69 ? 130 ALA A N   1 
ATOM   1052 C CA  . ALA A 1 130 ? -2.439  -13.781 10.414  1.00 11.96 ? 130 ALA A CA  1 
ATOM   1053 C C   . ALA A 1 130 ? -1.060  -14.261 10.839  1.00 13.72 ? 130 ALA A C   1 
ATOM   1054 O O   . ALA A 1 130 ? -0.073  -13.531 10.724  1.00 13.55 ? 130 ALA A O   1 
ATOM   1055 C CB  . ALA A 1 130 ? -3.240  -13.321 11.617  1.00 14.65 ? 130 ALA A CB  1 
ATOM   1056 N N   . VAL A 1 131 ? -0.988  -15.492 11.337  1.00 11.91 ? 131 VAL A N   1 
ATOM   1057 C CA  . VAL A 1 131 ? 0.296   -16.079 11.707  1.00 12.75 ? 131 VAL A CA  1 
ATOM   1058 C C   . VAL A 1 131 ? 1.212   -16.185 10.493  1.00 13.23 ? 131 VAL A C   1 
ATOM   1059 O O   . VAL A 1 131 ? 2.388   -15.828 10.551  1.00 15.47 ? 131 VAL A O   1 
ATOM   1060 C CB  . VAL A 1 131 ? 0.118   -17.469 12.352  1.00 13.34 ? 131 VAL A CB  1 
ATOM   1061 C CG1 . VAL A 1 131 ? 1.460   -18.174 12.495  1.00 17.32 ? 131 VAL A CG1 1 
ATOM   1062 C CG2 . VAL A 1 131 ? -0.562  -17.338 13.705  1.00 17.10 ? 131 VAL A CG2 1 
ATOM   1063 N N   . ASN A 1 132 ? 0.672   -16.668 9.382   1.00 11.68 ? 132 ASN A N   1 
ATOM   1064 C CA  . ASN A 1 132 ? 1.486   -16.851 8.192   1.00 11.86 ? 132 ASN A CA  1 
ATOM   1065 C C   . ASN A 1 132 ? 1.984   -15.526 7.620   1.00 12.24 ? 132 ASN A C   1 
ATOM   1066 O O   . ASN A 1 132 ? 3.128   -15.420 7.178   1.00 12.39 ? 132 ASN A O   1 
ATOM   1067 C CB  . ASN A 1 132 ? 0.714   -17.630 7.127   1.00 12.42 ? 132 ASN A CB  1 
ATOM   1068 C CG  . ASN A 1 132 ? 1.588   -18.019 5.954   1.00 15.82 ? 132 ASN A CG  1 
ATOM   1069 O OD1 . ASN A 1 132 ? 1.643   -17.323 4.937   1.00 16.40 ? 132 ASN A OD1 1 
ATOM   1070 N ND2 . ASN A 1 132 ? 2.297   -19.128 6.099   1.00 18.71 ? 132 ASN A ND2 1 
ATOM   1071 N N   . LEU A 1 133 ? 1.113   -14.520 7.613   1.00 11.10 ? 133 LEU A N   1 
ATOM   1072 C CA  . LEU A 1 133 ? 1.453   -13.211 7.065   1.00 11.35 ? 133 LEU A CA  1 
ATOM   1073 C C   . LEU A 1 133 ? 2.631   -12.581 7.792   1.00 11.52 ? 133 LEU A C   1 
ATOM   1074 O O   . LEU A 1 133 ? 3.411   -11.851 7.183   1.00 13.16 ? 133 LEU A O   1 
ATOM   1075 C CB  . LEU A 1 133 ? 0.236   -12.278 7.138   1.00 12.67 ? 133 LEU A CB  1 
ATOM   1076 C CG  . LEU A 1 133 ? -0.846  -12.492 6.076   1.00 11.12 ? 133 LEU A CG  1 
ATOM   1077 C CD1 . LEU A 1 133 ? -2.154  -11.830 6.470   1.00 11.93 ? 133 LEU A CD1 1 
ATOM   1078 C CD2 . LEU A 1 133 ? -0.370  -11.982 4.727   1.00 14.48 ? 133 LEU A CD2 1 
ATOM   1079 N N   . ALA A 1 134 ? 2.756   -12.868 9.085   1.00 11.34 ? 134 ALA A N   1 
ATOM   1080 C CA  . ALA A 1 134 ? 3.812   -12.279 9.905   1.00 11.91 ? 134 ALA A CA  1 
ATOM   1081 C C   . ALA A 1 134 ? 5.171   -12.932 9.671   1.00 11.99 ? 134 ALA A C   1 
ATOM   1082 O O   . ALA A 1 134 ? 6.200   -12.375 10.066  1.00 14.55 ? 134 ALA A O   1 
ATOM   1083 C CB  . ALA A 1 134 ? 3.438   -12.329 11.385  1.00 13.39 ? 134 ALA A CB  1 
ATOM   1084 N N   . LYS A 1 135 ? 5.174   -14.101 9.035   1.00 11.65 ? 135 LYS A N   1 
ATOM   1085 C CA  . LYS A 1 135 ? 6.424   -14.782 8.695   1.00 13.76 ? 135 LYS A CA  1 
ATOM   1086 C C   . LYS A 1 135 ? 6.943   -14.237 7.371   1.00 13.14 ? 135 LYS A C   1 
ATOM   1087 O O   . LYS A 1 135 ? 6.956   -14.928 6.360   1.00 14.48 ? 135 LYS A O   1 
ATOM   1088 C CB  . LYS A 1 135 ? 6.214   -16.294 8.610   1.00 14.24 ? 135 LYS A CB  1 
ATOM   1089 C CG  . LYS A 1 135 ? 5.767   -16.911 9.923   1.00 15.78 ? 135 LYS A CG  1 
ATOM   1090 C CD  . LYS A 1 135 ? 5.428   -18.382 9.755   1.00 19.98 ? 135 LYS A CD  1 
ATOM   1091 C CE  . LYS A 1 135 ? 4.851   -18.966 11.037  1.00 28.14 ? 135 LYS A CE  1 
ATOM   1092 N NZ  . LYS A 1 135 ? 4.414   -20.377 10.841  0.50 18.52 ? 135 LYS A NZ  1 
ATOM   1093 N N   . SER A 1 136 ? 7.363   -12.980 7.379   1.00 11.57 ? 136 SER A N   1 
ATOM   1094 C CA  . SER A 1 136 ? 7.665   -12.293 6.131   1.00 11.64 ? 136 SER A CA  1 
ATOM   1095 C C   . SER A 1 136 ? 8.659   -11.168 6.345   1.00 11.35 ? 136 SER A C   1 
ATOM   1096 O O   . SER A 1 136 ? 8.705   -10.566 7.420   1.00 11.31 ? 136 SER A O   1 
ATOM   1097 C CB  . SER A 1 136 ? 6.377   -11.712 5.528   1.00 10.87 ? 136 SER A CB  1 
ATOM   1098 O OG  . SER A 1 136 ? 5.801   -10.751 6.405   1.00 11.76 ? 136 SER A OG  1 
ATOM   1099 N N   . ARG A 1 137 ? 9.434   -10.860 5.313   1.00 10.35 ? 137 ARG A N   1 
ATOM   1100 C CA  . ARG A 1 137 ? 10.283  -9.682  5.365   1.00 10.56 ? 137 ARG A CA  1 
ATOM   1101 C C   . ARG A 1 137 ? 9.414   -8.459  5.615   1.00 11.72 ? 137 ARG A C   1 
ATOM   1102 O O   . ARG A 1 137 ? 9.776   -7.567  6.383   1.00 12.89 ? 137 ARG A O   1 
ATOM   1103 C CB  . ARG A 1 137 ? 11.073  -9.508  4.069   1.00 12.42 ? 137 ARG A CB  1 
ATOM   1104 C CG  . ARG A 1 137 ? 11.945  -8.259  4.110   1.00 13.08 ? 137 ARG A CG  1 
ATOM   1105 C CD  . ARG A 1 137 ? 12.722  -8.030  2.832   1.00 17.47 ? 137 ARG A CD  1 
ATOM   1106 N NE  . ARG A 1 137 ? 13.641  -6.902  2.991   1.00 18.06 ? 137 ARG A NE  1 
ATOM   1107 C CZ  . ARG A 1 137 ? 13.298  -5.628  2.826   1.00 22.90 ? 137 ARG A CZ  1 
ATOM   1108 N NH1 . ARG A 1 137 ? 12.056  -5.306  2.486   1.00 23.48 ? 137 ARG A NH1 1 
ATOM   1109 N NH2 . ARG A 1 137 ? 14.200  -4.671  3.001   1.00 21.55 ? 137 ARG A NH2 1 
ATOM   1110 N N   . TRP A 1 138 ? 8.256   -8.428  4.965   1.00 11.23 ? 138 TRP A N   1 
ATOM   1111 C CA  . TRP A 1 138 ? 7.307   -7.333  5.130   1.00 11.70 ? 138 TRP A CA  1 
ATOM   1112 C C   . TRP A 1 138 ? 7.068   -7.017  6.601   1.00 12.89 ? 138 TRP A C   1 
ATOM   1113 O O   . TRP A 1 138 ? 7.215   -5.873  7.044   1.00 13.47 ? 138 TRP A O   1 
ATOM   1114 C CB  . TRP A 1 138 ? 6.001   -7.739  4.454   1.00 11.62 ? 138 TRP A CB  1 
ATOM   1115 C CG  . TRP A 1 138 ? 4.838   -6.829  4.683   1.00 10.86 ? 138 TRP A CG  1 
ATOM   1116 C CD1 . TRP A 1 138 ? 4.767   -5.492  4.402   1.00 13.60 ? 138 TRP A CD1 1 
ATOM   1117 C CD2 . TRP A 1 138 ? 3.553   -7.204  5.191   1.00 9.56  ? 138 TRP A CD2 1 
ATOM   1118 N NE1 . TRP A 1 138 ? 3.519   -5.010  4.727   1.00 12.39 ? 138 TRP A NE1 1 
ATOM   1119 C CE2 . TRP A 1 138 ? 2.753   -6.042  5.204   1.00 9.95  ? 138 TRP A CE2 1 
ATOM   1120 C CE3 . TRP A 1 138 ? 3.002   -8.408  5.639   1.00 10.83 ? 138 TRP A CE3 1 
ATOM   1121 C CZ2 . TRP A 1 138 ? 1.434   -6.048  5.645   1.00 10.24 ? 138 TRP A CZ2 1 
ATOM   1122 C CZ3 . TRP A 1 138 ? 1.691   -8.415  6.081   1.00 12.46 ? 138 TRP A CZ3 1 
ATOM   1123 C CH2 . TRP A 1 138 ? 0.919   -7.237  6.082   1.00 10.79 ? 138 TRP A CH2 1 
ATOM   1124 N N   . TYR A 1 139 ? 6.701   -8.037  7.363   1.00 10.83 ? 139 TYR A N   1 
ATOM   1125 C CA  . TYR A 1 139 ? 6.406   -7.855  8.772   1.00 9.95  ? 139 TYR A CA  1 
ATOM   1126 C C   . TYR A 1 139 ? 7.648   -7.398  9.535   1.00 13.26 ? 139 TYR A C   1 
ATOM   1127 O O   . TYR A 1 139 ? 7.585   -6.481  10.351  1.00 15.48 ? 139 TYR A O   1 
ATOM   1128 C CB  . TYR A 1 139 ? 5.851   -9.161  9.349   1.00 12.64 ? 139 TYR A CB  1 
ATOM   1129 C CG  . TYR A 1 139 ? 5.544   -9.135  10.824  1.00 14.12 ? 139 TYR A CG  1 
ATOM   1130 C CD1 . TYR A 1 139 ? 4.308   -8.710  11.288  1.00 15.38 ? 139 TYR A CD1 1 
ATOM   1131 C CD2 . TYR A 1 139 ? 6.484   -9.565  11.749  1.00 21.07 ? 139 TYR A CD2 1 
ATOM   1132 C CE1 . TYR A 1 139 ? 4.020   -8.700  12.636  1.00 21.91 ? 139 TYR A CE1 1 
ATOM   1133 C CE2 . TYR A 1 139 ? 6.205   -9.562  13.101  1.00 24.77 ? 139 TYR A CE2 1 
ATOM   1134 C CZ  . TYR A 1 139 ? 4.971   -9.126  13.538  1.00 29.21 ? 139 TYR A CZ  1 
ATOM   1135 O OH  . TYR A 1 139 ? 4.688   -9.115  14.884  1.00 44.70 ? 139 TYR A OH  1 
ATOM   1136 N N   . ASN A 1 140 ? 8.782   -8.030  9.271   1.00 10.63 ? 140 ASN A N   1 
ATOM   1137 C CA  . ASN A 1 140 ? 9.991   -7.689  10.007  1.00 12.79 ? 140 ASN A CA  1 
ATOM   1138 C C   . ASN A 1 140 ? 10.503  -6.278  9.717   1.00 13.95 ? 140 ASN A C   1 
ATOM   1139 O O   . ASN A 1 140 ? 11.009  -5.594  10.611  1.00 14.41 ? 140 ASN A O   1 
ATOM   1140 C CB  . ASN A 1 140 ? 11.080  -8.722  9.734   1.00 13.34 ? 140 ASN A CB  1 
ATOM   1141 C CG  . ASN A 1 140 ? 10.830  -10.019 10.461  1.00 16.45 ? 140 ASN A CG  1 
ATOM   1142 O OD1 . ASN A 1 140 ? 10.346  -10.998 9.882   1.00 19.33 ? 140 ASN A OD1 1 
ATOM   1143 N ND2 . ASN A 1 140 ? 11.140  -10.034 11.753  1.00 17.96 ? 140 ASN A ND2 1 
ATOM   1144 N N   . GLN A 1 141 ? 10.323  -5.842  8.499   1.00 10.77 ? 141 GLN A N   1 
ATOM   1145 C CA  A GLN A 1 141 ? 10.855  -4.511  8.106   0.70 11.02 ? 141 GLN A CA  1 
ATOM   1146 C CA  B GLN A 1 141 ? 10.794  -4.566  8.118   0.30 11.12 ? 141 GLN A CA  1 
ATOM   1147 C C   . GLN A 1 141 ? 9.878   -3.376  8.448   1.00 13.35 ? 141 GLN A C   1 
ATOM   1148 O O   . GLN A 1 141 ? 10.294  -2.339  8.779   1.00 14.65 ? 141 GLN A O   1 
ATOM   1149 C CB  A GLN A 1 141 ? 11.220  -4.474  6.620   0.70 13.60 ? 141 GLN A CB  1 
ATOM   1150 C CB  B GLN A 1 141 ? 11.137  -4.628  6.639   0.30 13.77 ? 141 GLN A CB  1 
ATOM   1151 C CG  A GLN A 1 141 ? 12.266  -5.520  6.211   0.70 11.54 ? 141 GLN A CG  1 
ATOM   1152 C CG  B GLN A 1 141 ? 11.807  -3.545  6.078   0.30 17.94 ? 141 GLN A CG  1 
ATOM   1153 C CD  A GLN A 1 141 ? 13.580  -5.410  6.974   0.70 12.42 ? 141 GLN A CD  1 
ATOM   1154 C CD  B GLN A 1 141 ? 13.337  -3.449  6.299   0.30 19.30 ? 141 GLN A CD  1 
ATOM   1155 O OE1 A GLN A 1 141 ? 14.093  -6.411  7.493   0.70 13.24 ? 141 GLN A OE1 1 
ATOM   1156 O OE1 B GLN A 1 141 ? 14.023  -4.298  6.928   0.30 18.12 ? 141 GLN A OE1 1 
ATOM   1157 N NE2 A GLN A 1 141 ? 14.132  -4.203  7.039   0.70 17.60 ? 141 GLN A NE2 1 
ATOM   1158 N NE2 B GLN A 1 141 ? 13.883  -2.298  5.708   0.30 22.24 ? 141 GLN A NE2 1 
ATOM   1159 N N   . THR A 1 142 ? 8.599   -3.592  8.375   1.00 12.17 ? 142 THR A N   1 
ATOM   1160 C CA  . THR A 1 142 ? 7.619   -2.575  8.775   1.00 12.56 ? 142 THR A CA  1 
ATOM   1161 C C   . THR A 1 142 ? 6.603   -3.210  9.716   1.00 13.03 ? 142 THR A C   1 
ATOM   1162 O O   . THR A 1 142 ? 5.442   -3.399  9.353   1.00 11.86 ? 142 THR A O   1 
ATOM   1163 C CB  . THR A 1 142 ? 6.899   -1.912  7.561   1.00 11.22 ? 142 THR A CB  1 
ATOM   1164 O OG1 . THR A 1 142 ? 6.319   -2.920  6.722   1.00 14.44 ? 142 THR A OG1 1 
ATOM   1165 C CG2 . THR A 1 142 ? 7.880   -1.105  6.727   1.00 12.07 ? 142 THR A CG2 1 
ATOM   1166 N N   . PRO A 1 143 ? 7.035   -3.553  10.938  1.00 11.46 ? 143 PRO A N   1 
ATOM   1167 C CA  . PRO A 1 143 ? 6.165   -4.333  11.822  1.00 10.75 ? 143 PRO A CA  1 
ATOM   1168 C C   . PRO A 1 143 ? 4.926   -3.589  12.299  1.00 11.08 ? 143 PRO A C   1 
ATOM   1169 O O   . PRO A 1 143 ? 3.876   -4.210  12.413  1.00 11.46 ? 143 PRO A O   1 
ATOM   1170 C CB  . PRO A 1 143 ? 7.075   -4.692  13.009  1.00 11.29 ? 143 PRO A CB  1 
ATOM   1171 C CG  . PRO A 1 143 ? 8.192   -3.697  12.943  1.00 12.07 ? 143 PRO A CG  1 
ATOM   1172 C CD  . PRO A 1 143 ? 8.390   -3.393  11.494  1.00 12.23 ? 143 PRO A CD  1 
ATOM   1173 N N   . ASN A 1 144 ? 5.017   -2.298  12.588  1.00 11.30 ? 144 ASN A N   1 
ATOM   1174 C CA  . ASN A 1 144 ? 3.831   -1.628  13.101  1.00 12.79 ? 144 ASN A CA  1 
ATOM   1175 C C   . ASN A 1 144 ? 2.734   -1.558  12.045  1.00 10.54 ? 144 ASN A C   1 
ATOM   1176 O O   . ASN A 1 144 ? 1.560   -1.801  12.342  1.00 11.37 ? 144 ASN A O   1 
ATOM   1177 C CB  . ASN A 1 144 ? 4.160   -0.243  13.658  1.00 11.83 ? 144 ASN A CB  1 
ATOM   1178 C CG  . ASN A 1 144 ? 4.921   -0.316  14.970  1.00 16.94 ? 144 ASN A CG  1 
ATOM   1179 O OD1 . ASN A 1 144 ? 5.086   -1.396  15.543  1.00 28.06 ? 144 ASN A OD1 1 
ATOM   1180 N ND2 . ASN A 1 144 ? 5.367   0.830   15.462  1.00 21.94 ? 144 ASN A ND2 1 
ATOM   1181 N N   . ARG A 1 145 ? 3.116   -1.256  10.812  1.00 10.55 ? 145 ARG A N   1 
ATOM   1182 C CA  . ARG A 1 145 ? 2.146   -1.211  9.738   1.00 10.51 ? 145 ARG A CA  1 
ATOM   1183 C C   . ARG A 1 145 ? 1.643   -2.613  9.416   1.00 10.46 ? 145 ARG A C   1 
ATOM   1184 O O   . ARG A 1 145 ? 0.443   -2.822  9.258   1.00 10.38 ? 145 ARG A O   1 
ATOM   1185 C CB  . ARG A 1 145 ? 2.737   -0.585  8.492   1.00 11.93 ? 145 ARG A CB  1 
ATOM   1186 C CG  . ARG A 1 145 ? 1.677   -0.383  7.431   1.00 17.91 ? 145 ARG A CG  1 
ATOM   1187 C CD  . ARG A 1 145 ? 2.301   -0.472  6.102   1.00 22.69 ? 145 ARG A CD  1 
ATOM   1188 N NE  . ARG A 1 145 ? 1.362   -0.213  5.021   1.00 13.65 ? 145 ARG A NE  1 
ATOM   1189 C CZ  . ARG A 1 145 ? 1.623   0.640   4.046   1.00 13.15 ? 145 ARG A CZ  1 
ATOM   1190 N NH1 . ARG A 1 145 ? 2.775   1.306   4.043   1.00 16.38 ? 145 ARG A NH1 1 
ATOM   1191 N NH2 . ARG A 1 145 ? 0.760   0.810   3.066   1.00 11.75 ? 145 ARG A NH2 1 
ATOM   1192 N N   . ALA A 1 146 ? 2.551   -3.578  9.320   1.00 10.79 ? 146 ALA A N   1 
ATOM   1193 C CA  . ALA A 1 146 ? 2.129   -4.942  9.037   1.00 10.33 ? 146 ALA A CA  1 
ATOM   1194 C C   . ALA A 1 146 ? 1.173   -5.434  10.108  1.00 11.63 ? 146 ALA A C   1 
ATOM   1195 O O   . ALA A 1 146 ? 0.179   -6.085  9.796   1.00 11.47 ? 146 ALA A O   1 
ATOM   1196 C CB  . ALA A 1 146 ? 3.332   -5.877  8.911   1.00 12.95 ? 146 ALA A CB  1 
ATOM   1197 N N   . LYS A 1 147 ? 1.462   -5.131  11.372  1.00 10.52 ? 147 LYS A N   1 
ATOM   1198 C CA  . LYS A 1 147 ? 0.562   -5.532  12.450  1.00 10.46 ? 147 LYS A CA  1 
ATOM   1199 C C   . LYS A 1 147 ? -0.840  -4.954  12.264  1.00 9.82  ? 147 LYS A C   1 
ATOM   1200 O O   . LYS A 1 147 ? -1.834  -5.647  12.495  1.00 10.80 ? 147 LYS A O   1 
ATOM   1201 C CB  . LYS A 1 147 ? 1.126   -5.156  13.830  1.00 12.29 ? 147 LYS A CB  1 
ATOM   1202 C CG  . LYS A 1 147 ? 2.262   -6.037  14.320  1.00 16.51 ? 147 LYS A CG  1 
ATOM   1203 C CD  . LYS A 1 147 ? 2.846   -5.483  15.616  1.00 21.75 ? 147 LYS A CD  1 
ATOM   1204 C CE  . LYS A 1 147 ? 4.102   -6.238  16.023  1.00 33.32 ? 147 LYS A CE  1 
ATOM   1205 N N   . ARG A 1 148 ? -0.934  -3.696  11.843  1.00 9.95  ? 148 ARG A N   1 
ATOM   1206 C CA  . ARG A 1 148 ? -2.247  -3.087  11.617  1.00 10.02 ? 148 ARG A CA  1 
ATOM   1207 C C   . ARG A 1 148 ? -2.988  -3.789  10.497  1.00 9.82  ? 148 ARG A C   1 
ATOM   1208 O O   . ARG A 1 148 ? -4.177  -4.097  10.614  1.00 10.71 ? 148 ARG A O   1 
ATOM   1209 C CB  . ARG A 1 148 ? -2.129  -1.597  11.292  1.00 9.92  ? 148 ARG A CB  1 
ATOM   1210 C CG  . ARG A 1 148 ? -1.749  -0.737  12.490  1.00 10.08 ? 148 ARG A CG  1 
ATOM   1211 C CD  . ARG A 1 148 ? -1.959  0.749   12.197  1.00 9.68  ? 148 ARG A CD  1 
ATOM   1212 N NE  . ARG A 1 148 ? -1.027  1.281   11.202  1.00 11.63 ? 148 ARG A NE  1 
ATOM   1213 C CZ  . ARG A 1 148 ? 0.196   1.722   11.477  1.00 12.15 ? 148 ARG A CZ  1 
ATOM   1214 N NH1 . ARG A 1 148 ? 0.666   1.684   12.722  1.00 13.44 ? 148 ARG A NH1 1 
ATOM   1215 N NH2 . ARG A 1 148 ? 0.954   2.192   10.500  1.00 12.31 ? 148 ARG A NH2 1 
ATOM   1216 N N   . VAL A 1 149 ? -2.284  -4.041  9.403   1.00 10.09 ? 149 VAL A N   1 
ATOM   1217 C CA  . VAL A 1 149 ? -2.894  -4.679  8.246   1.00 10.23 ? 149 VAL A CA  1 
ATOM   1218 C C   . VAL A 1 149 ? -3.313  -6.099  8.626   1.00 10.92 ? 149 VAL A C   1 
ATOM   1219 O O   . VAL A 1 149 ? -4.425  -6.537  8.314   1.00 10.16 ? 149 VAL A O   1 
ATOM   1220 C CB  . VAL A 1 149 ? -1.921  -4.685  7.064   1.00 8.89  ? 149 VAL A CB  1 
ATOM   1221 C CG1 . VAL A 1 149 ? -2.473  -5.538  5.923   1.00 12.65 ? 149 VAL A CG1 1 
ATOM   1222 C CG2 . VAL A 1 149 ? -1.676  -3.252  6.595   1.00 11.10 ? 149 VAL A CG2 1 
ATOM   1223 N N   . ILE A 1 150 ? -2.438  -6.814  9.325   1.00 10.20 ? 150 ILE A N   1 
ATOM   1224 C CA  . ILE A 1 150 ? -2.746  -8.178  9.745   1.00 8.71  ? 150 ILE A CA  1 
ATOM   1225 C C   . ILE A 1 150 ? -3.935  -8.227  10.703  1.00 12.01 ? 150 ILE A C   1 
ATOM   1226 O O   . ILE A 1 150 ? -4.788  -9.110  10.586  1.00 12.16 ? 150 ILE A O   1 
ATOM   1227 C CB  . ILE A 1 150 ? -1.511  -8.875  10.360  1.00 10.35 ? 150 ILE A CB  1 
ATOM   1228 C CG1 . ILE A 1 150 ? -0.469  -9.107  9.268   1.00 10.76 ? 150 ILE A CG1 1 
ATOM   1229 C CG2 . ILE A 1 150 ? -1.904  -10.198 11.010  1.00 12.59 ? 150 ILE A CG2 1 
ATOM   1230 C CD1 . ILE A 1 150 ? 0.889   -9.562  9.780   1.00 11.90 ? 150 ILE A CD1 1 
ATOM   1231 N N   . THR A 1 151 ? -4.008  -7.291  11.645  1.00 11.79 ? 151 THR A N   1 
ATOM   1232 C CA  . THR A 1 151 ? -5.150  -7.247  12.557  1.00 12.47 ? 151 THR A CA  1 
ATOM   1233 C C   . THR A 1 151 ? -6.438  -7.032  11.777  1.00 12.39 ? 151 THR A C   1 
ATOM   1234 O O   . THR A 1 151 ? -7.489  -7.579  12.129  1.00 12.97 ? 151 THR A O   1 
ATOM   1235 C CB  . THR A 1 151 ? -4.990  -6.136  13.605  1.00 12.96 ? 151 THR A CB  1 
ATOM   1236 O OG1 . THR A 1 151 ? -3.959  -6.515  14.519  1.00 17.44 ? 151 THR A OG1 1 
ATOM   1237 C CG2 . THR A 1 151 ? -6.287  -5.934  14.387  1.00 14.42 ? 151 THR A CG2 1 
ATOM   1238 N N   . THR A 1 152 ? -6.359  -6.233  10.721  1.00 10.39 ? 152 THR A N   1 
ATOM   1239 C CA  . THR A 1 152 ? -7.509  -5.985  9.865   1.00 10.36 ? 152 THR A CA  1 
ATOM   1240 C C   . THR A 1 152 ? -7.949  -7.278  9.163   1.00 11.70 ? 152 THR A C   1 
ATOM   1241 O O   . THR A 1 152 ? -9.144  -7.583  9.105   1.00 13.22 ? 152 THR A O   1 
ATOM   1242 C CB  . THR A 1 152 ? -7.218  -4.862  8.854   1.00 9.74  ? 152 THR A CB  1 
ATOM   1243 O OG1 . THR A 1 152 ? -6.693  -3.720  9.552   1.00 10.86 ? 152 THR A OG1 1 
ATOM   1244 C CG2 . THR A 1 152 ? -8.483  -4.459  8.130   1.00 11.65 ? 152 THR A CG2 1 
ATOM   1245 N N   . PHE A 1 153 ? -6.994  -8.045  8.641   1.00 11.17 ? 153 PHE A N   1 
ATOM   1246 C CA  . PHE A 1 153 ? -7.311  -9.357  8.074   1.00 11.96 ? 153 PHE A CA  1 
ATOM   1247 C C   . PHE A 1 153 ? -7.838  -10.326 9.130   1.00 13.26 ? 153 PHE A C   1 
ATOM   1248 O O   . PHE A 1 153 ? -8.736  -11.127 8.859   1.00 15.17 ? 153 PHE A O   1 
ATOM   1249 C CB  . PHE A 1 153 ? -6.068  -9.985  7.444   1.00 11.44 ? 153 PHE A CB  1 
ATOM   1250 C CG  . PHE A 1 153 ? -5.793  -9.555  6.033   1.00 10.33 ? 153 PHE A CG  1 
ATOM   1251 C CD1 . PHE A 1 153 ? -6.775  -9.627  5.054   1.00 10.64 ? 153 PHE A CD1 1 
ATOM   1252 C CD2 . PHE A 1 153 ? -4.529  -9.110  5.673   1.00 11.53 ? 153 PHE A CD2 1 
ATOM   1253 C CE1 . PHE A 1 153 ? -6.500  -9.261  3.748   1.00 12.42 ? 153 PHE A CE1 1 
ATOM   1254 C CE2 . PHE A 1 153 ? -4.250  -8.733  4.369   1.00 11.97 ? 153 PHE A CE2 1 
ATOM   1255 C CZ  . PHE A 1 153 ? -5.238  -8.810  3.405   1.00 10.39 ? 153 PHE A CZ  1 
ATOM   1256 N N   . ARG A 1 154 ? -7.266  -10.296 10.327  1.00 10.74 ? 154 ARG A N   1 
ATOM   1257 C CA  A ARG A 1 154 ? -7.657  -11.259 11.352  0.60 13.24 ? 154 ARG A CA  1 
ATOM   1258 C CA  B ARG A 1 154 ? -7.646  -11.251 11.360  0.40 13.28 ? 154 ARG A CA  1 
ATOM   1259 C C   . ARG A 1 154 ? -9.084  -11.023 11.831  1.00 15.54 ? 154 ARG A C   1 
ATOM   1260 O O   . ARG A 1 154 ? -9.850  -11.973 12.002  1.00 16.40 ? 154 ARG A O   1 
ATOM   1261 C CB  A ARG A 1 154 ? -6.698  -11.227 12.543  0.60 13.21 ? 154 ARG A CB  1 
ATOM   1262 C CB  B ARG A 1 154 ? -6.671  -11.162 12.537  0.40 13.22 ? 154 ARG A CB  1 
ATOM   1263 C CG  A ARG A 1 154 ? -7.097  -12.197 13.652  0.60 12.42 ? 154 ARG A CG  1 
ATOM   1264 C CG  B ARG A 1 154 ? -6.654  -12.388 13.436  0.40 14.49 ? 154 ARG A CG  1 
ATOM   1265 C CD  A ARG A 1 154 ? -6.106  -12.190 14.803  0.60 15.15 ? 154 ARG A CD  1 
ATOM   1266 C CD  B ARG A 1 154 ? -5.525  -12.303 14.459  0.40 17.96 ? 154 ARG A CD  1 
ATOM   1267 N NE  A ARG A 1 154 ? -5.989  -10.871 15.419  0.60 22.40 ? 154 ARG A NE  1 
ATOM   1268 N NE  B ARG A 1 154 ? -5.596  -11.077 15.251  0.40 21.67 ? 154 ARG A NE  1 
ATOM   1269 C CZ  A ARG A 1 154 ? -6.773  -10.428 16.397  0.60 24.65 ? 154 ARG A CZ  1 
ATOM   1270 C CZ  B ARG A 1 154 ? -4.723  -10.074 15.179  0.40 24.29 ? 154 ARG A CZ  1 
ATOM   1271 N NH1 A ARG A 1 154 ? -7.745  -11.197 16.872  0.60 22.13 ? 154 ARG A NH1 1 
ATOM   1272 N NH1 B ARG A 1 154 ? -3.683  -10.140 14.353  0.40 15.32 ? 154 ARG A NH1 1 
ATOM   1273 N NH2 A ARG A 1 154 ? -6.589  -9.212  16.896  0.60 29.30 ? 154 ARG A NH2 1 
ATOM   1274 N NH2 B ARG A 1 154 ? -4.886  -9.004  15.945  0.40 23.27 ? 154 ARG A NH2 1 
ATOM   1275 N N   . THR A 1 155 ? -9.440  -9.757  12.027  1.00 14.23 ? 155 THR A N   1 
ATOM   1276 C CA  . THR A 1 155 ? -10.706 -9.400  12.666  1.00 15.09 ? 155 THR A CA  1 
ATOM   1277 C C   . THR A 1 155 ? -11.804 -8.910  11.735  1.00 13.73 ? 155 THR A C   1 
ATOM   1278 O O   . THR A 1 155 ? -12.986 -8.978  12.083  1.00 15.89 ? 155 THR A O   1 
ATOM   1279 C CB  . THR A 1 155 ? -10.497 -8.300  13.715  1.00 14.79 ? 155 THR A CB  1 
ATOM   1280 O OG1 . THR A 1 155 ? -10.120 -7.079  13.054  1.00 14.23 ? 155 THR A OG1 1 
ATOM   1281 C CG2 . THR A 1 155 ? -9.408  -8.697  14.702  1.00 13.32 ? 155 THR A CG2 1 
ATOM   1282 N N   . GLY A 1 156 ? -11.433 -8.390  10.571  1.00 13.23 ? 156 GLY A N   1 
ATOM   1283 C CA  . GLY A 1 156 ? -12.418 -7.809  9.684   1.00 11.49 ? 156 GLY A CA  1 
ATOM   1284 C C   . GLY A 1 156 ? -13.011 -6.541  10.268  1.00 12.76 ? 156 GLY A C   1 
ATOM   1285 O O   . GLY A 1 156 ? -14.115 -6.141  9.895   1.00 14.39 ? 156 GLY A O   1 
ATOM   1286 N N   . THR A 1 157 ? -12.280 -5.918  11.190  1.00 12.30 ? 157 THR A N   1 
ATOM   1287 C CA  . THR A 1 157 ? -12.684 -4.648  11.782  1.00 13.40 ? 157 THR A CA  1 
ATOM   1288 C C   . THR A 1 157 ? -11.574 -3.637  11.591  1.00 11.85 ? 157 THR A C   1 
ATOM   1289 O O   . THR A 1 157 ? -10.458 -3.985  11.191  1.00 12.36 ? 157 THR A O   1 
ATOM   1290 C CB  . THR A 1 157 ? -12.906 -4.747  13.299  1.00 13.30 ? 157 THR A CB  1 
ATOM   1291 O OG1 . THR A 1 157 ? -11.638 -4.816  13.965  1.00 15.28 ? 157 THR A OG1 1 
ATOM   1292 C CG2 . THR A 1 157 ? -13.752 -5.966  13.649  1.00 16.87 ? 157 THR A CG2 1 
ATOM   1293 N N   . TRP A 1 158 ? -11.886 -2.384  11.901  1.00 12.65 ? 158 TRP A N   1 
ATOM   1294 C CA  . TRP A 1 158 ? -10.921 -1.301  11.825  1.00 11.82 ? 158 TRP A CA  1 
ATOM   1295 C C   . TRP A 1 158 ? -10.232 -1.032  13.163  1.00 12.86 ? 158 TRP A C   1 
ATOM   1296 O O   . TRP A 1 158 ? -9.660  0.036   13.361  1.00 13.80 ? 158 TRP A O   1 
ATOM   1297 C CB  . TRP A 1 158 ? -11.614 -0.024  11.359  1.00 12.34 ? 158 TRP A CB  1 
ATOM   1298 C CG  . TRP A 1 158 ? -12.077 -0.075  9.951   1.00 11.75 ? 158 TRP A CG  1 
ATOM   1299 C CD1 . TRP A 1 158 ? -13.365 -0.110  9.507   1.00 12.35 ? 158 TRP A CD1 1 
ATOM   1300 C CD2 . TRP A 1 158 ? -11.248 -0.079  8.785   1.00 11.36 ? 158 TRP A CD2 1 
ATOM   1301 N NE1 . TRP A 1 158 ? -13.389 -0.139  8.131   1.00 13.20 ? 158 TRP A NE1 1 
ATOM   1302 C CE2 . TRP A 1 158 ? -12.100 -0.118  7.663   1.00 11.67 ? 158 TRP A CE2 1 
ATOM   1303 C CE3 . TRP A 1 158 ? -9.863  -0.047  8.583   1.00 13.79 ? 158 TRP A CE3 1 
ATOM   1304 C CZ2 . TRP A 1 158 ? -11.614 -0.129  6.353   1.00 13.62 ? 158 TRP A CZ2 1 
ATOM   1305 C CZ3 . TRP A 1 158 ? -9.383  -0.055  7.286   1.00 15.36 ? 158 TRP A CZ3 1 
ATOM   1306 C CH2 . TRP A 1 158 ? -10.253 -0.093  6.187   1.00 16.36 ? 158 TRP A CH2 1 
ATOM   1307 N N   . ASP A 1 159 ? -10.264 -1.996  14.071  1.00 14.24 ? 159 ASP A N   1 
ATOM   1308 C CA  . ASP A 1 159 ? -9.737  -1.773  15.417  1.00 14.57 ? 159 ASP A CA  1 
ATOM   1309 C C   . ASP A 1 159 ? -8.296  -1.246  15.457  1.00 15.17 ? 159 ASP A C   1 
ATOM   1310 O O   . ASP A 1 159 ? -7.953  -0.431  16.317  1.00 16.44 ? 159 ASP A O   1 
ATOM   1311 C CB  . ASP A 1 159 ? -9.865  -3.046  16.252  1.00 16.58 ? 159 ASP A CB  1 
ATOM   1312 C CG  . ASP A 1 159 ? -11.302 -3.342  16.651  1.00 26.08 ? 159 ASP A CG  1 
ATOM   1313 O OD1 . ASP A 1 159 ? -12.209 -2.571  16.266  1.00 26.33 ? 159 ASP A OD1 1 
ATOM   1314 O OD2 . ASP A 1 159 ? -11.525 -4.357  17.346  1.00 34.62 ? 159 ASP A OD2 1 
ATOM   1315 N N   . ALA A 1 160 ? -7.454  -1.694  14.529  1.00 13.08 ? 160 ALA A N   1 
ATOM   1316 C CA  . ALA A 1 160 ? -6.053  -1.280  14.530  1.00 14.08 ? 160 ALA A CA  1 
ATOM   1317 C C   . ALA A 1 160 ? -5.866  0.162   14.062  1.00 17.87 ? 160 ALA A C   1 
ATOM   1318 O O   . ALA A 1 160 ? -4.804  0.746   14.272  1.00 20.15 ? 160 ALA A O   1 
ATOM   1319 C CB  . ALA A 1 160 ? -5.217  -2.223  13.669  1.00 15.89 ? 160 ALA A CB  1 
ATOM   1320 N N   . TYR A 1 161 ? -6.888  0.728   13.429  1.00 12.79 ? 161 TYR A N   1 
ATOM   1321 C CA  . TYR A 1 161 ? -6.805  2.078   12.870  1.00 14.12 ? 161 TYR A CA  1 
ATOM   1322 C C   . TYR A 1 161 ? -7.643  3.100   13.622  1.00 22.42 ? 161 TYR A C   1 
ATOM   1323 O O   . TYR A 1 161 ? -7.428  4.304   13.484  1.00 23.99 ? 161 TYR A O   1 
ATOM   1324 C CB  . TYR A 1 161 ? -7.203  2.082   11.394  1.00 14.80 ? 161 TYR A CB  1 
ATOM   1325 C CG  . TYR A 1 161 ? -6.169  1.426   10.517  1.00 12.49 ? 161 TYR A CG  1 
ATOM   1326 C CD1 . TYR A 1 161 ? -6.196  0.055   10.294  1.00 11.93 ? 161 TYR A CD1 1 
ATOM   1327 C CD2 . TYR A 1 161 ? -5.145  2.169   9.939   1.00 10.60 ? 161 TYR A CD2 1 
ATOM   1328 C CE1 . TYR A 1 161 ? -5.245  -0.555  9.507   1.00 11.42 ? 161 TYR A CE1 1 
ATOM   1329 C CE2 . TYR A 1 161 ? -4.187  1.564   9.150   1.00 10.01 ? 161 TYR A CE2 1 
ATOM   1330 C CZ  . TYR A 1 161 ? -4.247  0.198   8.937   1.00 11.25 ? 161 TYR A CZ  1 
ATOM   1331 O OH  . TYR A 1 161 ? -3.307  -0.425  8.155   1.00 11.50 ? 161 TYR A OH  1 
ATOM   1332 N N   . LYS A 1 162 ? -8.616  2.661   14.348  0.50 20.93 ? 162 LYS A N   1 
ATOM   1333 C CA  . LYS A 1 162 ? -9.647  3.596   14.694  0.50 34.45 ? 162 LYS A CA  1 
ATOM   1334 C C   . LYS A 1 162 ? -9.214  4.789   15.487  0.50 39.80 ? 162 LYS A C   1 
ATOM   1335 O O   . LYS A 1 162 ? -9.696  5.892   15.183  0.50 45.09 ? 162 LYS A O   1 
ATOM   1336 C CB  . LYS A 1 162 ? -10.869 2.904   15.261  0.50 32.56 ? 162 LYS A CB  1 
ATOM   1337 C CG  . LYS A 1 162 ? -11.726 2.487   14.216  0.50 26.30 ? 162 LYS A CG  1 
ATOM   1338 N N   . ASN A 1 163 ? -8.286  4.583   16.422  0.50 33.86 ? 163 ASN A N   1 
ATOM   1339 C CA  . ASN A 1 163 ? -7.646  5.621   17.207  0.50 42.42 ? 163 ASN A CA  1 
ATOM   1340 C C   . ASN A 1 163 ? -6.617  6.631   16.557  0.50 43.33 ? 163 ASN A C   1 
ATOM   1341 O O   . ASN A 1 163 ? -6.216  7.614   17.108  0.50 43.48 ? 163 ASN A O   1 
ATOM   1342 C CB  . ASN A 1 163 ? -6.933  4.924   18.365  0.50 42.81 ? 163 ASN A CB  1 
ATOM   1343 N N   . LEU A 1 164 ? -6.141  6.287   15.405  0.50 34.52 ? 164 LEU A N   1 
ATOM   1344 C CA  . LEU A 1 164 ? -5.149  6.945   14.567  0.50 28.69 ? 164 LEU A CA  1 
ATOM   1345 C C   . LEU A 1 164 ? -5.816  7.918   13.602  0.50 28.86 ? 164 LEU A C   1 
ATOM   1346 O O   . LEU A 1 164 ? -5.154  8.772   13.016  0.50 34.96 ? 164 LEU A O   1 
ATOM   1347 C CB  . LEU A 1 164 ? -4.334  5.910   13.788  0.50 21.06 ? 164 LEU A CB  1 
ATOM   1348 C CG  . LEU A 1 164 ? -3.729  4.769   14.607  0.50 25.04 ? 164 LEU A CG  1 
ATOM   1349 C CD1 . LEU A 1 164 ? -2.789  3.941   13.743  0.50 15.75 ? 164 LEU A CD1 1 
ATOM   1350 C CD2 . LEU A 1 164 ? -2.999  5.313   15.826  0.50 32.17 ? 164 LEU A CD2 1 
HETATM 1351 N N1  . EPE B 2 .   ? 4.943   -0.063  -5.805  1.00 21.68 ? 201 EPE A N1  1 
HETATM 1352 C C2  . EPE B 2 .   ? 3.492   -0.282  -5.928  1.00 20.64 ? 201 EPE A C2  1 
HETATM 1353 C C3  . EPE B 2 .   ? 2.761   1.048   -5.785  1.00 16.97 ? 201 EPE A C3  1 
HETATM 1354 N N4  . EPE B 2 .   ? 3.190   1.793   -4.617  1.00 16.77 ? 201 EPE A N4  1 
HETATM 1355 C C5  . EPE B 2 .   ? 4.619   1.863   -4.367  1.00 18.06 ? 201 EPE A C5  1 
HETATM 1356 C C6  . EPE B 2 .   ? 5.265   0.491   -4.486  1.00 19.97 ? 201 EPE A C6  1 
HETATM 1357 C C7  . EPE B 2 .   ? 2.400   2.958   -4.240  1.00 16.30 ? 201 EPE A C7  1 
HETATM 1358 C C8  . EPE B 2 .   ? 2.317   3.996   -5.353  1.00 16.36 ? 201 EPE A C8  1 
HETATM 1359 O O8  . EPE B 2 .   ? 3.619   4.385   -5.751  1.00 14.04 ? 201 EPE A O8  1 
HETATM 1360 C C9  . EPE B 2 .   ? 5.654   -1.335  -5.957  1.00 32.16 ? 201 EPE A C9  1 
HETATM 1361 C C10 . EPE B 2 .   ? 6.922   -1.062  -6.748  1.00 39.36 ? 201 EPE A C10 1 
HETATM 1362 S S   . EPE B 2 .   ? 7.656   -2.586  -7.377  1.00 50.14 ? 201 EPE A S   1 
HETATM 1363 O O1S . EPE B 2 .   ? 8.983   -2.292  -7.911  1.00 63.72 ? 201 EPE A O1S 1 
HETATM 1364 O O2S . EPE B 2 .   ? 7.768   -3.549  -6.282  1.00 47.87 ? 201 EPE A O2S 1 
HETATM 1365 O O3S . EPE B 2 .   ? 6.796   -3.112  -8.434  1.00 40.90 ? 201 EPE A O3S 1 
HETATM 1366 O O   . HOH C 3 .   ? 6.170   -3.479  16.126  1.00 32.07 ? 301 HOH A O   1 
HETATM 1367 O O   . HOH C 3 .   ? 4.661   -16.560 0.122   1.00 33.24 ? 302 HOH A O   1 
HETATM 1368 O O   A HOH C 3 .   ? 11.690  20.257  -11.928 1.00 30.27 ? 303 HOH A O   1 
HETATM 1369 O O   B HOH C 3 .   ? -6.222  2.412   -12.719 0.80 29.91 ? 304 HOH A O   1 
HETATM 1370 O O   . HOH C 3 .   ? 7.909   6.971   -11.484 1.00 28.12 ? 305 HOH A O   1 
HETATM 1371 O O   A HOH C 3 .   ? -7.798  16.917  -3.804  0.70 25.73 ? 306 HOH A O   1 
HETATM 1372 O O   . HOH C 3 .   ? -6.630  19.050  -0.867  1.00 38.42 ? 307 HOH A O   1 
HETATM 1373 O O   A HOH C 3 .   ? -4.933  -24.456 7.445   0.50 28.50 ? 308 HOH A O   1 
HETATM 1374 O O   . HOH C 3 .   ? -2.612  12.756  -13.898 1.00 18.12 ? 309 HOH A O   1 
HETATM 1375 O O   . HOH C 3 .   ? 6.615   -16.106 -1.852  1.00 28.79 ? 310 HOH A O   1 
HETATM 1376 O O   . HOH C 3 .   ? 12.177  15.438  2.286   1.00 32.28 ? 311 HOH A O   1 
HETATM 1377 O O   A HOH C 3 .   ? -6.642  16.296  -5.973  1.00 26.24 ? 312 HOH A O   1 
HETATM 1378 O O   . HOH C 3 .   ? -11.785 -23.056 5.827   0.60 26.13 ? 313 HOH A O   1 
HETATM 1379 O O   . HOH C 3 .   ? 1.038   18.795  -18.259 1.00 36.61 ? 314 HOH A O   1 
HETATM 1380 O O   . HOH C 3 .   ? -13.424 -16.320 -4.887  1.00 23.72 ? 315 HOH A O   1 
HETATM 1381 O O   . HOH C 3 .   ? -15.755 -7.296  7.909   1.00 17.92 ? 316 HOH A O   1 
HETATM 1382 O O   . HOH C 3 .   ? -14.627 9.712   7.814   1.00 36.13 ? 317 HOH A O   1 
HETATM 1383 O O   . HOH C 3 .   ? 5.200   8.351   -11.090 1.00 31.17 ? 318 HOH A O   1 
HETATM 1384 O O   . HOH C 3 .   ? -14.644 6.826   7.274   1.00 22.63 ? 319 HOH A O   1 
HETATM 1385 O O   . HOH C 3 .   ? 11.701  17.885  -15.835 0.70 30.28 ? 320 HOH A O   1 
HETATM 1386 O O   . HOH C 3 .   ? -11.811 -13.344 13.301  1.00 19.64 ? 321 HOH A O   1 
HETATM 1387 O O   . HOH C 3 .   ? -8.752  -13.755 16.293  1.00 28.99 ? 322 HOH A O   1 
HETATM 1388 O O   B HOH C 3 .   ? 15.928  -1.341  3.265   0.50 26.10 ? 323 HOH A O   1 
HETATM 1389 O O   A HOH C 3 .   ? 11.924  10.630  -16.571 1.00 28.68 ? 324 HOH A O   1 
HETATM 1390 O O   . HOH C 3 .   ? -13.575 -3.852  -5.511  1.00 32.03 ? 325 HOH A O   1 
HETATM 1391 O O   . HOH C 3 .   ? 11.014  -6.122  13.293  1.00 16.91 ? 326 HOH A O   1 
HETATM 1392 O O   B HOH C 3 .   ? -8.086  -25.579 6.774   0.50 30.05 ? 327 HOH A O   1 
HETATM 1393 O O   . HOH C 3 .   ? -8.033  17.238  1.637   1.00 38.97 ? 328 HOH A O   1 
HETATM 1394 O O   . HOH C 3 .   ? 0.307   19.959  -13.812 1.00 31.17 ? 329 HOH A O   1 
HETATM 1395 O O   . HOH C 3 .   ? -0.025  7.922   -9.991  1.00 20.31 ? 330 HOH A O   1 
HETATM 1396 O O   . HOH C 3 .   ? -16.472 -4.749  10.218  1.00 20.45 ? 331 HOH A O   1 
HETATM 1397 O O   B HOH C 3 .   ? -7.031  17.081  -8.788  1.00 24.99 ? 332 HOH A O   1 
HETATM 1398 O O   B HOH C 3 .   ? 2.061   -16.832 2.197   0.50 16.14 ? 333 HOH A O   1 
HETATM 1399 O O   . HOH C 3 .   ? 10.489  7.087   5.348   1.00 23.64 ? 334 HOH A O   1 
HETATM 1400 O O   . HOH C 3 .   ? 21.089  9.993   -1.178  1.00 38.54 ? 335 HOH A O   1 
HETATM 1401 O O   . HOH C 3 .   ? 12.538  -0.956  9.657   1.00 18.06 ? 336 HOH A O   1 
HETATM 1402 O O   . HOH C 3 .   ? 12.229  10.213  4.800   1.00 28.66 ? 337 HOH A O   1 
HETATM 1403 O O   . HOH C 3 .   ? -6.906  11.027  -2.966  1.00 18.13 ? 338 HOH A O   1 
HETATM 1404 O O   . HOH C 3 .   ? -12.828 9.718   3.932   1.00 16.19 ? 339 HOH A O   1 
HETATM 1405 O O   . HOH C 3 .   ? -14.236 -17.854 0.562   1.00 20.38 ? 340 HOH A O   1 
HETATM 1406 O O   . HOH C 3 .   ? 16.053  1.287   4.471   1.00 18.53 ? 341 HOH A O   1 
HETATM 1407 O O   . HOH C 3 .   ? -13.841 -9.832  14.610  1.00 28.92 ? 342 HOH A O   1 
HETATM 1408 O O   . HOH C 3 .   ? -6.880  -19.733 16.639  1.00 39.03 ? 343 HOH A O   1 
HETATM 1409 O O   . HOH C 3 .   ? -11.119 8.497   -5.257  1.00 15.37 ? 344 HOH A O   1 
HETATM 1410 O O   . HOH C 3 .   ? 6.620   9.284   -12.973 1.00 24.59 ? 345 HOH A O   1 
HETATM 1411 O O   A HOH C 3 .   ? 16.529  -0.902  0.856   0.50 28.65 ? 346 HOH A O   1 
HETATM 1412 O O   . HOH C 3 .   ? 15.851  16.099  -13.176 1.00 35.06 ? 347 HOH A O   1 
HETATM 1413 O O   . HOH C 3 .   ? -10.788 11.657  6.742   1.00 29.45 ? 348 HOH A O   1 
HETATM 1414 O O   . HOH C 3 .   ? -15.802 -8.657  11.822  1.00 36.07 ? 349 HOH A O   1 
HETATM 1415 O O   B HOH C 3 .   ? -9.068  18.711  -3.565  0.80 35.75 ? 350 HOH A O   1 
HETATM 1416 O O   . HOH C 3 .   ? -5.840  11.305  -13.612 1.00 19.95 ? 351 HOH A O   1 
HETATM 1417 O O   . HOH C 3 .   ? 3.121   13.769  -18.396 1.00 13.87 ? 352 HOH A O   1 
HETATM 1418 O O   . HOH C 3 .   ? -0.990  14.310  -12.425 1.00 22.49 ? 353 HOH A O   1 
HETATM 1419 O O   . HOH C 3 .   ? 0.504   10.702  -13.075 1.00 14.40 ? 354 HOH A O   1 
HETATM 1420 O O   . HOH C 3 .   ? -2.764  16.515  -13.231 1.00 33.74 ? 355 HOH A O   1 
HETATM 1421 O O   . HOH C 3 .   ? 14.036  6.836   4.831   1.00 19.83 ? 356 HOH A O   1 
HETATM 1422 O O   . HOH C 3 .   ? -0.557  4.826   -10.480 1.00 37.76 ? 357 HOH A O   1 
HETATM 1423 O O   . HOH C 3 .   ? 18.744  5.791   0.081   1.00 25.44 ? 358 HOH A O   1 
HETATM 1424 O O   . HOH C 3 .   ? 6.716   -21.919 9.989   0.60 31.26 ? 359 HOH A O   1 
HETATM 1425 O O   . HOH C 3 .   ? 9.169   -13.397 11.020  1.00 28.75 ? 360 HOH A O   1 
HETATM 1426 O O   . HOH C 3 .   ? 16.739  -5.092  4.350   1.00 29.59 ? 361 HOH A O   1 
HETATM 1427 O O   . HOH C 3 .   ? 5.544   24.532  -12.200 1.00 26.33 ? 362 HOH A O   1 
HETATM 1428 O O   . HOH C 3 .   ? -15.855 6.564   4.795   1.00 20.13 ? 363 HOH A O   1 
HETATM 1429 O O   . HOH C 3 .   ? 12.780  2.607   -10.519 1.00 33.46 ? 364 HOH A O   1 
HETATM 1430 O O   . HOH C 3 .   ? -16.142 -0.574  7.195   1.00 24.71 ? 365 HOH A O   1 
HETATM 1431 O O   . HOH C 3 .   ? 13.607  15.820  -16.579 1.00 34.38 ? 366 HOH A O   1 
HETATM 1432 O O   . HOH C 3 .   ? -14.677 -1.700  12.557  1.00 19.02 ? 367 HOH A O   1 
HETATM 1433 O O   . HOH C 3 .   ? -16.254 -16.047 0.368   1.00 14.95 ? 368 HOH A O   1 
HETATM 1434 O O   . HOH C 3 .   ? 2.089   -20.377 9.000   1.00 21.53 ? 369 HOH A O   1 
HETATM 1435 O O   A HOH C 3 .   ? 11.423  -0.683  6.590   0.50 20.13 ? 370 HOH A O   1 
HETATM 1436 O O   . HOH C 3 .   ? 16.406  19.262  -3.859  1.00 43.91 ? 371 HOH A O   1 
HETATM 1437 O O   . HOH C 3 .   ? -10.574 -15.757 13.940  1.00 23.43 ? 372 HOH A O   1 
HETATM 1438 O O   . HOH C 3 .   ? 5.802   0.003   10.232  1.00 15.23 ? 373 HOH A O   1 
HETATM 1439 O O   . HOH C 3 .   ? -5.088  13.626  2.307   1.00 39.74 ? 374 HOH A O   1 
HETATM 1440 O O   . HOH C 3 .   ? 14.348  11.840  3.049   1.00 34.01 ? 375 HOH A O   1 
HETATM 1441 O O   . HOH C 3 .   ? -7.770  10.161  3.549   1.00 19.93 ? 376 HOH A O   1 
HETATM 1442 O O   . HOH C 3 .   ? -19.370 -8.789  -2.178  1.00 35.10 ? 377 HOH A O   1 
HETATM 1443 O O   . HOH C 3 .   ? -6.503  9.263   7.530   1.00 22.92 ? 378 HOH A O   1 
HETATM 1444 O O   . HOH C 3 .   ? 0.460   9.125   9.168   1.00 34.32 ? 379 HOH A O   1 
HETATM 1445 O O   . HOH C 3 .   ? 3.159   3.068   8.447   1.00 22.92 ? 380 HOH A O   1 
HETATM 1446 O O   . HOH C 3 .   ? 4.247   10.680  3.386   1.00 19.94 ? 381 HOH A O   1 
HETATM 1447 O O   . HOH C 3 .   ? 5.119   7.039   2.814   1.00 20.20 ? 382 HOH A O   1 
HETATM 1448 O O   . HOH C 3 .   ? 6.113   4.954   1.048   1.00 32.44 ? 383 HOH A O   1 
HETATM 1449 O O   . HOH C 3 .   ? 2.867   12.657  7.315   1.00 32.80 ? 384 HOH A O   1 
HETATM 1450 O O   . HOH C 3 .   ? 13.169  16.908  -0.893  1.00 29.04 ? 385 HOH A O   1 
HETATM 1451 O O   . HOH C 3 .   ? 7.610   4.815   3.494   1.00 31.17 ? 386 HOH A O   1 
HETATM 1452 O O   . HOH C 3 .   ? 7.689   4.474   -1.754  1.00 19.22 ? 387 HOH A O   1 
HETATM 1453 O O   . HOH C 3 .   ? 9.763   -1.786  3.847   1.00 29.69 ? 388 HOH A O   1 
HETATM 1454 O O   . HOH C 3 .   ? 15.156  6.014   -5.031  1.00 18.93 ? 389 HOH A O   1 
HETATM 1455 O O   . HOH C 3 .   ? 19.692  7.988   -2.863  1.00 34.38 ? 390 HOH A O   1 
HETATM 1456 O O   . HOH C 3 .   ? 0.549   10.889  -3.346  1.00 10.82 ? 391 HOH A O   1 
HETATM 1457 O O   . HOH C 3 .   ? 0.082   8.177   -3.678  1.00 11.84 ? 392 HOH A O   1 
HETATM 1458 O O   . HOH C 3 .   ? -0.449  1.513   -6.544  1.00 17.67 ? 393 HOH A O   1 
HETATM 1459 O O   . HOH C 3 .   ? 21.067  13.415  -8.689  1.00 34.28 ? 394 HOH A O   1 
HETATM 1460 O O   . HOH C 3 .   ? 21.383  11.841  -6.020  1.00 38.25 ? 395 HOH A O   1 
HETATM 1461 O O   . HOH C 3 .   ? 10.709  17.779  -9.707  1.00 19.42 ? 396 HOH A O   1 
HETATM 1462 O O   . HOH C 3 .   ? -1.089  20.285  -11.318 1.00 27.20 ? 397 HOH A O   1 
HETATM 1463 O O   . HOH C 3 .   ? 6.474   23.187  -7.385  1.00 22.91 ? 398 HOH A O   1 
HETATM 1464 O O   . HOH C 3 .   ? 4.288   23.334  -5.584  1.00 32.22 ? 399 HOH A O   1 
HETATM 1465 O O   . HOH C 3 .   ? 3.682   22.592  -1.447  1.00 32.97 ? 400 HOH A O   1 
HETATM 1466 O O   . HOH C 3 .   ? -2.405  22.237  -7.147  1.00 29.65 ? 401 HOH A O   1 
HETATM 1467 O O   . HOH C 3 .   ? -3.511  22.001  -2.885  1.00 26.33 ? 402 HOH A O   1 
HETATM 1468 O O   . HOH C 3 .   ? -0.671  22.519  -0.791  1.00 27.17 ? 403 HOH A O   1 
HETATM 1469 O O   . HOH C 3 .   ? -1.257  15.285  -9.828  1.00 28.65 ? 404 HOH A O   1 
HETATM 1470 O O   . HOH C 3 .   ? -2.568  -1.549  -11.906 1.00 29.82 ? 405 HOH A O   1 
HETATM 1471 O O   . HOH C 3 .   ? -8.131  -4.549  -13.762 1.00 31.92 ? 406 HOH A O   1 
HETATM 1472 O O   . HOH C 3 .   ? -2.235  -13.231 -13.312 1.00 32.36 ? 407 HOH A O   1 
HETATM 1473 O O   . HOH C 3 .   ? 1.477   -12.557 -10.236 1.00 32.68 ? 408 HOH A O   1 
HETATM 1474 O O   . HOH C 3 .   ? -5.167  -17.436 -5.322  1.00 26.94 ? 409 HOH A O   1 
HETATM 1475 O O   . HOH C 3 .   ? -12.165 -15.079 2.134   1.00 14.87 ? 410 HOH A O   1 
HETATM 1476 O O   . HOH C 3 .   ? 0.531   -3.330  3.682   1.00 11.76 ? 411 HOH A O   1 
HETATM 1477 O O   . HOH C 3 .   ? 8.200   -3.938  4.590   1.00 20.33 ? 412 HOH A O   1 
HETATM 1478 O O   . HOH C 3 .   ? 0.087   -1.199  -6.288  1.00 19.17 ? 413 HOH A O   1 
HETATM 1479 O O   . HOH C 3 .   ? -1.159  -23.022 0.199   1.00 37.37 ? 414 HOH A O   1 
HETATM 1480 O O   . HOH C 3 .   ? -0.474  -20.258 9.999   1.00 20.03 ? 415 HOH A O   1 
HETATM 1481 O O   . HOH C 3 .   ? -3.371  -15.086 14.689  1.00 24.52 ? 416 HOH A O   1 
HETATM 1482 O O   . HOH C 3 .   ? 0.331   -12.371 13.242  1.00 17.44 ? 417 HOH A O   1 
HETATM 1483 O O   . HOH C 3 .   ? 3.775   -15.547 12.968  1.00 20.80 ? 418 HOH A O   1 
HETATM 1484 O O   . HOH C 3 .   ? 2.437   -9.572  15.678  1.00 33.50 ? 419 HOH A O   1 
HETATM 1485 O O   . HOH C 3 .   ? 0.750   -1.746  15.014  1.00 16.71 ? 420 HOH A O   1 
HETATM 1486 O O   . HOH C 3 .   ? -1.414  -8.037  14.306  1.00 20.04 ? 421 HOH A O   1 
HETATM 1487 O O   . HOH C 3 .   ? 5.174   1.535   5.644   1.00 31.10 ? 422 HOH A O   1 
HETATM 1488 O O   . HOH C 3 .   ? -0.389  0.864   15.277  1.00 17.29 ? 423 HOH A O   1 
HETATM 1489 O O   . HOH C 3 .   ? -2.950  0.070   16.088  1.00 21.85 ? 424 HOH A O   1 
HETATM 1490 O O   . HOH C 3 .   ? -7.987  -3.129  12.017  1.00 14.84 ? 425 HOH A O   1 
HETATM 1491 O O   . HOH C 3 .   ? 5.563   3.224   4.068   1.00 36.74 ? 426 HOH A O   1 
HETATM 1492 O O   . HOH C 3 .   ? 0.461   12.891  8.730   1.00 48.40 ? 427 HOH A O   1 
HETATM 1493 O O   . HOH C 3 .   ? 9.434   15.658  2.723   0.70 26.82 ? 428 HOH A O   1 
HETATM 1494 O O   . HOH C 3 .   ? 9.357   0.789   -1.289  1.00 40.18 ? 429 HOH A O   1 
HETATM 1495 O O   . HOH C 3 .   ? 7.593   -0.496  2.585   1.00 36.89 ? 430 HOH A O   1 
HETATM 1496 O O   A HOH C 3 .   ? 5.718   1.203   -0.846  0.80 30.69 ? 431 HOH A O   1 
HETATM 1497 O O   B HOH C 3 .   ? 4.320   1.994   0.378   0.60 23.52 ? 432 HOH A O   1 
HETATM 1498 O O   . HOH C 3 .   ? 18.605  17.780  -7.601  1.00 41.70 ? 433 HOH A O   1 
HETATM 1499 O O   . HOH C 3 .   ? -0.032  23.234  -8.878  1.00 31.27 ? 434 HOH A O   1 
HETATM 1500 O O   . HOH C 3 .   ? 6.352   23.724  -15.788 1.00 32.93 ? 435 HOH A O   1 
HETATM 1501 O O   . HOH C 3 .   ? -2.959  -9.473  -16.278 1.00 43.59 ? 436 HOH A O   1 
HETATM 1502 O O   A HOH C 3 .   ? 3.763   3.138   -0.882  0.50 20.35 ? 437 HOH A O   1 
HETATM 1503 O O   B HOH C 3 .   ? 5.123   3.757   -1.531  0.50 17.73 ? 438 HOH A O   1 
HETATM 1504 O O   . HOH C 3 .   ? -3.039  -4.691  16.097  0.70 25.46 ? 439 HOH A O   1 
HETATM 1505 O O   . HOH C 3 .   ? -4.422  14.699  4.630   0.70 27.39 ? 440 HOH A O   1 
HETATM 1506 O O   A HOH C 3 .   ? 17.328  6.324   -3.202  1.00 26.77 ? 441 HOH A O   1 
HETATM 1507 O O   B HOH C 3 .   ? 17.895  3.930   -4.270  0.80 31.96 ? 442 HOH A O   1 
HETATM 1508 O O   . HOH C 3 .   ? 11.964  19.046  -2.448  0.60 23.95 ? 443 HOH A O   1 
HETATM 1509 O O   . HOH C 3 .   ? -8.580  -16.220 -11.491 0.60 26.46 ? 444 HOH A O   1 
HETATM 1510 O O   . HOH C 3 .   ? 5.373   -6.290  -6.609  1.00 23.94 ? 445 HOH A O   1 
HETATM 1511 O O   . HOH C 3 .   ? 3.822   -5.646  -9.131  1.00 29.78 ? 446 HOH A O   1 
HETATM 1512 O O   . HOH C 3 .   ? 0.900   -3.065  -8.221  1.00 30.23 ? 447 HOH A O   1 
HETATM 1513 O O   . HOH C 3 .   ? -1.381  -10.256 -14.083 1.00 45.34 ? 448 HOH A O   1 
HETATM 1514 O O   . HOH C 3 .   ? 0.527   -17.443 -5.409  1.00 34.10 ? 449 HOH A O   1 
HETATM 1515 O O   . HOH C 3 .   ? -2.935  -19.657 -2.682  1.00 23.61 ? 450 HOH A O   1 
HETATM 1516 O O   . HOH C 3 .   ? -5.611  -18.616 -2.750  1.00 31.23 ? 451 HOH A O   1 
HETATM 1517 O O   . HOH C 3 .   ? 2.743   -15.747 -7.581  1.00 42.60 ? 452 HOH A O   1 
HETATM 1518 O O   . HOH C 3 .   ? 2.137   -1.973  17.126  1.00 34.59 ? 453 HOH A O   1 
HETATM 1519 O O   . HOH C 3 .   ? -2.053  -5.256  -13.648 1.00 38.03 ? 454 HOH A O   1 
HETATM 1520 O O   . HOH C 3 .   ? -9.779  -9.905  18.533  1.00 43.94 ? 455 HOH A O   1 
HETATM 1521 O O   . HOH C 3 .   ? 17.584  2.301   -1.117  0.50 30.10 ? 456 HOH A O   1 
HETATM 1522 O O   A HOH C 3 .   ? 5.164   18.392  3.558   0.50 20.36 ? 457 HOH A O   1 
HETATM 1523 O O   B HOH C 3 .   ? 7.257   17.605  3.135   0.50 28.48 ? 458 HOH A O   1 
# 
loop_
_pdbx_poly_seq_scheme.asym_id 
_pdbx_poly_seq_scheme.entity_id 
_pdbx_poly_seq_scheme.seq_id 
_pdbx_poly_seq_scheme.mon_id 
_pdbx_poly_seq_scheme.ndb_seq_num 
_pdbx_poly_seq_scheme.pdb_seq_num 
_pdbx_poly_seq_scheme.auth_seq_num 
_pdbx_poly_seq_scheme.pdb_mon_id 
_pdbx_poly_seq_scheme.auth_mon_id 
_pdbx_poly_seq_scheme.pdb_strand_id 
_pdbx_poly_seq_scheme.pdb_ins_code 
_pdbx_poly_seq_scheme.hetero 
A 1 1   MET 1   1   1   MET MET A . n 
A 1 2   ASN 2   2   2   ASN ASN A . n 
A 1 3   ILE 3   3   3   ILE ILE A . n 
A 1 4   PHE 4   4   4   PHE PHE A . n 
A 1 5   GLU 5   5   5   GLU GLU A . n 
A 1 6   MET 6   6   6   MET MET A . n 
A 1 7   LEU 7   7   7   LEU LEU A . n 
A 1 8   ARG 8   8   8   ARG ARG A . n 
A 1 9   ILE 9   9   9   ILE ILE A . n 
A 1 10  ASP 10  10  10  ASP ASP A . n 
A 1 11  GLU 11  11  11  GLU GLU A . n 
A 1 12  GLY 12  12  12  GLY GLY A . n 
A 1 13  LEU 13  13  13  LEU LEU A . n 
A 1 14  ARG 14  14  14  ARG ARG A . n 
A 1 15  LEU 15  15  15  LEU LEU A . n 
A 1 16  LYS 16  16  16  LYS LYS A . n 
A 1 17  ILE 17  17  17  ILE ILE A . n 
A 1 18  TYR 18  18  18  TYR TYR A . n 
A 1 19  LYS 19  19  19  LYS LYS A . n 
A 1 20  ASP 20  20  20  ASP ASP A . n 
A 1 21  THR 21  21  21  THR THR A . n 
A 1 22  GLU 22  22  22  GLU GLU A . n 
A 1 23  GLY 23  23  23  GLY GLY A . n 
A 1 24  TYR 24  24  24  TYR TYR A . n 
A 1 25  TYR 25  25  25  TYR TYR A . n 
A 1 26  THR 26  26  26  THR THR A . n 
A 1 27  ILE 27  27  27  ILE ILE A . n 
A 1 28  GLY 28  28  28  GLY GLY A . n 
A 1 29  ILE 29  29  29  ILE ILE A . n 
A 1 30  GLY 30  30  30  GLY GLY A . n 
A 1 31  HIS 31  31  31  HIS HIS A . n 
A 1 32  LEU 32  32  32  LEU LEU A . n 
A 1 33  LEU 33  33  33  LEU LEU A . n 
A 1 34  THR 34  34  34  THR THR A . n 
A 1 35  LYS 35  35  35  LYS LYS A . n 
A 1 36  SER 36  36  36  SER SER A . n 
A 1 37  PRO 37  37  37  PRO PRO A . n 
A 1 38  SER 38  38  38  SER SER A . n 
A 1 39  LEU 39  39  39  LEU LEU A . n 
A 1 40  ASN 40  40  40  ASN ASN A . n 
A 1 41  ALA 41  41  41  ALA ALA A . n 
A 1 42  ALA 42  42  42  ALA ALA A . n 
A 1 43  LYS 43  43  43  LYS LYS A . n 
A 1 44  SER 44  44  44  SER SER A . n 
A 1 45  GLU 45  45  45  GLU GLU A . n 
A 1 46  LEU 46  46  46  LEU LEU A . n 
A 1 47  ASP 47  47  47  ASP ASP A . n 
A 1 48  LYS 48  48  48  LYS LYS A . n 
A 1 49  ALA 49  49  49  ALA ALA A . n 
A 1 50  ILE 50  50  50  ILE ILE A . n 
A 1 51  GLY 51  51  51  GLY GLY A . n 
A 1 52  ARG 52  52  52  ARG ARG A . n 
A 1 53  ASN 53  53  53  ASN ASN A . n 
A 1 54  CYS 54  54  54  CYS CYS A . n 
A 1 55  ASN 55  55  55  ASN ASN A . n 
A 1 56  GLY 56  56  56  GLY GLY A . n 
A 1 57  VAL 57  57  57  VAL VAL A . n 
A 1 58  ILE 58  58  58  ILE ILE A . n 
A 1 59  THR 59  59  59  THR THR A . n 
A 1 60  LYS 60  60  60  LYS LYS A . n 
A 1 61  ASP 61  61  61  ASP ASP A . n 
A 1 62  GLU 62  62  62  GLU GLU A . n 
A 1 63  ALA 63  63  63  ALA ALA A . n 
A 1 64  GLU 64  64  64  GLU GLU A . n 
A 1 65  LYS 65  65  65  LYS LYS A . n 
A 1 66  LEU 66  66  66  LEU LEU A . n 
A 1 67  PHE 67  67  67  PHE PHE A . n 
A 1 68  ASN 68  68  68  ASN ASN A . n 
A 1 69  GLN 69  69  69  GLN GLN A . n 
A 1 70  ASP 70  70  70  ASP ASP A . n 
A 1 71  VAL 71  71  71  VAL VAL A . n 
A 1 72  ASP 72  72  72  ASP ASP A . n 
A 1 73  ALA 73  73  73  ALA ALA A . n 
A 1 74  ALA 74  74  74  ALA ALA A . n 
A 1 75  VAL 75  75  75  VAL VAL A . n 
A 1 76  ARG 76  76  76  ARG ARG A . n 
A 1 77  GLY 77  77  77  GLY GLY A . n 
A 1 78  ILE 78  78  78  ILE ILE A . n 
A 1 79  LEU 79  79  79  LEU LEU A . n 
A 1 80  ARG 80  80  80  ARG ARG A . n 
A 1 81  ASN 81  81  81  ASN ASN A . n 
A 1 82  ALA 82  82  82  ALA ALA A . n 
A 1 83  LYS 83  83  83  LYS LYS A . n 
A 1 84  LEU 84  84  84  LEU LEU A . n 
A 1 85  LYS 85  85  85  LYS LYS A . n 
A 1 86  PRO 86  86  86  PRO PRO A . n 
A 1 87  VAL 87  87  87  VAL VAL A . n 
A 1 88  TYR 88  88  88  TYR TYR A . n 
A 1 89  ASP 89  89  89  ASP ASP A . n 
A 1 90  SER 90  90  90  SER SER A . n 
A 1 91  LEU 91  91  91  LEU LEU A . n 
A 1 92  ASP 92  92  92  ASP ASP A . n 
A 1 93  ALA 93  93  93  ALA ALA A . n 
A 1 94  VAL 94  94  94  VAL VAL A . n 
A 1 95  ARG 95  95  95  ARG ARG A . n 
A 1 96  ARG 96  96  96  ARG ARG A . n 
A 1 97  CYS 97  97  97  CYS CYS A . n 
A 1 98  ALA 98  98  98  ALA ALA A . n 
A 1 99  ALA 99  99  99  ALA ALA A . n 
A 1 100 ILE 100 100 100 ILE ILE A . n 
A 1 101 ASN 101 101 101 ASN ASN A . n 
A 1 102 MET 102 102 102 MET MET A . n 
A 1 103 VAL 103 103 103 VAL VAL A . n 
A 1 104 PHE 104 104 104 PHE PHE A . n 
A 1 105 GLN 105 105 105 GLN GLN A . n 
A 1 106 MET 106 106 106 MET MET A . n 
A 1 107 GLY 107 107 107 GLY GLY A . n 
A 1 108 GLU 108 108 108 GLU GLU A . n 
A 1 109 THR 109 109 109 THR THR A . n 
A 1 110 GLY 110 110 110 GLY GLY A . n 
A 1 111 VAL 111 111 111 VAL VAL A . n 
A 1 112 ALA 112 112 112 ALA ALA A . n 
A 1 113 GLY 113 113 113 GLY GLY A . n 
A 1 114 PHE 114 114 114 PHE PHE A . n 
A 1 115 THR 115 115 115 THR THR A . n 
A 1 116 ASN 116 116 116 ASN ASN A . n 
A 1 117 SER 117 117 117 SER SER A . n 
A 1 118 LEU 118 118 118 LEU LEU A . n 
A 1 119 ARG 119 119 119 ARG ARG A . n 
A 1 120 MET 120 120 120 MET MET A . n 
A 1 121 LEU 121 121 121 LEU LEU A . n 
A 1 122 GLN 122 122 122 GLN GLN A . n 
A 1 123 GLN 123 123 123 GLN GLN A . n 
A 1 124 LYS 124 124 124 LYS LYS A . n 
A 1 125 ARG 125 125 125 ARG ARG A . n 
A 1 126 TRP 126 126 126 TRP TRP A . n 
A 1 127 ASP 127 127 127 ASP ASP A . n 
A 1 128 GLU 128 128 128 GLU GLU A . n 
A 1 129 ALA 129 129 129 ALA ALA A . n 
A 1 130 ALA 130 130 130 ALA ALA A . n 
A 1 131 VAL 131 131 131 VAL VAL A . n 
A 1 132 ASN 132 132 132 ASN ASN A . n 
A 1 133 LEU 133 133 133 LEU LEU A . n 
A 1 134 ALA 134 134 134 ALA ALA A . n 
A 1 135 LYS 135 135 135 LYS LYS A . n 
A 1 136 SER 136 136 136 SER SER A . n 
A 1 137 ARG 137 137 137 ARG ARG A . n 
A 1 138 TRP 138 138 138 TRP TRP A . n 
A 1 139 TYR 139 139 139 TYR TYR A . n 
A 1 140 ASN 140 140 140 ASN ASN A . n 
A 1 141 GLN 141 141 141 GLN GLN A . n 
A 1 142 THR 142 142 142 THR THR A . n 
A 1 143 PRO 143 143 143 PRO PRO A . n 
A 1 144 ASN 144 144 144 ASN ASN A . n 
A 1 145 ARG 145 145 145 ARG ARG A . n 
A 1 146 ALA 146 146 146 ALA ALA A . n 
A 1 147 LYS 147 147 147 LYS LYS A . n 
A 1 148 ARG 148 148 148 ARG ARG A . n 
A 1 149 VAL 149 149 149 VAL VAL A . n 
A 1 150 ILE 150 150 150 ILE ILE A . n 
A 1 151 THR 151 151 151 THR THR A . n 
A 1 152 THR 152 152 152 THR THR A . n 
A 1 153 PHE 153 153 153 PHE PHE A . n 
A 1 154 ARG 154 154 154 ARG ARG A . n 
A 1 155 THR 155 155 155 THR THR A . n 
A 1 156 GLY 156 156 156 GLY GLY A . n 
A 1 157 THR 157 157 157 THR THR A . n 
A 1 158 TRP 158 158 158 TRP TRP A . n 
A 1 159 ASP 159 159 159 ASP ASP A . n 
A 1 160 ALA 160 160 160 ALA ALA A . n 
A 1 161 TYR 161 161 161 TYR TYR A . n 
A 1 162 LYS 162 162 162 LYS LYS A . n 
A 1 163 ASN 163 163 163 ASN ASN A . n 
A 1 164 LEU 164 164 164 LEU LEU A . n 
A 1 165 LEU 165 165 ?   ?   ?   A . n 
A 1 166 GLU 166 166 ?   ?   ?   A . n 
A 1 167 HIS 167 167 ?   ?   ?   A . n 
A 1 168 HIS 168 168 ?   ?   ?   A . n 
A 1 169 HIS 169 169 ?   ?   ?   A . n 
A 1 170 HIS 170 170 ?   ?   ?   A . n 
A 1 171 HIS 171 171 ?   ?   ?   A . n 
A 1 172 HIS 172 172 ?   ?   ?   A . n 
# 
loop_
_pdbx_nonpoly_scheme.asym_id 
_pdbx_nonpoly_scheme.entity_id 
_pdbx_nonpoly_scheme.mon_id 
_pdbx_nonpoly_scheme.ndb_seq_num 
_pdbx_nonpoly_scheme.pdb_seq_num 
_pdbx_nonpoly_scheme.auth_seq_num 
_pdbx_nonpoly_scheme.pdb_mon_id 
_pdbx_nonpoly_scheme.auth_mon_id 
_pdbx_nonpoly_scheme.pdb_strand_id 
_pdbx_nonpoly_scheme.pdb_ins_code 
B 2 EPE 1   201 201 EPE EPE A . 
C 3 HOH 1   301 158 HOH HOH A . 
C 3 HOH 2   302 142 HOH HOH A . 
C 3 HOH 3   303 36  HOH HOH A . 
C 3 HOH 4   304 122 HOH HOH A . 
C 3 HOH 5   305 31  HOH HOH A . 
C 3 HOH 6   306 143 HOH HOH A . 
C 3 HOH 7   307 55  HOH HOH A . 
C 3 HOH 8   308 117 HOH HOH A . 
C 3 HOH 9   309 45  HOH HOH A . 
C 3 HOH 10  310 38  HOH HOH A . 
C 3 HOH 11  311 14  HOH HOH A . 
C 3 HOH 12  312 57  HOH HOH A . 
C 3 HOH 13  313 84  HOH HOH A . 
C 3 HOH 14  314 113 HOH HOH A . 
C 3 HOH 15  315 67  HOH HOH A . 
C 3 HOH 16  316 73  HOH HOH A . 
C 3 HOH 17  317 6   HOH HOH A . 
C 3 HOH 18  318 28  HOH HOH A . 
C 3 HOH 19  319 1   HOH HOH A . 
C 3 HOH 20  320 37  HOH HOH A . 
C 3 HOH 21  321 74  HOH HOH A . 
C 3 HOH 22  322 119 HOH HOH A . 
C 3 HOH 23  323 153 HOH HOH A . 
C 3 HOH 24  324 42  HOH HOH A . 
C 3 HOH 25  325 146 HOH HOH A . 
C 3 HOH 26  326 71  HOH HOH A . 
C 3 HOH 27  327 155 HOH HOH A . 
C 3 HOH 28  328 129 HOH HOH A . 
C 3 HOH 29  329 46  HOH HOH A . 
C 3 HOH 30  330 29  HOH HOH A . 
C 3 HOH 31  331 99  HOH HOH A . 
C 3 HOH 32  332 154 HOH HOH A . 
C 3 HOH 33  333 118 HOH HOH A . 
C 3 HOH 34  334 16  HOH HOH A . 
C 3 HOH 35  335 108 HOH HOH A . 
C 3 HOH 36  336 72  HOH HOH A . 
C 3 HOH 37  337 13  HOH HOH A . 
C 3 HOH 38  338 58  HOH HOH A . 
C 3 HOH 39  339 3   HOH HOH A . 
C 3 HOH 40  340 70  HOH HOH A . 
C 3 HOH 41  341 22  HOH HOH A . 
C 3 HOH 42  342 98  HOH HOH A . 
C 3 HOH 43  343 86  HOH HOH A . 
C 3 HOH 44  344 4   HOH HOH A . 
C 3 HOH 45  345 40  HOH HOH A . 
C 3 HOH 46  346 152 HOH HOH A . 
C 3 HOH 47  347 112 HOH HOH A . 
C 3 HOH 48  348 102 HOH HOH A . 
C 3 HOH 49  349 97  HOH HOH A . 
C 3 HOH 50  350 144 HOH HOH A . 
C 3 HOH 51  351 61  HOH HOH A . 
C 3 HOH 52  352 41  HOH HOH A . 
C 3 HOH 53  353 44  HOH HOH A . 
C 3 HOH 54  354 43  HOH HOH A . 
C 3 HOH 55  355 130 HOH HOH A . 
C 3 HOH 56  356 17  HOH HOH A . 
C 3 HOH 57  357 145 HOH HOH A . 
C 3 HOH 58  358 23  HOH HOH A . 
C 3 HOH 59  359 148 HOH HOH A . 
C 3 HOH 60  360 87  HOH HOH A . 
C 3 HOH 61  361 88  HOH HOH A . 
C 3 HOH 62  362 48  HOH HOH A . 
C 3 HOH 63  363 2   HOH HOH A . 
C 3 HOH 64  364 32  HOH HOH A . 
C 3 HOH 65  365 59  HOH HOH A . 
C 3 HOH 66  366 39  HOH HOH A . 
C 3 HOH 67  367 100 HOH HOH A . 
C 3 HOH 68  368 69  HOH HOH A . 
C 3 HOH 69  369 79  HOH HOH A . 
C 3 HOH 70  370 150 HOH HOH A . 
C 3 HOH 71  371 141 HOH HOH A . 
C 3 HOH 72  372 85  HOH HOH A . 
C 3 HOH 73  373 90  HOH HOH A . 
C 3 HOH 74  374 56  HOH HOH A . 
C 3 HOH 75  375 19  HOH HOH A . 
C 3 HOH 76  376 101 HOH HOH A . 
C 3 HOH 77  377 123 HOH HOH A . 
C 3 HOH 78  378 5   HOH HOH A . 
C 3 HOH 79  379 7   HOH HOH A . 
C 3 HOH 80  380 8   HOH HOH A . 
C 3 HOH 81  381 9   HOH HOH A . 
C 3 HOH 82  382 10  HOH HOH A . 
C 3 HOH 83  383 11  HOH HOH A . 
C 3 HOH 84  384 12  HOH HOH A . 
C 3 HOH 85  385 15  HOH HOH A . 
C 3 HOH 86  386 18  HOH HOH A . 
C 3 HOH 87  387 20  HOH HOH A . 
C 3 HOH 88  388 21  HOH HOH A . 
C 3 HOH 89  389 24  HOH HOH A . 
C 3 HOH 90  390 25  HOH HOH A . 
C 3 HOH 91  391 26  HOH HOH A . 
C 3 HOH 92  392 27  HOH HOH A . 
C 3 HOH 93  393 30  HOH HOH A . 
C 3 HOH 94  394 33  HOH HOH A . 
C 3 HOH 95  395 34  HOH HOH A . 
C 3 HOH 96  396 35  HOH HOH A . 
C 3 HOH 97  397 47  HOH HOH A . 
C 3 HOH 98  398 49  HOH HOH A . 
C 3 HOH 99  399 50  HOH HOH A . 
C 3 HOH 100 400 51  HOH HOH A . 
C 3 HOH 101 401 52  HOH HOH A . 
C 3 HOH 102 402 53  HOH HOH A . 
C 3 HOH 103 403 54  HOH HOH A . 
C 3 HOH 104 404 60  HOH HOH A . 
C 3 HOH 105 405 62  HOH HOH A . 
C 3 HOH 106 406 63  HOH HOH A . 
C 3 HOH 107 407 64  HOH HOH A . 
C 3 HOH 108 408 65  HOH HOH A . 
C 3 HOH 109 409 66  HOH HOH A . 
C 3 HOH 110 410 68  HOH HOH A . 
C 3 HOH 111 411 75  HOH HOH A . 
C 3 HOH 112 412 76  HOH HOH A . 
C 3 HOH 113 413 77  HOH HOH A . 
C 3 HOH 114 414 78  HOH HOH A . 
C 3 HOH 115 415 80  HOH HOH A . 
C 3 HOH 116 416 81  HOH HOH A . 
C 3 HOH 117 417 82  HOH HOH A . 
C 3 HOH 118 418 83  HOH HOH A . 
C 3 HOH 119 419 89  HOH HOH A . 
C 3 HOH 120 420 91  HOH HOH A . 
C 3 HOH 121 421 92  HOH HOH A . 
C 3 HOH 122 422 93  HOH HOH A . 
C 3 HOH 123 423 94  HOH HOH A . 
C 3 HOH 124 424 95  HOH HOH A . 
C 3 HOH 125 425 96  HOH HOH A . 
C 3 HOH 126 426 103 HOH HOH A . 
C 3 HOH 127 427 104 HOH HOH A . 
C 3 HOH 128 428 105 HOH HOH A . 
C 3 HOH 129 429 106 HOH HOH A . 
C 3 HOH 130 430 107 HOH HOH A . 
C 3 HOH 131 431 109 HOH HOH A . 
C 3 HOH 132 432 110 HOH HOH A . 
C 3 HOH 133 433 111 HOH HOH A . 
C 3 HOH 134 434 114 HOH HOH A . 
C 3 HOH 135 435 115 HOH HOH A . 
C 3 HOH 136 436 116 HOH HOH A . 
C 3 HOH 137 437 120 HOH HOH A . 
C 3 HOH 138 438 121 HOH HOH A . 
C 3 HOH 139 439 124 HOH HOH A . 
C 3 HOH 140 440 125 HOH HOH A . 
C 3 HOH 141 441 126 HOH HOH A . 
C 3 HOH 142 442 127 HOH HOH A . 
C 3 HOH 143 443 128 HOH HOH A . 
C 3 HOH 144 444 131 HOH HOH A . 
C 3 HOH 145 445 132 HOH HOH A . 
C 3 HOH 146 446 133 HOH HOH A . 
C 3 HOH 147 447 134 HOH HOH A . 
C 3 HOH 148 448 135 HOH HOH A . 
C 3 HOH 149 449 136 HOH HOH A . 
C 3 HOH 150 450 137 HOH HOH A . 
C 3 HOH 151 451 138 HOH HOH A . 
C 3 HOH 152 452 139 HOH HOH A . 
C 3 HOH 153 453 140 HOH HOH A . 
C 3 HOH 154 454 147 HOH HOH A . 
C 3 HOH 155 455 149 HOH HOH A . 
C 3 HOH 156 456 151 HOH HOH A . 
C 3 HOH 157 457 156 HOH HOH A . 
C 3 HOH 158 458 157 HOH HOH A . 
# 
_pdbx_struct_assembly.id                   1 
_pdbx_struct_assembly.details              author_and_software_defined_assembly 
_pdbx_struct_assembly.method_details       PISA 
_pdbx_struct_assembly.oligomeric_details   monomeric 
_pdbx_struct_assembly.oligomeric_count     1 
# 
_pdbx_struct_assembly_gen.assembly_id       1 
_pdbx_struct_assembly_gen.oper_expression   1 
_pdbx_struct_assembly_gen.asym_id_list      A,B,C 
# 
loop_
_pdbx_struct_assembly_prop.biol_id 
_pdbx_struct_assembly_prop.type 
_pdbx_struct_assembly_prop.value 
_pdbx_struct_assembly_prop.details 
1 'ABSA (A^2)' 440  ? 
1 MORE         6    ? 
1 'SSA (A^2)'  8500 ? 
# 
_pdbx_struct_oper_list.id                   1 
_pdbx_struct_oper_list.type                 'identity operation' 
_pdbx_struct_oper_list.name                 1_555 
_pdbx_struct_oper_list.symmetry_operation   x,y,z 
_pdbx_struct_oper_list.matrix[1][1]         1.0000000000 
_pdbx_struct_oper_list.matrix[1][2]         0.0000000000 
_pdbx_struct_oper_list.matrix[1][3]         0.0000000000 
_pdbx_struct_oper_list.vector[1]            0.0000000000 
_pdbx_struct_oper_list.matrix[2][1]         0.0000000000 
_pdbx_struct_oper_list.matrix[2][2]         1.0000000000 
_pdbx_struct_oper_list.matrix[2][3]         0.0000000000 
_pdbx_struct_oper_list.vector[2]            0.0000000000 
_pdbx_struct_oper_list.matrix[3][1]         0.0000000000 
_pdbx_struct_oper_list.matrix[3][2]         0.0000000000 
_pdbx_struct_oper_list.matrix[3][3]         1.0000000000 
_pdbx_struct_oper_list.vector[3]            0.0000000000 
# 
loop_
_pdbx_audit_revision_history.ordinal 
_pdbx_audit_revision_history.data_content_type 
_pdbx_audit_revision_history.major_revision 
_pdbx_audit_revision_history.minor_revision 
_pdbx_audit_revision_history.revision_date 
1 'Structure model' 1 0 2015-04-01 
2 'Structure model' 1 1 2015-04-22 
3 'Structure model' 1 2 2015-05-06 
4 'Structure model' 1 3 2017-09-06 
5 'Structure model' 1 4 2017-11-22 
6 'Structure model' 1 5 2019-12-25 
7 'Structure model' 1 6 2023-09-27 
# 
_pdbx_audit_revision_details.ordinal             1 
_pdbx_audit_revision_details.revision_ordinal    1 
_pdbx_audit_revision_details.data_content_type   'Structure model' 
_pdbx_audit_revision_details.provider            repository 
_pdbx_audit_revision_details.type                'Initial release' 
_pdbx_audit_revision_details.description         ? 
_pdbx_audit_revision_details.details             ? 
# 
loop_
_pdbx_audit_revision_group.ordinal 
_pdbx_audit_revision_group.revision_ordinal 
_pdbx_audit_revision_group.data_content_type 
_pdbx_audit_revision_group.group 
1  2 'Structure model' 'Database references'        
2  3 'Structure model' 'Database references'        
3  4 'Structure model' 'Author supporting evidence' 
4  4 'Structure model' 'Database references'        
5  4 'Structure model' 'Derived calculations'       
6  4 'Structure model' Other                        
7  4 'Structure model' 'Source and taxonomy'        
8  5 'Structure model' 'Refinement description'     
9  6 'Structure model' 'Author supporting evidence' 
10 7 'Structure model' 'Data collection'            
11 7 'Structure model' 'Database references'        
12 7 'Structure model' 'Refinement description'     
# 
loop_
_pdbx_audit_revision_category.ordinal 
_pdbx_audit_revision_category.revision_ordinal 
_pdbx_audit_revision_category.data_content_type 
_pdbx_audit_revision_category.category 
1  4 'Structure model' citation                      
2  4 'Structure model' entity_src_gen                
3  4 'Structure model' pdbx_audit_support            
4  4 'Structure model' pdbx_database_status          
5  4 'Structure model' pdbx_struct_assembly          
6  4 'Structure model' pdbx_struct_assembly_prop     
7  4 'Structure model' pdbx_struct_oper_list         
8  5 'Structure model' software                      
9  6 'Structure model' pdbx_audit_support            
10 7 'Structure model' chem_comp_atom                
11 7 'Structure model' chem_comp_bond                
12 7 'Structure model' database_2                    
13 7 'Structure model' pdbx_initial_refinement_model 
14 7 'Structure model' refine_hist                   
# 
loop_
_pdbx_audit_revision_item.ordinal 
_pdbx_audit_revision_item.revision_ordinal 
_pdbx_audit_revision_item.data_content_type 
_pdbx_audit_revision_item.item 
1  4 'Structure model' '_citation.journal_id_CSD'                    
2  4 'Structure model' '_entity_src_gen.pdbx_alt_source_flag'        
3  4 'Structure model' '_pdbx_audit_support.funding_organization'    
4  4 'Structure model' '_pdbx_database_status.pdb_format_compatible' 
5  4 'Structure model' '_pdbx_struct_assembly.oligomeric_details'    
6  4 'Structure model' '_pdbx_struct_assembly_prop.type'             
7  4 'Structure model' '_pdbx_struct_assembly_prop.value'            
8  4 'Structure model' '_pdbx_struct_oper_list.symmetry_operation'   
9  6 'Structure model' '_pdbx_audit_support.funding_organization'    
10 7 'Structure model' '_database_2.pdbx_DOI'                        
11 7 'Structure model' '_database_2.pdbx_database_accession'         
12 7 'Structure model' '_refine_hist.number_atoms_total'             
13 7 'Structure model' '_refine_hist.pdbx_number_atoms_nucleic_acid' 
14 7 'Structure model' '_refine_hist.pdbx_number_atoms_protein'      
# 
loop_
_software.citation_id 
_software.classification 
_software.compiler_name 
_software.compiler_version 
_software.contact_author 
_software.contact_author_email 
_software.date 
_software.description 
_software.dependencies 
_software.hardware 
_software.language 
_software.location 
_software.mods 
_software.name 
_software.os 
_software.os_version 
_software.type 
_software.version 
_software.pdbx_ordinal 
? 'data scaling'    ? ? ? ? ? ? ? ? ? ? ? XSCALE      ? ? ? .                            1 
? 'data extraction' ? ? ? ? ? ? ? ? ? ? ? PDB_EXTRACT ? ? ? 3.15                         2 
? refinement        ? ? ? ? ? ? ? ? ? ? ? PHENIX      ? ? ? '(phenix.refine: 1.7.1_743)' 3 
? 'model building'  ? ? ? ? ? ? ? ? ? ? ? Coot        ? ? ? .                            4 
# 
_pdbx_validate_torsion.id              1 
_pdbx_validate_torsion.PDB_model_num   1 
_pdbx_validate_torsion.auth_comp_id    ILE 
_pdbx_validate_torsion.auth_asym_id    A 
_pdbx_validate_torsion.auth_seq_id     29 
_pdbx_validate_torsion.PDB_ins_code    ? 
_pdbx_validate_torsion.label_alt_id    ? 
_pdbx_validate_torsion.phi             -103.34 
_pdbx_validate_torsion.psi             72.32 
# 
loop_
_pdbx_unobs_or_zero_occ_atoms.id 
_pdbx_unobs_or_zero_occ_atoms.PDB_model_num 
_pdbx_unobs_or_zero_occ_atoms.polymer_flag 
_pdbx_unobs_or_zero_occ_atoms.occupancy_flag 
_pdbx_unobs_or_zero_occ_atoms.auth_asym_id 
_pdbx_unobs_or_zero_occ_atoms.auth_comp_id 
_pdbx_unobs_or_zero_occ_atoms.auth_seq_id 
_pdbx_unobs_or_zero_occ_atoms.PDB_ins_code 
_pdbx_unobs_or_zero_occ_atoms.auth_atom_id 
_pdbx_unobs_or_zero_occ_atoms.label_alt_id 
_pdbx_unobs_or_zero_occ_atoms.label_asym_id 
_pdbx_unobs_or_zero_occ_atoms.label_comp_id 
_pdbx_unobs_or_zero_occ_atoms.label_seq_id 
_pdbx_unobs_or_zero_occ_atoms.label_atom_id 
1  1 Y 1 A LYS 60  ? NZ  ? A LYS 60  NZ  
2  1 Y 1 A ARG 80  ? CG  ? A ARG 80  CG  
3  1 Y 1 A ARG 80  ? CD  ? A ARG 80  CD  
4  1 Y 1 A ARG 80  ? NE  ? A ARG 80  NE  
5  1 Y 1 A ARG 80  ? CZ  ? A ARG 80  CZ  
6  1 Y 1 A ARG 80  ? NH1 ? A ARG 80  NH1 
7  1 Y 1 A ARG 80  ? NH2 ? A ARG 80  NH2 
8  1 Y 1 A LYS 83  ? CE  ? A LYS 83  CE  
9  1 Y 1 A LYS 83  ? NZ  ? A LYS 83  NZ  
10 1 Y 1 A ARG 119 ? CZ  ? A ARG 119 CZ  
11 1 Y 1 A ARG 119 ? NH1 ? A ARG 119 NH1 
12 1 Y 1 A ARG 119 ? NH2 ? A ARG 119 NH2 
13 1 Y 1 A GLN 122 ? OE1 ? A GLN 122 OE1 
14 1 Y 1 A GLN 122 ? NE2 ? A GLN 122 NE2 
15 1 Y 1 A ARG 125 ? CZ  ? A ARG 125 CZ  
16 1 Y 1 A ARG 125 ? NH1 ? A ARG 125 NH1 
17 1 Y 1 A ARG 125 ? NH2 ? A ARG 125 NH2 
18 1 Y 1 A LYS 147 ? NZ  ? A LYS 147 NZ  
19 1 Y 1 A LYS 162 ? CD  ? A LYS 162 CD  
20 1 Y 1 A LYS 162 ? CE  ? A LYS 162 CE  
21 1 Y 1 A LYS 162 ? NZ  ? A LYS 162 NZ  
22 1 Y 1 A ASN 163 ? CG  ? A ASN 163 CG  
23 1 Y 1 A ASN 163 ? OD1 ? A ASN 163 OD1 
24 1 Y 1 A ASN 163 ? ND2 ? A ASN 163 ND2 
# 
loop_
_pdbx_unobs_or_zero_occ_residues.id 
_pdbx_unobs_or_zero_occ_residues.PDB_model_num 
_pdbx_unobs_or_zero_occ_residues.polymer_flag 
_pdbx_unobs_or_zero_occ_residues.occupancy_flag 
_pdbx_unobs_or_zero_occ_residues.auth_asym_id 
_pdbx_unobs_or_zero_occ_residues.auth_comp_id 
_pdbx_unobs_or_zero_occ_residues.auth_seq_id 
_pdbx_unobs_or_zero_occ_residues.PDB_ins_code 
_pdbx_unobs_or_zero_occ_residues.label_asym_id 
_pdbx_unobs_or_zero_occ_residues.label_comp_id 
_pdbx_unobs_or_zero_occ_residues.label_seq_id 
1 1 Y 1 A LEU 165 ? A LEU 165 
2 1 Y 1 A GLU 166 ? A GLU 166 
3 1 Y 1 A HIS 167 ? A HIS 167 
4 1 Y 1 A HIS 168 ? A HIS 168 
5 1 Y 1 A HIS 169 ? A HIS 169 
6 1 Y 1 A HIS 170 ? A HIS 170 
7 1 Y 1 A HIS 171 ? A HIS 171 
8 1 Y 1 A HIS 172 ? A HIS 172 
# 
loop_
_chem_comp_atom.comp_id 
_chem_comp_atom.atom_id 
_chem_comp_atom.type_symbol 
_chem_comp_atom.pdbx_aromatic_flag 
_chem_comp_atom.pdbx_stereo_config 
_chem_comp_atom.pdbx_ordinal 
ALA N    N N N 1   
ALA CA   C N S 2   
ALA C    C N N 3   
ALA O    O N N 4   
ALA CB   C N N 5   
ALA OXT  O N N 6   
ALA H    H N N 7   
ALA H2   H N N 8   
ALA HA   H N N 9   
ALA HB1  H N N 10  
ALA HB2  H N N 11  
ALA HB3  H N N 12  
ALA HXT  H N N 13  
ARG N    N N N 14  
ARG CA   C N S 15  
ARG C    C N N 16  
ARG O    O N N 17  
ARG CB   C N N 18  
ARG CG   C N N 19  
ARG CD   C N N 20  
ARG NE   N N N 21  
ARG CZ   C N N 22  
ARG NH1  N N N 23  
ARG NH2  N N N 24  
ARG OXT  O N N 25  
ARG H    H N N 26  
ARG H2   H N N 27  
ARG HA   H N N 28  
ARG HB2  H N N 29  
ARG HB3  H N N 30  
ARG HG2  H N N 31  
ARG HG3  H N N 32  
ARG HD2  H N N 33  
ARG HD3  H N N 34  
ARG HE   H N N 35  
ARG HH11 H N N 36  
ARG HH12 H N N 37  
ARG HH21 H N N 38  
ARG HH22 H N N 39  
ARG HXT  H N N 40  
ASN N    N N N 41  
ASN CA   C N S 42  
ASN C    C N N 43  
ASN O    O N N 44  
ASN CB   C N N 45  
ASN CG   C N N 46  
ASN OD1  O N N 47  
ASN ND2  N N N 48  
ASN OXT  O N N 49  
ASN H    H N N 50  
ASN H2   H N N 51  
ASN HA   H N N 52  
ASN HB2  H N N 53  
ASN HB3  H N N 54  
ASN HD21 H N N 55  
ASN HD22 H N N 56  
ASN HXT  H N N 57  
ASP N    N N N 58  
ASP CA   C N S 59  
ASP C    C N N 60  
ASP O    O N N 61  
ASP CB   C N N 62  
ASP CG   C N N 63  
ASP OD1  O N N 64  
ASP OD2  O N N 65  
ASP OXT  O N N 66  
ASP H    H N N 67  
ASP H2   H N N 68  
ASP HA   H N N 69  
ASP HB2  H N N 70  
ASP HB3  H N N 71  
ASP HD2  H N N 72  
ASP HXT  H N N 73  
CYS N    N N N 74  
CYS CA   C N R 75  
CYS C    C N N 76  
CYS O    O N N 77  
CYS CB   C N N 78  
CYS SG   S N N 79  
CYS OXT  O N N 80  
CYS H    H N N 81  
CYS H2   H N N 82  
CYS HA   H N N 83  
CYS HB2  H N N 84  
CYS HB3  H N N 85  
CYS HG   H N N 86  
CYS HXT  H N N 87  
EPE N1   N N N 88  
EPE C2   C N N 89  
EPE C3   C N N 90  
EPE N4   N N N 91  
EPE C5   C N N 92  
EPE C6   C N N 93  
EPE C7   C N N 94  
EPE C8   C N N 95  
EPE O8   O N N 96  
EPE C9   C N N 97  
EPE C10  C N N 98  
EPE S    S N N 99  
EPE O1S  O N N 100 
EPE O2S  O N N 101 
EPE O3S  O N N 102 
EPE H21  H N N 103 
EPE H22  H N N 104 
EPE H31  H N N 105 
EPE H32  H N N 106 
EPE H51  H N N 107 
EPE H52  H N N 108 
EPE H61  H N N 109 
EPE H62  H N N 110 
EPE H71  H N N 111 
EPE H72  H N N 112 
EPE H81  H N N 113 
EPE H82  H N N 114 
EPE HO8  H N N 115 
EPE H91  H N N 116 
EPE H92  H N N 117 
EPE H101 H N N 118 
EPE H102 H N N 119 
EPE HOS3 H N N 120 
GLN N    N N N 121 
GLN CA   C N S 122 
GLN C    C N N 123 
GLN O    O N N 124 
GLN CB   C N N 125 
GLN CG   C N N 126 
GLN CD   C N N 127 
GLN OE1  O N N 128 
GLN NE2  N N N 129 
GLN OXT  O N N 130 
GLN H    H N N 131 
GLN H2   H N N 132 
GLN HA   H N N 133 
GLN HB2  H N N 134 
GLN HB3  H N N 135 
GLN HG2  H N N 136 
GLN HG3  H N N 137 
GLN HE21 H N N 138 
GLN HE22 H N N 139 
GLN HXT  H N N 140 
GLU N    N N N 141 
GLU CA   C N S 142 
GLU C    C N N 143 
GLU O    O N N 144 
GLU CB   C N N 145 
GLU CG   C N N 146 
GLU CD   C N N 147 
GLU OE1  O N N 148 
GLU OE2  O N N 149 
GLU OXT  O N N 150 
GLU H    H N N 151 
GLU H2   H N N 152 
GLU HA   H N N 153 
GLU HB2  H N N 154 
GLU HB3  H N N 155 
GLU HG2  H N N 156 
GLU HG3  H N N 157 
GLU HE2  H N N 158 
GLU HXT  H N N 159 
GLY N    N N N 160 
GLY CA   C N N 161 
GLY C    C N N 162 
GLY O    O N N 163 
GLY OXT  O N N 164 
GLY H    H N N 165 
GLY H2   H N N 166 
GLY HA2  H N N 167 
GLY HA3  H N N 168 
GLY HXT  H N N 169 
HIS N    N N N 170 
HIS CA   C N S 171 
HIS C    C N N 172 
HIS O    O N N 173 
HIS CB   C N N 174 
HIS CG   C Y N 175 
HIS ND1  N Y N 176 
HIS CD2  C Y N 177 
HIS CE1  C Y N 178 
HIS NE2  N Y N 179 
HIS OXT  O N N 180 
HIS H    H N N 181 
HIS H2   H N N 182 
HIS HA   H N N 183 
HIS HB2  H N N 184 
HIS HB3  H N N 185 
HIS HD1  H N N 186 
HIS HD2  H N N 187 
HIS HE1  H N N 188 
HIS HE2  H N N 189 
HIS HXT  H N N 190 
HOH O    O N N 191 
HOH H1   H N N 192 
HOH H2   H N N 193 
ILE N    N N N 194 
ILE CA   C N S 195 
ILE C    C N N 196 
ILE O    O N N 197 
ILE CB   C N S 198 
ILE CG1  C N N 199 
ILE CG2  C N N 200 
ILE CD1  C N N 201 
ILE OXT  O N N 202 
ILE H    H N N 203 
ILE H2   H N N 204 
ILE HA   H N N 205 
ILE HB   H N N 206 
ILE HG12 H N N 207 
ILE HG13 H N N 208 
ILE HG21 H N N 209 
ILE HG22 H N N 210 
ILE HG23 H N N 211 
ILE HD11 H N N 212 
ILE HD12 H N N 213 
ILE HD13 H N N 214 
ILE HXT  H N N 215 
LEU N    N N N 216 
LEU CA   C N S 217 
LEU C    C N N 218 
LEU O    O N N 219 
LEU CB   C N N 220 
LEU CG   C N N 221 
LEU CD1  C N N 222 
LEU CD2  C N N 223 
LEU OXT  O N N 224 
LEU H    H N N 225 
LEU H2   H N N 226 
LEU HA   H N N 227 
LEU HB2  H N N 228 
LEU HB3  H N N 229 
LEU HG   H N N 230 
LEU HD11 H N N 231 
LEU HD12 H N N 232 
LEU HD13 H N N 233 
LEU HD21 H N N 234 
LEU HD22 H N N 235 
LEU HD23 H N N 236 
LEU HXT  H N N 237 
LYS N    N N N 238 
LYS CA   C N S 239 
LYS C    C N N 240 
LYS O    O N N 241 
LYS CB   C N N 242 
LYS CG   C N N 243 
LYS CD   C N N 244 
LYS CE   C N N 245 
LYS NZ   N N N 246 
LYS OXT  O N N 247 
LYS H    H N N 248 
LYS H2   H N N 249 
LYS HA   H N N 250 
LYS HB2  H N N 251 
LYS HB3  H N N 252 
LYS HG2  H N N 253 
LYS HG3  H N N 254 
LYS HD2  H N N 255 
LYS HD3  H N N 256 
LYS HE2  H N N 257 
LYS HE3  H N N 258 
LYS HZ1  H N N 259 
LYS HZ2  H N N 260 
LYS HZ3  H N N 261 
LYS HXT  H N N 262 
MET N    N N N 263 
MET CA   C N S 264 
MET C    C N N 265 
MET O    O N N 266 
MET CB   C N N 267 
MET CG   C N N 268 
MET SD   S N N 269 
MET CE   C N N 270 
MET OXT  O N N 271 
MET H    H N N 272 
MET H2   H N N 273 
MET HA   H N N 274 
MET HB2  H N N 275 
MET HB3  H N N 276 
MET HG2  H N N 277 
MET HG3  H N N 278 
MET HE1  H N N 279 
MET HE2  H N N 280 
MET HE3  H N N 281 
MET HXT  H N N 282 
PHE N    N N N 283 
PHE CA   C N S 284 
PHE C    C N N 285 
PHE O    O N N 286 
PHE CB   C N N 287 
PHE CG   C Y N 288 
PHE CD1  C Y N 289 
PHE CD2  C Y N 290 
PHE CE1  C Y N 291 
PHE CE2  C Y N 292 
PHE CZ   C Y N 293 
PHE OXT  O N N 294 
PHE H    H N N 295 
PHE H2   H N N 296 
PHE HA   H N N 297 
PHE HB2  H N N 298 
PHE HB3  H N N 299 
PHE HD1  H N N 300 
PHE HD2  H N N 301 
PHE HE1  H N N 302 
PHE HE2  H N N 303 
PHE HZ   H N N 304 
PHE HXT  H N N 305 
PRO N    N N N 306 
PRO CA   C N S 307 
PRO C    C N N 308 
PRO O    O N N 309 
PRO CB   C N N 310 
PRO CG   C N N 311 
PRO CD   C N N 312 
PRO OXT  O N N 313 
PRO H    H N N 314 
PRO HA   H N N 315 
PRO HB2  H N N 316 
PRO HB3  H N N 317 
PRO HG2  H N N 318 
PRO HG3  H N N 319 
PRO HD2  H N N 320 
PRO HD3  H N N 321 
PRO HXT  H N N 322 
SER N    N N N 323 
SER CA   C N S 324 
SER C    C N N 325 
SER O    O N N 326 
SER CB   C N N 327 
SER OG   O N N 328 
SER OXT  O N N 329 
SER H    H N N 330 
SER H2   H N N 331 
SER HA   H N N 332 
SER HB2  H N N 333 
SER HB3  H N N 334 
SER HG   H N N 335 
SER HXT  H N N 336 
THR N    N N N 337 
THR CA   C N S 338 
THR C    C N N 339 
THR O    O N N 340 
THR CB   C N R 341 
THR OG1  O N N 342 
THR CG2  C N N 343 
THR OXT  O N N 344 
THR H    H N N 345 
THR H2   H N N 346 
THR HA   H N N 347 
THR HB   H N N 348 
THR HG1  H N N 349 
THR HG21 H N N 350 
THR HG22 H N N 351 
THR HG23 H N N 352 
THR HXT  H N N 353 
TRP N    N N N 354 
TRP CA   C N S 355 
TRP C    C N N 356 
TRP O    O N N 357 
TRP CB   C N N 358 
TRP CG   C Y N 359 
TRP CD1  C Y N 360 
TRP CD2  C Y N 361 
TRP NE1  N Y N 362 
TRP CE2  C Y N 363 
TRP CE3  C Y N 364 
TRP CZ2  C Y N 365 
TRP CZ3  C Y N 366 
TRP CH2  C Y N 367 
TRP OXT  O N N 368 
TRP H    H N N 369 
TRP H2   H N N 370 
TRP HA   H N N 371 
TRP HB2  H N N 372 
TRP HB3  H N N 373 
TRP HD1  H N N 374 
TRP HE1  H N N 375 
TRP HE3  H N N 376 
TRP HZ2  H N N 377 
TRP HZ3  H N N 378 
TRP HH2  H N N 379 
TRP HXT  H N N 380 
TYR N    N N N 381 
TYR CA   C N S 382 
TYR C    C N N 383 
TYR O    O N N 384 
TYR CB   C N N 385 
TYR CG   C Y N 386 
TYR CD1  C Y N 387 
TYR CD2  C Y N 388 
TYR CE1  C Y N 389 
TYR CE2  C Y N 390 
TYR CZ   C Y N 391 
TYR OH   O N N 392 
TYR OXT  O N N 393 
TYR H    H N N 394 
TYR H2   H N N 395 
TYR HA   H N N 396 
TYR HB2  H N N 397 
TYR HB3  H N N 398 
TYR HD1  H N N 399 
TYR HD2  H N N 400 
TYR HE1  H N N 401 
TYR HE2  H N N 402 
TYR HH   H N N 403 
TYR HXT  H N N 404 
VAL N    N N N 405 
VAL CA   C N S 406 
VAL C    C N N 407 
VAL O    O N N 408 
VAL CB   C N N 409 
VAL CG1  C N N 410 
VAL CG2  C N N 411 
VAL OXT  O N N 412 
VAL H    H N N 413 
VAL H2   H N N 414 
VAL HA   H N N 415 
VAL HB   H N N 416 
VAL HG11 H N N 417 
VAL HG12 H N N 418 
VAL HG13 H N N 419 
VAL HG21 H N N 420 
VAL HG22 H N N 421 
VAL HG23 H N N 422 
VAL HXT  H N N 423 
# 
loop_
_chem_comp_bond.comp_id 
_chem_comp_bond.atom_id_1 
_chem_comp_bond.atom_id_2 
_chem_comp_bond.value_order 
_chem_comp_bond.pdbx_aromatic_flag 
_chem_comp_bond.pdbx_stereo_config 
_chem_comp_bond.pdbx_ordinal 
ALA N   CA   sing N N 1   
ALA N   H    sing N N 2   
ALA N   H2   sing N N 3   
ALA CA  C    sing N N 4   
ALA CA  CB   sing N N 5   
ALA CA  HA   sing N N 6   
ALA C   O    doub N N 7   
ALA C   OXT  sing N N 8   
ALA CB  HB1  sing N N 9   
ALA CB  HB2  sing N N 10  
ALA CB  HB3  sing N N 11  
ALA OXT HXT  sing N N 12  
ARG N   CA   sing N N 13  
ARG N   H    sing N N 14  
ARG N   H2   sing N N 15  
ARG CA  C    sing N N 16  
ARG CA  CB   sing N N 17  
ARG CA  HA   sing N N 18  
ARG C   O    doub N N 19  
ARG C   OXT  sing N N 20  
ARG CB  CG   sing N N 21  
ARG CB  HB2  sing N N 22  
ARG CB  HB3  sing N N 23  
ARG CG  CD   sing N N 24  
ARG CG  HG2  sing N N 25  
ARG CG  HG3  sing N N 26  
ARG CD  NE   sing N N 27  
ARG CD  HD2  sing N N 28  
ARG CD  HD3  sing N N 29  
ARG NE  CZ   sing N N 30  
ARG NE  HE   sing N N 31  
ARG CZ  NH1  sing N N 32  
ARG CZ  NH2  doub N N 33  
ARG NH1 HH11 sing N N 34  
ARG NH1 HH12 sing N N 35  
ARG NH2 HH21 sing N N 36  
ARG NH2 HH22 sing N N 37  
ARG OXT HXT  sing N N 38  
ASN N   CA   sing N N 39  
ASN N   H    sing N N 40  
ASN N   H2   sing N N 41  
ASN CA  C    sing N N 42  
ASN CA  CB   sing N N 43  
ASN CA  HA   sing N N 44  
ASN C   O    doub N N 45  
ASN C   OXT  sing N N 46  
ASN CB  CG   sing N N 47  
ASN CB  HB2  sing N N 48  
ASN CB  HB3  sing N N 49  
ASN CG  OD1  doub N N 50  
ASN CG  ND2  sing N N 51  
ASN ND2 HD21 sing N N 52  
ASN ND2 HD22 sing N N 53  
ASN OXT HXT  sing N N 54  
ASP N   CA   sing N N 55  
ASP N   H    sing N N 56  
ASP N   H2   sing N N 57  
ASP CA  C    sing N N 58  
ASP CA  CB   sing N N 59  
ASP CA  HA   sing N N 60  
ASP C   O    doub N N 61  
ASP C   OXT  sing N N 62  
ASP CB  CG   sing N N 63  
ASP CB  HB2  sing N N 64  
ASP CB  HB3  sing N N 65  
ASP CG  OD1  doub N N 66  
ASP CG  OD2  sing N N 67  
ASP OD2 HD2  sing N N 68  
ASP OXT HXT  sing N N 69  
CYS N   CA   sing N N 70  
CYS N   H    sing N N 71  
CYS N   H2   sing N N 72  
CYS CA  C    sing N N 73  
CYS CA  CB   sing N N 74  
CYS CA  HA   sing N N 75  
CYS C   O    doub N N 76  
CYS C   OXT  sing N N 77  
CYS CB  SG   sing N N 78  
CYS CB  HB2  sing N N 79  
CYS CB  HB3  sing N N 80  
CYS SG  HG   sing N N 81  
CYS OXT HXT  sing N N 82  
EPE N1  C2   sing N N 83  
EPE N1  C6   sing N N 84  
EPE N1  C9   sing N N 85  
EPE C2  C3   sing N N 86  
EPE C2  H21  sing N N 87  
EPE C2  H22  sing N N 88  
EPE C3  N4   sing N N 89  
EPE C3  H31  sing N N 90  
EPE C3  H32  sing N N 91  
EPE N4  C5   sing N N 92  
EPE N4  C7   sing N N 93  
EPE C5  C6   sing N N 94  
EPE C5  H51  sing N N 95  
EPE C5  H52  sing N N 96  
EPE C6  H61  sing N N 97  
EPE C6  H62  sing N N 98  
EPE C7  C8   sing N N 99  
EPE C7  H71  sing N N 100 
EPE C7  H72  sing N N 101 
EPE C8  O8   sing N N 102 
EPE C8  H81  sing N N 103 
EPE C8  H82  sing N N 104 
EPE O8  HO8  sing N N 105 
EPE C9  C10  sing N N 106 
EPE C9  H91  sing N N 107 
EPE C9  H92  sing N N 108 
EPE C10 S    sing N N 109 
EPE C10 H101 sing N N 110 
EPE C10 H102 sing N N 111 
EPE S   O1S  doub N N 112 
EPE S   O2S  doub N N 113 
EPE S   O3S  sing N N 114 
EPE O3S HOS3 sing N N 115 
GLN N   CA   sing N N 116 
GLN N   H    sing N N 117 
GLN N   H2   sing N N 118 
GLN CA  C    sing N N 119 
GLN CA  CB   sing N N 120 
GLN CA  HA   sing N N 121 
GLN C   O    doub N N 122 
GLN C   OXT  sing N N 123 
GLN CB  CG   sing N N 124 
GLN CB  HB2  sing N N 125 
GLN CB  HB3  sing N N 126 
GLN CG  CD   sing N N 127 
GLN CG  HG2  sing N N 128 
GLN CG  HG3  sing N N 129 
GLN CD  OE1  doub N N 130 
GLN CD  NE2  sing N N 131 
GLN NE2 HE21 sing N N 132 
GLN NE2 HE22 sing N N 133 
GLN OXT HXT  sing N N 134 
GLU N   CA   sing N N 135 
GLU N   H    sing N N 136 
GLU N   H2   sing N N 137 
GLU CA  C    sing N N 138 
GLU CA  CB   sing N N 139 
GLU CA  HA   sing N N 140 
GLU C   O    doub N N 141 
GLU C   OXT  sing N N 142 
GLU CB  CG   sing N N 143 
GLU CB  HB2  sing N N 144 
GLU CB  HB3  sing N N 145 
GLU CG  CD   sing N N 146 
GLU CG  HG2  sing N N 147 
GLU CG  HG3  sing N N 148 
GLU CD  OE1  doub N N 149 
GLU CD  OE2  sing N N 150 
GLU OE2 HE2  sing N N 151 
GLU OXT HXT  sing N N 152 
GLY N   CA   sing N N 153 
GLY N   H    sing N N 154 
GLY N   H2   sing N N 155 
GLY CA  C    sing N N 156 
GLY CA  HA2  sing N N 157 
GLY CA  HA3  sing N N 158 
GLY C   O    doub N N 159 
GLY C   OXT  sing N N 160 
GLY OXT HXT  sing N N 161 
HIS N   CA   sing N N 162 
HIS N   H    sing N N 163 
HIS N   H2   sing N N 164 
HIS CA  C    sing N N 165 
HIS CA  CB   sing N N 166 
HIS CA  HA   sing N N 167 
HIS C   O    doub N N 168 
HIS C   OXT  sing N N 169 
HIS CB  CG   sing N N 170 
HIS CB  HB2  sing N N 171 
HIS CB  HB3  sing N N 172 
HIS CG  ND1  sing Y N 173 
HIS CG  CD2  doub Y N 174 
HIS ND1 CE1  doub Y N 175 
HIS ND1 HD1  sing N N 176 
HIS CD2 NE2  sing Y N 177 
HIS CD2 HD2  sing N N 178 
HIS CE1 NE2  sing Y N 179 
HIS CE1 HE1  sing N N 180 
HIS NE2 HE2  sing N N 181 
HIS OXT HXT  sing N N 182 
HOH O   H1   sing N N 183 
HOH O   H2   sing N N 184 
ILE N   CA   sing N N 185 
ILE N   H    sing N N 186 
ILE N   H2   sing N N 187 
ILE CA  C    sing N N 188 
ILE CA  CB   sing N N 189 
ILE CA  HA   sing N N 190 
ILE C   O    doub N N 191 
ILE C   OXT  sing N N 192 
ILE CB  CG1  sing N N 193 
ILE CB  CG2  sing N N 194 
ILE CB  HB   sing N N 195 
ILE CG1 CD1  sing N N 196 
ILE CG1 HG12 sing N N 197 
ILE CG1 HG13 sing N N 198 
ILE CG2 HG21 sing N N 199 
ILE CG2 HG22 sing N N 200 
ILE CG2 HG23 sing N N 201 
ILE CD1 HD11 sing N N 202 
ILE CD1 HD12 sing N N 203 
ILE CD1 HD13 sing N N 204 
ILE OXT HXT  sing N N 205 
LEU N   CA   sing N N 206 
LEU N   H    sing N N 207 
LEU N   H2   sing N N 208 
LEU CA  C    sing N N 209 
LEU CA  CB   sing N N 210 
LEU CA  HA   sing N N 211 
LEU C   O    doub N N 212 
LEU C   OXT  sing N N 213 
LEU CB  CG   sing N N 214 
LEU CB  HB2  sing N N 215 
LEU CB  HB3  sing N N 216 
LEU CG  CD1  sing N N 217 
LEU CG  CD2  sing N N 218 
LEU CG  HG   sing N N 219 
LEU CD1 HD11 sing N N 220 
LEU CD1 HD12 sing N N 221 
LEU CD1 HD13 sing N N 222 
LEU CD2 HD21 sing N N 223 
LEU CD2 HD22 sing N N 224 
LEU CD2 HD23 sing N N 225 
LEU OXT HXT  sing N N 226 
LYS N   CA   sing N N 227 
LYS N   H    sing N N 228 
LYS N   H2   sing N N 229 
LYS CA  C    sing N N 230 
LYS CA  CB   sing N N 231 
LYS CA  HA   sing N N 232 
LYS C   O    doub N N 233 
LYS C   OXT  sing N N 234 
LYS CB  CG   sing N N 235 
LYS CB  HB2  sing N N 236 
LYS CB  HB3  sing N N 237 
LYS CG  CD   sing N N 238 
LYS CG  HG2  sing N N 239 
LYS CG  HG3  sing N N 240 
LYS CD  CE   sing N N 241 
LYS CD  HD2  sing N N 242 
LYS CD  HD3  sing N N 243 
LYS CE  NZ   sing N N 244 
LYS CE  HE2  sing N N 245 
LYS CE  HE3  sing N N 246 
LYS NZ  HZ1  sing N N 247 
LYS NZ  HZ2  sing N N 248 
LYS NZ  HZ3  sing N N 249 
LYS OXT HXT  sing N N 250 
MET N   CA   sing N N 251 
MET N   H    sing N N 252 
MET N   H2   sing N N 253 
MET CA  C    sing N N 254 
MET CA  CB   sing N N 255 
MET CA  HA   sing N N 256 
MET C   O    doub N N 257 
MET C   OXT  sing N N 258 
MET CB  CG   sing N N 259 
MET CB  HB2  sing N N 260 
MET CB  HB3  sing N N 261 
MET CG  SD   sing N N 262 
MET CG  HG2  sing N N 263 
MET CG  HG3  sing N N 264 
MET SD  CE   sing N N 265 
MET CE  HE1  sing N N 266 
MET CE  HE2  sing N N 267 
MET CE  HE3  sing N N 268 
MET OXT HXT  sing N N 269 
PHE N   CA   sing N N 270 
PHE N   H    sing N N 271 
PHE N   H2   sing N N 272 
PHE CA  C    sing N N 273 
PHE CA  CB   sing N N 274 
PHE CA  HA   sing N N 275 
PHE C   O    doub N N 276 
PHE C   OXT  sing N N 277 
PHE CB  CG   sing N N 278 
PHE CB  HB2  sing N N 279 
PHE CB  HB3  sing N N 280 
PHE CG  CD1  doub Y N 281 
PHE CG  CD2  sing Y N 282 
PHE CD1 CE1  sing Y N 283 
PHE CD1 HD1  sing N N 284 
PHE CD2 CE2  doub Y N 285 
PHE CD2 HD2  sing N N 286 
PHE CE1 CZ   doub Y N 287 
PHE CE1 HE1  sing N N 288 
PHE CE2 CZ   sing Y N 289 
PHE CE2 HE2  sing N N 290 
PHE CZ  HZ   sing N N 291 
PHE OXT HXT  sing N N 292 
PRO N   CA   sing N N 293 
PRO N   CD   sing N N 294 
PRO N   H    sing N N 295 
PRO CA  C    sing N N 296 
PRO CA  CB   sing N N 297 
PRO CA  HA   sing N N 298 
PRO C   O    doub N N 299 
PRO C   OXT  sing N N 300 
PRO CB  CG   sing N N 301 
PRO CB  HB2  sing N N 302 
PRO CB  HB3  sing N N 303 
PRO CG  CD   sing N N 304 
PRO CG  HG2  sing N N 305 
PRO CG  HG3  sing N N 306 
PRO CD  HD2  sing N N 307 
PRO CD  HD3  sing N N 308 
PRO OXT HXT  sing N N 309 
SER N   CA   sing N N 310 
SER N   H    sing N N 311 
SER N   H2   sing N N 312 
SER CA  C    sing N N 313 
SER CA  CB   sing N N 314 
SER CA  HA   sing N N 315 
SER C   O    doub N N 316 
SER C   OXT  sing N N 317 
SER CB  OG   sing N N 318 
SER CB  HB2  sing N N 319 
SER CB  HB3  sing N N 320 
SER OG  HG   sing N N 321 
SER OXT HXT  sing N N 322 
THR N   CA   sing N N 323 
THR N   H    sing N N 324 
THR N   H2   sing N N 325 
THR CA  C    sing N N 326 
THR CA  CB   sing N N 327 
THR CA  HA   sing N N 328 
THR C   O    doub N N 329 
THR C   OXT  sing N N 330 
THR CB  OG1  sing N N 331 
THR CB  CG2  sing N N 332 
THR CB  HB   sing N N 333 
THR OG1 HG1  sing N N 334 
THR CG2 HG21 sing N N 335 
THR CG2 HG22 sing N N 336 
THR CG2 HG23 sing N N 337 
THR OXT HXT  sing N N 338 
TRP N   CA   sing N N 339 
TRP N   H    sing N N 340 
TRP N   H2   sing N N 341 
TRP CA  C    sing N N 342 
TRP CA  CB   sing N N 343 
TRP CA  HA   sing N N 344 
TRP C   O    doub N N 345 
TRP C   OXT  sing N N 346 
TRP CB  CG   sing N N 347 
TRP CB  HB2  sing N N 348 
TRP CB  HB3  sing N N 349 
TRP CG  CD1  doub Y N 350 
TRP CG  CD2  sing Y N 351 
TRP CD1 NE1  sing Y N 352 
TRP CD1 HD1  sing N N 353 
TRP CD2 CE2  doub Y N 354 
TRP CD2 CE3  sing Y N 355 
TRP NE1 CE2  sing Y N 356 
TRP NE1 HE1  sing N N 357 
TRP CE2 CZ2  sing Y N 358 
TRP CE3 CZ3  doub Y N 359 
TRP CE3 HE3  sing N N 360 
TRP CZ2 CH2  doub Y N 361 
TRP CZ2 HZ2  sing N N 362 
TRP CZ3 CH2  sing Y N 363 
TRP CZ3 HZ3  sing N N 364 
TRP CH2 HH2  sing N N 365 
TRP OXT HXT  sing N N 366 
TYR N   CA   sing N N 367 
TYR N   H    sing N N 368 
TYR N   H2   sing N N 369 
TYR CA  C    sing N N 370 
TYR CA  CB   sing N N 371 
TYR CA  HA   sing N N 372 
TYR C   O    doub N N 373 
TYR C   OXT  sing N N 374 
TYR CB  CG   sing N N 375 
TYR CB  HB2  sing N N 376 
TYR CB  HB3  sing N N 377 
TYR CG  CD1  doub Y N 378 
TYR CG  CD2  sing Y N 379 
TYR CD1 CE1  sing Y N 380 
TYR CD1 HD1  sing N N 381 
TYR CD2 CE2  doub Y N 382 
TYR CD2 HD2  sing N N 383 
TYR CE1 CZ   doub Y N 384 
TYR CE1 HE1  sing N N 385 
TYR CE2 CZ   sing Y N 386 
TYR CE2 HE2  sing N N 387 
TYR CZ  OH   sing N N 388 
TYR OH  HH   sing N N 389 
TYR OXT HXT  sing N N 390 
VAL N   CA   sing N N 391 
VAL N   H    sing N N 392 
VAL N   H2   sing N N 393 
VAL CA  C    sing N N 394 
VAL CA  CB   sing N N 395 
VAL CA  HA   sing N N 396 
VAL C   O    doub N N 397 
VAL C   OXT  sing N N 398 
VAL CB  CG1  sing N N 399 
VAL CB  CG2  sing N N 400 
VAL CB  HB   sing N N 401 
VAL CG1 HG11 sing N N 402 
VAL CG1 HG12 sing N N 403 
VAL CG1 HG13 sing N N 404 
VAL CG2 HG21 sing N N 405 
VAL CG2 HG22 sing N N 406 
VAL CG2 HG23 sing N N 407 
VAL OXT HXT  sing N N 408 
# 
_pdbx_audit_support.funding_organization   
'National Institutes of Health/National Institute of General Medical Sciences (NIH/NIGMS)' 
_pdbx_audit_support.country                'United States' 
_pdbx_audit_support.grant_number           GM59957 
_pdbx_audit_support.ordinal                1 
# 
loop_
_pdbx_entity_nonpoly.entity_id 
_pdbx_entity_nonpoly.name 
_pdbx_entity_nonpoly.comp_id 
2 '4-(2-HYDROXYETHYL)-1-PIPERAZINE ETHANESULFONIC ACID' EPE 
3 water                                                 HOH 
# 
_pdbx_initial_refinement_model.id               1 
_pdbx_initial_refinement_model.entity_id_list   ? 
_pdbx_initial_refinement_model.type             'experimental model' 
_pdbx_initial_refinement_model.source_name      PDB 
_pdbx_initial_refinement_model.accession_code   181L 
_pdbx_initial_refinement_model.details          ? 
# 
